data_4OAH
#
_entry.id   4OAH
#
_cell.length_a   82.434
_cell.length_b   79.151
_cell.length_c   103.449
_cell.angle_alpha   90.00
_cell.angle_beta   98.04
_cell.angle_gamma   90.00
#
_symmetry.space_group_name_H-M   'P 1 21 1'
#
loop_
_entity.id
_entity.type
_entity.pdbx_description
1 polymer 'Mitochondrial dynamic protein MID51'
2 non-polymer 'SULFATE ION'
3 water water
#
_entity_poly.entity_id   1
_entity_poly.type   'polypeptide(L)'
_entity_poly.pdbx_seq_one_letter_code
;GPLGSSLQEKLLSYYRNRAAIPAGEQARAKQAAVDICAELRSFLRAKLPDMPLRDMYLSGSLYDDLQVVTADAIQLIVPL
VLEQNLWSCIPGEDTIMNVPGFFLVRRENPEYFPRGSSYWDRCVVGGYLSPKTVADTFEKVVAGSINWPAIGSLLDYVIR
PAPPPEALTLEVQYEKDKHLVIDFLPSVTLGDTVLVARPHRLAQYDNLWRLSLRPAETARLRALDQADSGCRSLCLKILK
AICKSTPALGHLTASQLTNVILHLAQEEADWSPDMLADRFLQALRGLISYLEAGVLPSALNPKVNLFAELTPQEIDELGY
TLYCSLSEPEVLLQT
;
_entity_poly.pdbx_strand_id   A,B,C,D
#
loop_
_chem_comp.id
_chem_comp.type
_chem_comp.name
_chem_comp.formula
SO4 non-polymer 'SULFATE ION' 'O4 S -2'
#
# COMPACT_ATOMS: atom_id res chain seq x y z
N SER A 6 18.17 17.83 25.58
CA SER A 6 17.92 16.40 25.49
C SER A 6 16.95 16.09 24.34
N LEU A 7 15.82 16.79 24.25
CA LEU A 7 15.00 16.65 23.03
C LEU A 7 15.90 17.09 21.89
N GLN A 8 16.66 18.16 22.11
CA GLN A 8 17.58 18.67 21.08
C GLN A 8 18.54 17.55 20.64
N GLU A 9 19.07 16.82 21.62
CA GLU A 9 20.03 15.77 21.29
C GLU A 9 19.39 14.56 20.62
N LYS A 10 18.17 14.22 21.05
CA LYS A 10 17.45 13.09 20.49
C LYS A 10 17.09 13.35 19.02
N LEU A 11 16.75 14.60 18.72
CA LEU A 11 16.41 14.99 17.36
C LEU A 11 17.66 14.97 16.44
N LEU A 12 18.77 15.52 16.92
CA LEU A 12 20.00 15.52 16.10
C LEU A 12 20.44 14.09 15.85
N SER A 13 20.38 13.28 16.90
CA SER A 13 20.68 11.85 16.79
C SER A 13 19.74 11.17 15.77
N TYR A 14 18.45 11.45 15.86
CA TYR A 14 17.50 10.85 14.92
C TYR A 14 17.78 11.24 13.47
N TYR A 15 18.14 12.50 13.25
CA TYR A 15 18.47 12.96 11.92
C TYR A 15 19.67 12.19 11.35
N ARG A 16 20.73 12.09 12.14
CA ARG A 16 21.96 11.43 11.71
C ARG A 16 21.75 9.94 11.47
N ASN A 17 20.99 9.30 12.35
CA ASN A 17 20.86 7.84 12.30
C ASN A 17 19.70 7.31 11.48
N ARG A 18 18.70 8.16 11.21
CA ARG A 18 17.53 7.72 10.44
C ARG A 18 17.19 8.62 9.24
N ALA A 19 17.10 9.93 9.45
CA ALA A 19 16.61 10.82 8.38
C ALA A 19 17.61 11.06 7.24
N ALA A 20 18.86 11.31 7.60
CA ALA A 20 19.90 11.61 6.62
C ALA A 20 20.15 10.44 5.66
N ILE A 21 20.08 10.70 4.36
CA ILE A 21 20.46 9.69 3.38
C ILE A 21 22.00 9.66 3.30
N PRO A 22 22.61 8.46 3.40
CA PRO A 22 24.07 8.31 3.24
C PRO A 22 24.59 9.00 1.98
N ALA A 23 25.66 9.81 2.08
CA ALA A 23 26.07 10.68 0.97
C ALA A 23 26.27 9.95 -0.35
N GLY A 24 26.90 8.78 -0.31
CA GLY A 24 27.12 8.00 -1.53
C GLY A 24 25.83 7.59 -2.21
N GLU A 25 24.85 7.19 -1.41
CA GLU A 25 23.54 6.79 -1.93
C GLU A 25 22.84 7.98 -2.58
N GLN A 26 22.82 9.11 -1.87
CA GLN A 26 22.20 10.31 -2.39
C GLN A 26 22.86 10.74 -3.71
N ALA A 27 24.19 10.76 -3.72
CA ALA A 27 24.93 11.24 -4.86
C ALA A 27 24.71 10.35 -6.08
N ARG A 28 24.74 9.04 -5.88
CA ARG A 28 24.58 8.09 -6.99
C ARG A 28 23.15 8.03 -7.52
N ALA A 29 22.17 8.13 -6.62
CA ALA A 29 20.79 8.12 -7.06
C ALA A 29 20.49 9.34 -7.89
N LYS A 30 20.87 10.52 -7.40
CA LYS A 30 20.62 11.74 -8.15
C LYS A 30 21.39 11.75 -9.46
N GLN A 31 22.64 11.26 -9.44
CA GLN A 31 23.42 11.27 -10.66
C GLN A 31 22.79 10.37 -11.71
N ALA A 32 22.22 9.25 -11.28
CA ALA A 32 21.51 8.39 -12.22
C ALA A 32 20.34 9.11 -12.90
N ALA A 33 19.56 9.84 -12.11
CA ALA A 33 18.43 10.56 -12.69
C ALA A 33 18.96 11.63 -13.65
N VAL A 34 20.06 12.27 -13.26
CA VAL A 34 20.69 13.29 -14.11
C VAL A 34 21.18 12.70 -15.45
N ASP A 35 21.83 11.54 -15.39
CA ASP A 35 22.33 10.84 -16.58
C ASP A 35 21.19 10.48 -17.52
N ILE A 36 20.15 9.92 -16.96
CA ILE A 36 18.96 9.54 -17.74
C ILE A 36 18.30 10.75 -18.37
N CYS A 37 18.12 11.81 -17.59
CA CYS A 37 17.56 13.05 -18.12
C CYS A 37 18.37 13.56 -19.31
N ALA A 38 19.70 13.56 -19.18
CA ALA A 38 20.58 14.04 -20.25
C ALA A 38 20.44 13.21 -21.53
N GLU A 39 20.33 11.90 -21.37
CA GLU A 39 20.21 11.00 -22.50
C GLU A 39 18.85 11.10 -23.19
N LEU A 40 17.80 11.28 -22.41
CA LEU A 40 16.49 11.49 -23.03
C LEU A 40 16.50 12.81 -23.80
N ARG A 41 17.16 13.83 -23.24
CA ARG A 41 17.22 15.14 -23.91
C ARG A 41 17.89 15.04 -25.28
N SER A 42 19.01 14.32 -25.34
CA SER A 42 19.72 14.11 -26.58
C SER A 42 18.87 13.28 -27.54
N PHE A 43 18.27 12.21 -27.01
CA PHE A 43 17.49 11.33 -27.88
C PHE A 43 16.22 11.98 -28.43
N LEU A 44 15.50 12.73 -27.59
CA LEU A 44 14.18 13.17 -28.00
C LEU A 44 14.18 14.41 -28.90
N ARG A 45 15.26 15.18 -28.86
CA ARG A 45 15.30 16.45 -29.60
C ARG A 45 15.13 16.23 -31.10
N ALA A 46 15.68 15.13 -31.60
CA ALA A 46 15.61 14.81 -33.01
C ALA A 46 14.34 14.04 -33.42
N LYS A 47 13.45 13.78 -32.45
CA LYS A 47 12.23 13.01 -32.71
C LYS A 47 10.98 13.88 -32.63
N LEU A 48 9.85 13.30 -33.05
CA LEU A 48 8.54 13.94 -32.86
C LEU A 48 8.51 15.41 -33.28
N PRO A 49 8.94 15.70 -34.53
CA PRO A 49 9.16 17.10 -34.92
C PRO A 49 7.93 18.00 -34.81
N ASP A 50 6.73 17.43 -34.85
CA ASP A 50 5.52 18.25 -34.80
C ASP A 50 4.94 18.37 -33.39
N MET A 51 5.49 17.61 -32.44
CA MET A 51 5.02 17.70 -31.05
C MET A 51 5.61 18.89 -30.27
N PRO A 52 4.74 19.74 -29.70
CA PRO A 52 5.19 20.90 -28.92
C PRO A 52 5.70 20.42 -27.56
N LEU A 53 6.93 19.93 -27.55
CA LEU A 53 7.46 19.25 -26.39
C LEU A 53 8.81 19.90 -26.08
N ARG A 54 8.99 20.37 -24.86
CA ARG A 54 10.31 20.88 -24.49
C ARG A 54 11.13 19.87 -23.72
N ASP A 55 12.39 20.22 -23.38
CA ASP A 55 13.26 19.28 -22.67
C ASP A 55 12.69 18.85 -21.32
N MET A 56 12.69 17.53 -21.06
CA MET A 56 12.35 17.03 -19.75
C MET A 56 13.36 17.53 -18.73
N TYR A 57 12.90 17.84 -17.52
CA TYR A 57 13.81 18.28 -16.46
C TYR A 57 13.45 17.70 -15.09
N LEU A 58 14.45 17.52 -14.23
CA LEU A 58 14.25 16.88 -12.93
C LEU A 58 13.59 17.83 -11.92
N SER A 59 12.80 17.23 -11.03
CA SER A 59 12.10 17.94 -9.97
C SER A 59 11.85 17.03 -8.78
N GLY A 60 11.77 17.62 -7.59
CA GLY A 60 11.40 16.85 -6.42
C GLY A 60 12.42 16.91 -5.31
N SER A 61 12.02 16.36 -4.17
CA SER A 61 12.84 16.31 -2.95
C SER A 61 14.26 15.83 -3.15
N LEU A 62 14.42 14.73 -3.89
CA LEU A 62 15.74 14.18 -4.11
C LEU A 62 16.61 15.18 -4.85
N TYR A 63 16.02 15.91 -5.81
CA TYR A 63 16.76 16.92 -6.56
C TYR A 63 17.10 18.15 -5.70
N ASP A 64 16.24 18.45 -4.72
CA ASP A 64 16.42 19.64 -3.88
C ASP A 64 17.13 19.35 -2.56
N ASP A 65 17.64 18.11 -2.43
CA ASP A 65 18.33 17.63 -1.23
C ASP A 65 17.47 17.61 0.04
N LEU A 66 16.21 17.23 -0.12
CA LEU A 66 15.25 17.21 0.96
C LEU A 66 14.60 15.84 1.12
N GLN A 67 15.06 14.86 0.34
CA GLN A 67 14.55 13.50 0.46
C GLN A 67 15.20 12.84 1.68
N VAL A 68 14.45 11.99 2.37
CA VAL A 68 14.93 11.43 3.64
C VAL A 68 14.86 9.91 3.66
N VAL A 69 15.63 9.31 4.57
CA VAL A 69 15.66 7.86 4.81
C VAL A 69 16.37 7.08 3.72
N THR A 70 15.88 7.21 2.48
CA THR A 70 16.51 6.54 1.35
C THR A 70 16.20 7.30 0.07
N ALA A 71 17.11 7.25 -0.89
CA ALA A 71 16.87 7.91 -2.17
C ALA A 71 15.98 7.01 -3.02
N ASP A 72 14.67 7.26 -3.04
CA ASP A 72 13.75 6.32 -3.68
C ASP A 72 12.85 6.87 -4.81
N ALA A 73 12.85 8.19 -5.02
CA ALA A 73 11.93 8.75 -6.02
C ALA A 73 12.35 10.14 -6.51
N ILE A 74 12.02 10.41 -7.77
CA ILE A 74 12.25 11.73 -8.36
C ILE A 74 11.30 11.91 -9.54
N GLN A 75 10.96 13.16 -9.88
CA GLN A 75 10.06 13.41 -10.99
C GLN A 75 10.83 13.88 -12.24
N LEU A 76 10.39 13.42 -13.41
CA LEU A 76 10.75 14.07 -14.66
C LEU A 76 9.55 14.88 -15.15
N ILE A 77 9.67 16.20 -15.09
CA ILE A 77 8.65 17.09 -15.63
C ILE A 77 8.73 17.01 -17.17
N VAL A 78 7.57 16.89 -17.80
CA VAL A 78 7.48 16.88 -19.25
C VAL A 78 6.75 18.13 -19.71
N PRO A 79 7.49 19.20 -20.04
CA PRO A 79 6.88 20.49 -20.35
C PRO A 79 6.34 20.55 -21.78
N LEU A 80 5.03 20.72 -21.88
CA LEU A 80 4.31 20.80 -23.15
C LEU A 80 3.95 22.25 -23.43
N VAL A 81 3.93 22.63 -24.70
CA VAL A 81 3.59 24.01 -25.05
C VAL A 81 2.14 24.13 -25.48
N LEU A 82 1.35 24.92 -24.75
CA LEU A 82 -0.02 25.19 -25.17
C LEU A 82 0.03 26.55 -25.86
N GLU A 83 -0.46 26.59 -27.10
CA GLU A 83 -0.42 27.79 -27.96
C GLU A 83 -1.09 28.97 -27.41
N GLN A 84 -0.52 30.12 -27.72
CA GLN A 84 -1.17 31.39 -27.48
C GLN A 84 -2.54 31.38 -28.15
N ASN A 85 -3.53 31.91 -27.43
CA ASN A 85 -4.89 32.13 -27.95
C ASN A 85 -5.85 30.94 -28.06
N LEU A 86 -5.36 29.70 -28.03
CA LEU A 86 -6.28 28.58 -28.22
C LEU A 86 -6.73 27.93 -26.91
N TRP A 87 -6.19 28.38 -25.79
CA TRP A 87 -6.39 27.71 -24.51
C TRP A 87 -6.60 28.69 -23.35
N SER A 88 -7.39 28.27 -22.37
CA SER A 88 -7.50 29.05 -21.13
C SER A 88 -7.62 28.09 -19.95
N CYS A 89 -7.32 28.55 -18.74
CA CYS A 89 -7.53 27.72 -17.57
C CYS A 89 -8.59 28.34 -16.64
N ILE A 90 -9.39 27.49 -16.01
CA ILE A 90 -10.45 27.96 -15.13
C ILE A 90 -10.21 27.41 -13.73
N PRO A 91 -10.09 28.32 -12.74
CA PRO A 91 -9.80 27.86 -11.38
C PRO A 91 -10.88 26.89 -10.91
N GLY A 92 -10.45 25.82 -10.25
CA GLY A 92 -11.35 24.78 -9.83
C GLY A 92 -12.49 25.28 -8.96
N GLU A 93 -12.25 26.31 -8.17
CA GLU A 93 -13.30 26.86 -7.33
C GLU A 93 -14.37 27.59 -8.14
N ASP A 94 -14.07 27.87 -9.42
CA ASP A 94 -15.06 28.52 -10.28
C ASP A 94 -15.77 27.52 -11.19
N THR A 95 -15.51 26.23 -10.97
CA THR A 95 -16.20 25.17 -11.70
C THR A 95 -17.22 24.52 -10.76
N ILE A 96 -18.12 23.72 -11.30
CA ILE A 96 -19.04 22.97 -10.46
C ILE A 96 -18.27 21.99 -9.55
N MET A 97 -17.05 21.61 -9.96
CA MET A 97 -16.23 20.71 -9.15
C MET A 97 -15.91 21.38 -7.82
N ASN A 98 -15.78 22.71 -7.85
CA ASN A 98 -15.63 23.50 -6.62
C ASN A 98 -14.45 23.09 -5.74
N VAL A 99 -13.29 22.93 -6.37
CA VAL A 99 -12.08 22.50 -5.69
C VAL A 99 -10.85 23.35 -6.02
N PRO A 100 -10.44 24.25 -5.10
CA PRO A 100 -9.21 25.04 -5.27
C PRO A 100 -7.97 24.17 -5.40
N GLY A 101 -6.93 24.71 -6.03
CA GLY A 101 -5.68 24.01 -6.25
C GLY A 101 -5.70 23.16 -7.50
N PHE A 102 -6.82 23.23 -8.21
CA PHE A 102 -7.01 22.50 -9.47
C PHE A 102 -7.61 23.43 -10.52
N PHE A 103 -7.41 23.09 -11.80
CA PHE A 103 -7.93 23.90 -12.91
C PHE A 103 -8.51 23.01 -14.01
N LEU A 104 -9.55 23.51 -14.68
CA LEU A 104 -9.95 23.01 -16.00
C LEU A 104 -9.17 23.79 -17.06
N VAL A 105 -8.76 23.11 -18.13
CA VAL A 105 -8.14 23.80 -19.26
C VAL A 105 -9.10 23.68 -20.44
N ARG A 106 -9.55 24.82 -20.95
CA ARG A 106 -10.54 24.81 -22.03
C ARG A 106 -9.94 25.17 -23.36
N ARG A 107 -10.35 24.43 -24.39
CA ARG A 107 -10.02 24.75 -25.77
C ARG A 107 -10.85 25.96 -26.17
N GLU A 108 -10.20 27.08 -26.43
CA GLU A 108 -10.94 28.28 -26.81
C GLU A 108 -11.24 28.26 -28.31
N ASN A 109 -12.32 28.94 -28.69
CA ASN A 109 -12.65 29.13 -30.10
C ASN A 109 -12.64 27.87 -30.97
N PRO A 110 -13.29 26.78 -30.51
CA PRO A 110 -13.22 25.46 -31.15
C PRO A 110 -13.80 25.44 -32.57
N GLU A 111 -14.61 26.43 -32.91
CA GLU A 111 -15.24 26.47 -34.23
C GLU A 111 -14.42 27.26 -35.21
N TYR A 112 -14.06 28.50 -34.85
CA TYR A 112 -13.32 29.32 -35.79
C TYR A 112 -11.94 28.73 -36.07
N PHE A 113 -11.26 28.27 -35.02
CA PHE A 113 -10.03 27.53 -35.17
C PHE A 113 -10.37 26.06 -34.91
N PRO A 114 -10.71 25.32 -35.97
CA PRO A 114 -11.36 24.02 -35.76
C PRO A 114 -10.46 22.97 -35.12
N ARG A 115 -11.10 21.92 -34.63
CA ARG A 115 -10.38 20.79 -34.04
C ARG A 115 -9.36 20.30 -35.05
N GLY A 116 -8.10 20.19 -34.63
CA GLY A 116 -7.03 19.84 -35.54
C GLY A 116 -6.05 20.98 -35.73
N SER A 117 -6.44 22.19 -35.30
CA SER A 117 -5.55 23.37 -35.37
C SER A 117 -4.35 23.22 -34.46
N SER A 118 -4.56 22.51 -33.36
CA SER A 118 -3.54 22.30 -32.33
C SER A 118 -3.16 20.84 -32.24
N TYR A 119 -1.87 20.57 -32.00
CA TYR A 119 -1.44 19.21 -31.71
C TYR A 119 -2.29 18.61 -30.58
N TRP A 120 -2.60 19.41 -29.54
CA TRP A 120 -3.32 18.88 -28.37
C TRP A 120 -4.82 18.66 -28.55
N ASP A 121 -5.36 19.00 -29.71
CA ASP A 121 -6.78 18.71 -29.96
C ASP A 121 -7.08 17.22 -29.89
N ARG A 122 -6.03 16.41 -30.05
CA ARG A 122 -6.21 14.96 -29.97
C ARG A 122 -6.40 14.52 -28.52
N CYS A 123 -6.20 15.44 -27.57
CA CYS A 123 -6.31 15.11 -26.16
C CYS A 123 -7.47 15.83 -25.50
N VAL A 124 -8.29 16.49 -26.32
CA VAL A 124 -9.46 17.22 -25.81
C VAL A 124 -10.68 16.31 -25.63
N VAL A 125 -11.33 16.43 -24.48
CA VAL A 125 -12.55 15.67 -24.22
C VAL A 125 -13.59 16.64 -23.71
N GLY A 126 -14.74 16.69 -24.39
CA GLY A 126 -15.83 17.58 -24.02
C GLY A 126 -15.42 19.06 -24.02
N GLY A 127 -14.46 19.42 -24.89
CA GLY A 127 -13.98 20.80 -24.97
C GLY A 127 -12.88 21.18 -23.98
N TYR A 128 -12.47 20.22 -23.14
CA TYR A 128 -11.39 20.51 -22.20
C TYR A 128 -10.19 19.64 -22.51
N LEU A 129 -9.00 20.17 -22.23
CA LEU A 129 -7.77 19.40 -22.38
C LEU A 129 -7.68 18.44 -21.18
N SER A 130 -7.88 17.16 -21.46
CA SER A 130 -7.88 16.11 -20.43
C SER A 130 -6.46 15.80 -19.96
N PRO A 131 -6.19 15.95 -18.66
CA PRO A 131 -4.83 15.62 -18.21
C PRO A 131 -4.56 14.14 -18.36
N LYS A 132 -5.59 13.30 -18.23
CA LYS A 132 -5.41 11.85 -18.38
C LYS A 132 -5.07 11.49 -19.81
N THR A 133 -5.76 12.14 -20.75
CA THR A 133 -5.53 11.89 -22.17
C THR A 133 -4.13 12.41 -22.60
N VAL A 134 -3.73 13.58 -22.09
CA VAL A 134 -2.37 14.07 -22.31
C VAL A 134 -1.34 13.04 -21.80
N ALA A 135 -1.56 12.53 -20.60
CA ALA A 135 -0.67 11.52 -20.03
C ALA A 135 -0.61 10.29 -20.94
N ASP A 136 -1.77 9.89 -21.46
CA ASP A 136 -1.86 8.75 -22.35
C ASP A 136 -1.02 8.99 -23.62
N THR A 137 -1.18 10.17 -24.22
CA THR A 137 -0.43 10.52 -25.44
C THR A 137 1.06 10.50 -25.17
N PHE A 138 1.44 11.06 -24.03
CA PHE A 138 2.83 11.03 -23.64
C PHE A 138 3.39 9.63 -23.49
N GLU A 139 2.61 8.75 -22.88
CA GLU A 139 3.05 7.37 -22.72
C GLU A 139 3.18 6.68 -24.06
N LYS A 140 2.13 6.72 -24.88
CA LYS A 140 2.15 6.06 -26.18
C LYS A 140 3.20 6.65 -27.13
N VAL A 141 3.13 7.96 -27.36
CA VAL A 141 3.95 8.66 -28.34
C VAL A 141 5.40 9.01 -27.92
N VAL A 142 5.60 9.48 -26.68
CA VAL A 142 6.94 9.92 -26.28
C VAL A 142 7.69 8.77 -25.60
N ALA A 143 7.13 8.27 -24.51
CA ALA A 143 7.78 7.17 -23.80
C ALA A 143 7.89 5.97 -24.72
N GLY A 144 6.84 5.73 -25.49
CA GLY A 144 6.82 4.60 -26.38
C GLY A 144 7.84 4.65 -27.51
N SER A 145 8.46 5.81 -27.74
CA SER A 145 9.50 5.88 -28.76
C SER A 145 10.88 5.58 -28.18
N ILE A 146 10.95 5.39 -26.86
CA ILE A 146 12.22 5.24 -26.18
C ILE A 146 12.59 3.77 -25.98
N ASN A 147 13.83 3.44 -26.33
CA ASN A 147 14.33 2.10 -26.11
C ASN A 147 15.05 2.04 -24.77
N TRP A 148 14.31 1.63 -23.74
CA TRP A 148 14.82 1.63 -22.37
C TRP A 148 16.01 0.69 -22.16
N PRO A 149 15.93 -0.55 -22.69
CA PRO A 149 17.11 -1.41 -22.58
C PRO A 149 18.36 -0.78 -23.20
N ALA A 150 18.19 -0.05 -24.29
CA ALA A 150 19.32 0.62 -24.93
C ALA A 150 19.89 1.78 -24.08
N ILE A 151 19.03 2.62 -23.50
CA ILE A 151 19.50 3.68 -22.64
C ILE A 151 20.19 3.13 -21.38
N GLY A 152 19.57 2.11 -20.79
CA GLY A 152 20.13 1.50 -19.58
C GLY A 152 21.46 0.84 -19.84
N SER A 153 21.60 0.24 -21.02
CA SER A 153 22.84 -0.42 -21.39
C SER A 153 23.94 0.61 -21.60
N LEU A 154 23.54 1.74 -22.18
CA LEU A 154 24.44 2.84 -22.44
C LEU A 154 25.00 3.47 -21.14
N LEU A 155 24.14 3.65 -20.13
CA LEU A 155 24.56 4.24 -18.85
C LEU A 155 24.92 3.23 -17.77
N ASP A 156 24.84 1.95 -18.10
CA ASP A 156 25.06 0.86 -17.14
C ASP A 156 24.09 0.93 -15.97
N TYR A 157 22.82 1.14 -16.30
CA TYR A 157 21.72 1.10 -15.35
C TYR A 157 20.74 0.06 -15.86
N VAL A 158 20.02 -0.58 -14.96
CA VAL A 158 18.88 -1.38 -15.38
C VAL A 158 17.65 -0.53 -15.16
N ILE A 159 17.02 -0.12 -16.25
CA ILE A 159 15.84 0.74 -16.24
C ILE A 159 14.66 -0.07 -16.71
N ARG A 160 13.70 -0.31 -15.83
CA ARG A 160 12.52 -1.10 -16.18
C ARG A 160 11.28 -0.24 -16.03
N PRO A 161 10.60 -0.01 -17.16
CA PRO A 161 9.31 0.68 -17.22
C PRO A 161 8.22 -0.14 -16.55
N ALA A 162 7.32 0.52 -15.83
CA ALA A 162 6.19 -0.18 -15.22
C ALA A 162 5.22 -0.64 -16.32
N PRO A 163 4.60 -1.82 -16.13
CA PRO A 163 3.62 -2.30 -17.11
C PRO A 163 2.26 -1.60 -16.95
N PRO A 164 1.47 -1.50 -18.04
CA PRO A 164 0.12 -0.91 -17.99
C PRO A 164 -0.93 -1.81 -17.30
N PRO A 165 -1.87 -1.19 -16.54
CA PRO A 165 -1.65 0.21 -16.17
C PRO A 165 -0.51 0.16 -15.15
N GLU A 166 0.42 1.12 -15.03
CA GLU A 166 0.40 2.53 -15.48
C GLU A 166 -0.37 3.33 -14.43
N ALA A 167 0.08 4.55 -14.12
CA ALA A 167 0.97 5.38 -14.94
C ALA A 167 2.37 4.82 -15.20
N LEU A 168 2.97 5.29 -16.29
CA LEU A 168 4.29 4.80 -16.62
C LEU A 168 5.36 5.46 -15.76
N THR A 169 5.95 4.65 -14.90
CA THR A 169 7.04 5.06 -14.03
C THR A 169 8.21 4.15 -14.34
N LEU A 170 9.41 4.61 -14.04
CA LEU A 170 10.62 3.85 -14.36
C LEU A 170 11.31 3.34 -13.10
N GLU A 171 11.55 2.04 -13.04
CA GLU A 171 12.29 1.49 -11.94
C GLU A 171 13.77 1.50 -12.32
N VAL A 172 14.58 2.26 -11.60
CA VAL A 172 16.00 2.43 -11.98
C VAL A 172 16.96 1.86 -10.95
N GLN A 173 17.63 0.77 -11.33
CA GLN A 173 18.70 0.21 -10.54
C GLN A 173 20.03 0.82 -10.98
N TYR A 174 20.53 1.76 -10.20
CA TYR A 174 21.70 2.53 -10.61
C TYR A 174 22.99 1.85 -10.15
N GLU A 175 22.83 0.89 -9.24
CA GLU A 175 23.88 -0.06 -8.93
C GLU A 175 23.28 -1.23 -8.18
N LYS A 176 23.82 -2.42 -8.40
CA LYS A 176 23.38 -3.61 -7.70
C LYS A 176 23.70 -3.50 -6.20
N ASP A 177 22.70 -3.53 -5.31
CA ASP A 177 21.27 -3.50 -5.60
C ASP A 177 20.63 -2.26 -5.00
N LYS A 178 20.71 -1.13 -5.70
CA LYS A 178 20.09 0.10 -5.25
C LYS A 178 19.08 0.58 -6.28
N HIS A 179 17.89 1.00 -5.81
CA HIS A 179 16.79 1.34 -6.72
C HIS A 179 16.16 2.71 -6.47
N LEU A 180 15.65 3.30 -7.54
CA LEU A 180 15.04 4.62 -7.54
C LEU A 180 13.87 4.57 -8.53
N VAL A 181 12.75 5.22 -8.21
CA VAL A 181 11.64 5.28 -9.16
C VAL A 181 11.47 6.67 -9.71
N ILE A 182 11.47 6.77 -11.05
CA ILE A 182 11.27 8.05 -11.71
C ILE A 182 9.87 8.06 -12.29
N ASP A 183 9.10 9.10 -11.96
CA ASP A 183 7.76 9.26 -12.54
C ASP A 183 7.72 10.48 -13.44
N PHE A 184 7.01 10.34 -14.56
CA PHE A 184 6.87 11.44 -15.52
C PHE A 184 5.70 12.32 -15.17
N LEU A 185 5.90 13.63 -15.26
CA LEU A 185 4.85 14.57 -14.92
C LEU A 185 4.60 15.56 -16.06
N PRO A 186 3.61 15.27 -16.93
CA PRO A 186 3.22 16.25 -17.95
C PRO A 186 2.79 17.56 -17.32
N SER A 187 3.25 18.64 -17.95
CA SER A 187 3.02 19.96 -17.39
C SER A 187 2.71 21.00 -18.49
N VAL A 188 1.76 21.88 -18.22
CA VAL A 188 1.50 23.02 -19.10
C VAL A 188 1.52 24.29 -18.29
N THR A 189 1.82 25.40 -18.95
CA THR A 189 1.82 26.71 -18.30
C THR A 189 0.95 27.68 -19.10
N LEU A 190 -0.03 28.31 -18.43
CA LEU A 190 -0.85 29.33 -19.09
C LEU A 190 -0.66 30.62 -18.29
N GLY A 191 -0.11 31.64 -18.95
CA GLY A 191 0.29 32.85 -18.23
C GLY A 191 1.39 32.51 -17.23
N ASP A 192 1.08 32.67 -15.96
CA ASP A 192 2.05 32.32 -14.92
C ASP A 192 1.46 31.20 -14.06
N THR A 193 0.48 30.48 -14.62
CA THR A 193 -0.14 29.38 -13.88
C THR A 193 0.45 28.10 -14.41
N VAL A 194 1.16 27.41 -13.52
CA VAL A 194 1.83 26.16 -13.90
C VAL A 194 0.99 24.98 -13.42
N LEU A 195 0.61 24.13 -14.36
CA LEU A 195 -0.26 23.01 -14.06
C LEU A 195 0.44 21.69 -14.36
N VAL A 196 0.16 20.68 -13.54
CA VAL A 196 0.72 19.35 -13.78
C VAL A 196 -0.36 18.28 -13.84
N ALA A 197 -0.09 17.23 -14.60
CA ALA A 197 -1.05 16.13 -14.70
C ALA A 197 -0.81 15.13 -13.57
N ARG A 198 -1.17 15.54 -12.36
CA ARG A 198 -1.13 14.67 -11.18
C ARG A 198 -2.54 14.61 -10.63
N PRO A 199 -3.26 13.52 -10.95
CA PRO A 199 -4.72 13.41 -10.80
C PRO A 199 -5.17 13.56 -9.36
N HIS A 200 -6.31 14.21 -9.15
CA HIS A 200 -6.99 14.20 -7.85
C HIS A 200 -7.18 12.75 -7.42
N ARG A 201 -7.16 12.48 -6.12
CA ARG A 201 -7.34 11.12 -5.63
C ARG A 201 -8.66 10.47 -6.09
N LEU A 202 -9.69 11.29 -6.28
CA LEU A 202 -11.01 10.76 -6.62
C LEU A 202 -11.30 10.86 -8.11
N ALA A 203 -11.83 9.79 -8.67
CA ALA A 203 -12.10 9.75 -10.10
C ALA A 203 -13.11 10.79 -10.61
N GLN A 204 -14.07 11.23 -9.81
CA GLN A 204 -15.04 12.20 -10.35
C GLN A 204 -14.38 13.55 -10.63
N TYR A 205 -13.18 13.75 -10.07
CA TYR A 205 -12.42 14.97 -10.36
C TYR A 205 -11.29 14.71 -11.39
N ASP A 206 -11.37 13.63 -12.15
CA ASP A 206 -10.26 13.28 -13.04
C ASP A 206 -10.10 14.19 -14.28
N ASN A 207 -11.01 15.16 -14.44
CA ASN A 207 -10.89 16.11 -15.54
C ASN A 207 -10.04 17.33 -15.19
N LEU A 208 -9.54 17.37 -13.95
CA LEU A 208 -8.84 18.53 -13.43
C LEU A 208 -7.32 18.40 -13.45
N TRP A 209 -6.65 19.43 -13.98
CA TRP A 209 -5.19 19.59 -13.83
C TRP A 209 -4.89 20.08 -12.43
N ARG A 210 -3.72 19.72 -11.89
CA ARG A 210 -3.29 20.17 -10.57
C ARG A 210 -2.42 21.43 -10.63
N LEU A 211 -2.72 22.42 -9.79
CA LEU A 211 -1.83 23.58 -9.68
C LEU A 211 -0.53 23.16 -9.04
N SER A 212 0.58 23.42 -9.73
CA SER A 212 1.89 23.04 -9.25
C SER A 212 2.28 23.97 -8.12
N LEU A 213 2.65 23.38 -6.99
CA LEU A 213 2.98 24.13 -5.79
C LEU A 213 4.40 23.85 -5.27
N ARG A 214 4.86 22.61 -5.45
CA ARG A 214 6.10 22.16 -4.81
C ARG A 214 7.35 23.00 -5.10
N PRO A 215 7.63 23.31 -6.37
CA PRO A 215 8.82 24.14 -6.63
C PRO A 215 8.86 25.47 -5.88
N ALA A 216 7.75 26.21 -5.86
CA ALA A 216 7.79 27.50 -5.18
C ALA A 216 7.90 27.33 -3.66
N GLU A 217 7.24 26.30 -3.14
CA GLU A 217 7.31 26.00 -1.70
C GLU A 217 8.75 25.76 -1.31
N THR A 218 9.42 24.94 -2.09
CA THR A 218 10.77 24.51 -1.79
C THR A 218 11.77 25.68 -1.93
N ALA A 219 11.56 26.53 -2.92
CA ALA A 219 12.38 27.73 -3.11
C ALA A 219 12.23 28.69 -1.92
N ARG A 220 11.01 28.90 -1.44
CA ARG A 220 10.83 29.79 -0.29
C ARG A 220 11.55 29.24 0.93
N LEU A 221 11.38 27.95 1.19
CA LEU A 221 12.05 27.33 2.35
C LEU A 221 13.55 27.52 2.29
N ARG A 222 14.13 27.24 1.12
CA ARG A 222 15.58 27.38 0.96
C ARG A 222 16.03 28.83 1.05
N ALA A 223 15.26 29.75 0.47
CA ALA A 223 15.57 31.17 0.61
C ALA A 223 15.57 31.60 2.08
N LEU A 224 14.59 31.15 2.86
CA LEU A 224 14.57 31.54 4.27
C LEU A 224 15.81 31.06 5.00
N ASP A 225 16.15 29.78 4.86
CA ASP A 225 17.32 29.22 5.55
C ASP A 225 18.60 29.87 5.05
N GLN A 226 18.64 30.15 3.75
CA GLN A 226 19.84 30.77 3.16
C GLN A 226 20.16 32.13 3.77
N ALA A 227 19.13 32.86 4.18
CA ALA A 227 19.34 34.21 4.67
C ALA A 227 19.87 34.29 6.11
N ASP A 228 19.64 33.25 6.92
CA ASP A 228 19.97 33.28 8.35
C ASP A 228 20.66 32.02 8.84
N SER A 229 21.02 31.14 7.90
CA SER A 229 21.59 29.83 8.21
C SER A 229 20.70 29.09 9.20
N GLY A 230 19.40 29.09 8.93
CA GLY A 230 18.43 28.58 9.89
C GLY A 230 18.25 27.08 9.77
N CYS A 231 17.47 26.50 10.69
CA CYS A 231 17.27 25.05 10.73
C CYS A 231 15.89 24.63 10.25
N ARG A 232 15.28 25.41 9.36
CA ARG A 232 13.95 25.10 8.85
C ARG A 232 13.97 23.79 8.07
N SER A 233 14.98 23.63 7.21
CA SER A 233 15.09 22.40 6.42
C SER A 233 15.38 21.18 7.28
N LEU A 234 16.25 21.35 8.28
CA LEU A 234 16.57 20.25 9.18
C LEU A 234 15.29 19.81 9.89
N CYS A 235 14.52 20.74 10.43
CA CYS A 235 13.27 20.40 11.11
C CYS A 235 12.30 19.69 10.15
N LEU A 236 12.18 20.21 8.93
CA LEU A 236 11.34 19.55 7.92
C LEU A 236 11.77 18.11 7.65
N LYS A 237 13.08 17.90 7.44
CA LYS A 237 13.58 16.57 7.13
C LYS A 237 13.33 15.55 8.23
N ILE A 238 13.52 15.96 9.48
CA ILE A 238 13.18 15.13 10.63
C ILE A 238 11.69 14.72 10.63
N LEU A 239 10.82 15.71 10.46
CA LEU A 239 9.36 15.45 10.37
C LEU A 239 9.02 14.52 9.22
N LYS A 240 9.66 14.74 8.08
CA LYS A 240 9.46 13.88 6.91
C LYS A 240 9.84 12.43 7.21
N ALA A 241 10.99 12.23 7.86
CA ALA A 241 11.45 10.89 8.19
C ALA A 241 10.54 10.16 9.18
N ILE A 242 10.05 10.88 10.18
CA ILE A 242 9.11 10.32 11.14
C ILE A 242 7.87 9.83 10.39
N CYS A 243 7.32 10.68 9.53
CA CYS A 243 6.11 10.31 8.81
C CYS A 243 6.37 9.16 7.86
N LYS A 244 7.56 9.13 7.26
CA LYS A 244 7.89 8.06 6.32
C LYS A 244 8.12 6.72 7.03
N SER A 245 8.57 6.79 8.28
CA SER A 245 8.95 5.59 9.01
C SER A 245 7.82 5.03 9.86
N THR A 246 6.70 5.75 9.89
CA THR A 246 5.56 5.39 10.74
C THR A 246 4.31 5.18 9.88
N PRO A 247 3.91 3.91 9.72
CA PRO A 247 2.79 3.53 8.87
C PRO A 247 1.50 4.32 9.11
N ALA A 248 1.11 4.55 10.36
CA ALA A 248 -0.12 5.31 10.65
C ALA A 248 -0.05 6.76 10.15
N LEU A 249 1.16 7.26 9.84
CA LEU A 249 1.34 8.65 9.43
C LEU A 249 1.61 8.75 7.93
N GLY A 250 1.51 7.61 7.26
CA GLY A 250 1.83 7.53 5.84
C GLY A 250 1.05 8.46 4.94
N HIS A 251 -0.14 8.89 5.37
CA HIS A 251 -0.94 9.78 4.52
C HIS A 251 -0.42 11.22 4.45
N LEU A 252 0.43 11.59 5.41
CA LEU A 252 1.08 12.90 5.41
C LEU A 252 2.10 12.98 4.28
N THR A 253 2.12 14.11 3.57
CA THR A 253 3.00 14.30 2.41
C THR A 253 4.12 15.30 2.69
N ALA A 254 5.17 15.26 1.87
CA ALA A 254 6.31 16.19 2.00
C ALA A 254 5.83 17.63 1.92
N SER A 255 4.86 17.85 1.04
CA SER A 255 4.29 19.17 0.80
C SER A 255 3.48 19.70 1.98
N GLN A 256 2.64 18.85 2.56
CA GLN A 256 1.86 19.23 3.74
C GLN A 256 2.82 19.65 4.84
N LEU A 257 3.82 18.81 5.11
CA LEU A 257 4.81 19.09 6.16
C LEU A 257 5.61 20.35 5.84
N THR A 258 5.95 20.55 4.57
CA THR A 258 6.64 21.77 4.18
C THR A 258 5.82 23.01 4.51
N ASN A 259 4.52 22.95 4.26
CA ASN A 259 3.69 24.10 4.58
C ASN A 259 3.50 24.32 6.08
N VAL A 260 3.53 23.26 6.88
CA VAL A 260 3.53 23.45 8.32
C VAL A 260 4.76 24.28 8.75
N ILE A 261 5.92 23.93 8.20
CA ILE A 261 7.17 24.66 8.49
C ILE A 261 7.11 26.12 7.99
N LEU A 262 6.59 26.32 6.78
CA LEU A 262 6.40 27.68 6.23
C LEU A 262 5.48 28.54 7.10
N HIS A 263 4.34 27.99 7.52
CA HIS A 263 3.44 28.75 8.42
C HIS A 263 4.18 29.10 9.71
N LEU A 264 4.91 28.13 10.27
CA LEU A 264 5.66 28.41 11.52
C LEU A 264 6.75 29.47 11.32
N ALA A 265 7.36 29.47 10.14
CA ALA A 265 8.42 30.45 9.83
C ALA A 265 7.86 31.86 9.75
N GLN A 266 6.57 31.95 9.45
CA GLN A 266 5.87 33.22 9.41
C GLN A 266 5.62 33.72 10.84
N GLU A 267 5.58 32.80 11.80
CA GLU A 267 5.29 33.16 13.20
C GLU A 267 6.58 33.31 14.01
N GLU A 268 7.64 32.64 13.56
CA GLU A 268 8.90 32.64 14.30
C GLU A 268 10.08 32.97 13.40
N ALA A 269 10.85 33.99 13.76
CA ALA A 269 11.98 34.40 12.93
C ALA A 269 13.27 33.71 13.33
N ASP A 270 13.35 33.27 14.59
CA ASP A 270 14.60 32.69 15.10
C ASP A 270 14.63 31.18 14.89
N TRP A 271 15.45 30.75 13.94
CA TRP A 271 15.69 29.35 13.66
C TRP A 271 17.17 29.03 13.77
N SER A 272 17.84 29.67 14.73
CA SER A 272 19.22 29.34 15.03
C SER A 272 19.24 27.87 15.51
N PRO A 273 20.41 27.21 15.43
CA PRO A 273 20.55 25.77 15.69
C PRO A 273 19.94 25.28 17.02
N ASP A 274 20.06 26.09 18.07
CA ASP A 274 19.53 25.70 19.39
C ASP A 274 18.02 25.74 19.49
N MET A 275 17.37 26.32 18.49
CA MET A 275 15.90 26.41 18.49
C MET A 275 15.21 25.18 17.87
N LEU A 276 16.00 24.24 17.34
CA LEU A 276 15.43 23.09 16.61
C LEU A 276 14.34 22.38 17.42
N ALA A 277 14.66 22.03 18.66
CA ALA A 277 13.75 21.26 19.50
C ALA A 277 12.42 22.00 19.72
N ASP A 278 12.51 23.28 20.09
CA ASP A 278 11.30 24.08 20.25
C ASP A 278 10.49 24.20 18.95
N ARG A 279 11.16 24.43 17.82
CA ARG A 279 10.46 24.52 16.53
C ARG A 279 9.81 23.18 16.18
N PHE A 280 10.52 22.08 16.43
CA PHE A 280 9.93 20.75 16.21
C PHE A 280 8.62 20.57 16.99
N LEU A 281 8.64 20.92 18.28
CA LEU A 281 7.42 20.81 19.09
C LEU A 281 6.28 21.67 18.58
N GLN A 282 6.61 22.88 18.15
CA GLN A 282 5.60 23.80 17.60
C GLN A 282 5.01 23.27 16.29
N ALA A 283 5.88 22.69 15.47
CA ALA A 283 5.45 22.14 14.20
C ALA A 283 4.49 20.99 14.44
N LEU A 284 4.83 20.18 15.43
CA LEU A 284 4.03 19.03 15.80
C LEU A 284 2.68 19.47 16.35
N ARG A 285 2.69 20.43 17.27
CA ARG A 285 1.44 20.94 17.83
C ARG A 285 0.65 21.63 16.71
N GLY A 286 1.37 22.32 15.82
CA GLY A 286 0.73 23.00 14.69
C GLY A 286 0.05 22.00 13.77
N LEU A 287 0.78 20.95 13.39
CA LEU A 287 0.21 19.87 12.60
C LEU A 287 -1.07 19.32 13.23
N ILE A 288 -1.04 19.04 14.53
CA ILE A 288 -2.23 18.59 15.22
C ILE A 288 -3.39 19.60 15.10
N SER A 289 -3.11 20.88 15.29
CA SER A 289 -4.15 21.90 15.13
C SER A 289 -4.75 21.96 13.72
N TYR A 290 -3.92 21.83 12.69
CA TYR A 290 -4.46 21.83 11.33
C TYR A 290 -5.36 20.64 11.10
N LEU A 291 -4.95 19.47 11.58
CA LEU A 291 -5.75 18.27 11.44
C LEU A 291 -7.10 18.42 12.13
N GLU A 292 -7.08 19.04 13.30
CA GLU A 292 -8.30 19.30 14.06
C GLU A 292 -9.26 20.23 13.32
N ALA A 293 -8.71 21.25 12.66
CA ALA A 293 -9.55 22.16 11.87
C ALA A 293 -9.94 21.51 10.55
N GLY A 294 -9.22 20.46 10.18
CA GLY A 294 -9.45 19.75 8.93
C GLY A 294 -8.94 20.51 7.71
N VAL A 295 -8.21 21.59 7.96
CA VAL A 295 -7.73 22.49 6.91
C VAL A 295 -6.26 22.86 7.17
N LEU A 296 -5.42 22.62 6.17
CA LEU A 296 -4.02 23.09 6.16
C LEU A 296 -3.85 23.99 4.94
N PRO A 297 -3.94 25.31 5.14
CA PRO A 297 -3.84 26.17 3.95
C PRO A 297 -2.43 26.20 3.38
N SER A 298 -2.36 26.22 2.05
CA SER A 298 -1.08 26.43 1.36
C SER A 298 -0.51 27.78 1.76
N ALA A 299 0.75 27.80 2.19
CA ALA A 299 1.36 29.06 2.61
C ALA A 299 1.44 30.05 1.45
N LEU A 300 1.62 29.54 0.24
CA LEU A 300 1.78 30.40 -0.92
C LEU A 300 0.47 30.69 -1.64
N ASN A 301 -0.52 29.83 -1.45
CA ASN A 301 -1.84 29.99 -2.09
C ASN A 301 -2.92 29.67 -1.04
N PRO A 302 -3.23 30.63 -0.16
CA PRO A 302 -4.09 30.34 1.00
C PRO A 302 -5.50 29.80 0.68
N LYS A 303 -5.96 29.93 -0.56
CA LYS A 303 -7.25 29.38 -0.97
C LYS A 303 -7.24 27.84 -1.02
N VAL A 304 -6.03 27.26 -1.08
CA VAL A 304 -5.87 25.82 -1.29
C VAL A 304 -5.71 25.08 0.02
N ASN A 305 -6.59 24.13 0.27
CA ASN A 305 -6.53 23.28 1.45
C ASN A 305 -5.76 22.01 1.12
N LEU A 306 -4.57 21.88 1.72
CA LEU A 306 -3.68 20.77 1.40
C LEU A 306 -4.15 19.41 1.95
N PHE A 307 -5.17 19.45 2.81
CA PHE A 307 -5.82 18.23 3.34
C PHE A 307 -7.08 17.84 2.53
N ALA A 308 -7.38 18.57 1.46
CA ALA A 308 -8.63 18.36 0.69
C ALA A 308 -8.84 16.97 0.10
N GLU A 309 -7.78 16.18 -0.06
CA GLU A 309 -7.90 14.84 -0.62
C GLU A 309 -7.95 13.74 0.44
N LEU A 310 -7.79 14.13 1.71
CA LEU A 310 -7.98 13.22 2.83
C LEU A 310 -9.45 13.16 3.25
N THR A 311 -9.90 11.99 3.66
CA THR A 311 -11.25 11.85 4.21
C THR A 311 -11.26 12.39 5.64
N PRO A 312 -12.44 12.79 6.15
CA PRO A 312 -12.52 13.23 7.55
C PRO A 312 -12.00 12.15 8.50
N GLN A 313 -12.25 10.89 8.15
CA GLN A 313 -11.78 9.78 8.98
C GLN A 313 -10.25 9.68 8.98
N GLU A 314 -9.62 9.81 7.81
CA GLU A 314 -8.17 9.78 7.73
C GLU A 314 -7.57 10.95 8.53
N ILE A 315 -8.22 12.10 8.44
CA ILE A 315 -7.76 13.29 9.15
C ILE A 315 -7.85 13.09 10.67
N ASP A 316 -8.97 12.55 11.14
CA ASP A 316 -9.13 12.24 12.56
C ASP A 316 -8.08 11.22 13.01
N GLU A 317 -7.89 10.19 12.19
CA GLU A 317 -6.95 9.11 12.51
C GLU A 317 -5.52 9.63 12.65
N LEU A 318 -5.11 10.56 11.77
CA LEU A 318 -3.79 11.16 11.87
C LEU A 318 -3.62 11.99 13.15
N GLY A 319 -4.62 12.82 13.45
CA GLY A 319 -4.60 13.62 14.66
C GLY A 319 -4.47 12.74 15.88
N TYR A 320 -5.29 11.69 15.92
CA TYR A 320 -5.25 10.74 17.01
C TYR A 320 -3.88 10.11 17.18
N THR A 321 -3.30 9.70 16.05
CA THR A 321 -1.99 9.06 16.07
C THR A 321 -0.91 9.97 16.62
N LEU A 322 -0.94 11.22 16.19
CA LEU A 322 0.02 12.19 16.67
C LEU A 322 -0.16 12.44 18.16
N TYR A 323 -1.40 12.54 18.61
CA TYR A 323 -1.65 12.72 20.06
C TYR A 323 -1.09 11.57 20.90
N CYS A 324 -1.35 10.34 20.46
CA CYS A 324 -0.83 9.17 21.15
C CYS A 324 0.71 9.14 21.16
N SER A 325 1.31 9.74 20.14
CA SER A 325 2.77 9.68 20.03
C SER A 325 3.45 10.62 21.00
N LEU A 326 2.71 11.59 21.54
CA LEU A 326 3.31 12.56 22.46
C LEU A 326 3.84 11.82 23.68
N SER A 327 3.14 10.76 24.06
CA SER A 327 3.49 9.95 25.23
C SER A 327 4.38 8.74 24.86
N GLU A 328 4.71 8.60 23.57
CA GLU A 328 5.58 7.51 23.11
C GLU A 328 6.77 8.00 22.29
N PRO A 329 7.63 8.84 22.91
CA PRO A 329 8.70 9.45 22.11
C PRO A 329 9.69 8.42 21.57
N GLU A 330 9.88 7.32 22.29
CA GLU A 330 10.82 6.31 21.82
C GLU A 330 10.31 5.61 20.56
N VAL A 331 9.00 5.49 20.41
CA VAL A 331 8.45 4.89 19.20
C VAL A 331 8.49 5.88 18.04
N LEU A 332 8.17 7.14 18.33
CA LEU A 332 8.17 8.16 17.29
C LEU A 332 9.55 8.36 16.68
N LEU A 333 10.60 8.18 17.49
CA LEU A 333 11.98 8.40 17.06
C LEU A 333 12.78 7.12 16.77
N GLN A 334 12.13 5.97 16.58
CA GLN A 334 12.87 4.77 16.19
C GLN A 334 13.12 4.77 14.67
N THR A 335 14.30 4.34 14.24
CA THR A 335 15.40 3.94 15.11
C THR A 335 16.37 5.09 15.36
N SER B 6 -13.58 -26.80 71.10
CA SER B 6 -14.49 -25.72 70.74
C SER B 6 -15.24 -26.05 69.46
N LEU B 7 -16.45 -25.50 69.32
CA LEU B 7 -17.20 -25.65 68.07
C LEU B 7 -16.34 -25.18 66.89
N GLN B 8 -15.61 -24.08 67.08
CA GLN B 8 -14.73 -23.55 66.05
C GLN B 8 -13.77 -24.64 65.53
N GLU B 9 -13.01 -25.24 66.46
CA GLU B 9 -12.12 -26.35 66.11
C GLU B 9 -12.87 -27.51 65.44
N LYS B 10 -14.00 -27.90 66.03
CA LYS B 10 -14.78 -29.04 65.51
C LYS B 10 -15.21 -28.81 64.08
N LEU B 11 -15.54 -27.56 63.76
CA LEU B 11 -16.05 -27.20 62.46
C LEU B 11 -14.93 -27.19 61.42
N LEU B 12 -13.78 -26.67 61.81
CA LEU B 12 -12.62 -26.65 60.93
C LEU B 12 -12.15 -28.08 60.66
N SER B 13 -12.14 -28.93 61.69
CA SER B 13 -11.77 -30.32 61.51
C SER B 13 -12.77 -31.04 60.62
N TYR B 14 -14.07 -30.79 60.85
CA TYR B 14 -15.08 -31.39 60.00
C TYR B 14 -14.90 -31.00 58.55
N TYR B 15 -14.60 -29.73 58.31
CA TYR B 15 -14.47 -29.26 56.95
C TYR B 15 -13.30 -30.00 56.26
N ARG B 16 -12.16 -30.07 56.94
CA ARG B 16 -10.97 -30.71 56.35
C ARG B 16 -11.16 -32.21 56.19
N ASN B 17 -11.83 -32.84 57.16
CA ASN B 17 -11.97 -34.30 57.17
C ASN B 17 -13.11 -34.85 56.31
N ARG B 18 -14.16 -34.07 56.09
CA ARG B 18 -15.38 -34.56 55.43
C ARG B 18 -15.83 -33.73 54.21
N ALA B 19 -15.79 -32.41 54.33
CA ALA B 19 -16.36 -31.56 53.29
C ALA B 19 -15.41 -31.35 52.10
N ALA B 20 -14.15 -31.07 52.38
CA ALA B 20 -13.16 -30.82 51.34
C ALA B 20 -12.93 -32.06 50.49
N ILE B 21 -13.09 -31.89 49.18
CA ILE B 21 -12.86 -32.96 48.23
C ILE B 21 -11.36 -33.16 48.08
N PRO B 22 -10.91 -34.43 48.10
CA PRO B 22 -9.47 -34.70 47.94
C PRO B 22 -8.95 -34.06 46.64
N ALA B 23 -7.77 -33.47 46.71
CA ALA B 23 -7.18 -32.73 45.58
C ALA B 23 -7.15 -33.53 44.27
N GLY B 24 -6.62 -34.74 44.32
CA GLY B 24 -6.55 -35.60 43.15
C GLY B 24 -7.91 -35.79 42.48
N GLU B 25 -8.91 -36.15 43.28
CA GLU B 25 -10.26 -36.44 42.77
C GLU B 25 -10.87 -35.22 42.09
N GLN B 26 -10.75 -34.07 42.74
CA GLN B 26 -11.24 -32.80 42.20
C GLN B 26 -10.65 -32.46 40.83
N ALA B 27 -9.32 -32.55 40.72
CA ALA B 27 -8.64 -32.23 39.47
C ALA B 27 -9.12 -33.10 38.32
N ARG B 28 -9.14 -34.42 38.56
CA ARG B 28 -9.52 -35.37 37.53
C ARG B 28 -10.95 -35.14 37.05
N ALA B 29 -11.88 -34.96 37.99
CA ALA B 29 -13.29 -34.71 37.69
C ALA B 29 -13.47 -33.45 36.84
N LYS B 30 -12.81 -32.37 37.22
CA LYS B 30 -12.86 -31.12 36.45
C LYS B 30 -12.29 -31.24 35.04
N GLN B 31 -11.09 -31.82 34.93
CA GLN B 31 -10.41 -31.98 33.65
C GLN B 31 -11.28 -32.79 32.69
N ALA B 32 -11.91 -33.82 33.23
CA ALA B 32 -12.76 -34.70 32.45
C ALA B 32 -13.88 -33.88 31.80
N ALA B 33 -14.47 -32.99 32.60
CA ALA B 33 -15.56 -32.14 32.13
C ALA B 33 -15.05 -31.11 31.12
N VAL B 34 -13.86 -30.57 31.38
CA VAL B 34 -13.24 -29.66 30.42
C VAL B 34 -12.99 -30.38 29.10
N ASP B 35 -12.42 -31.59 29.18
CA ASP B 35 -12.11 -32.36 27.97
C ASP B 35 -13.37 -32.63 27.15
N ILE B 36 -14.46 -32.96 27.82
CA ILE B 36 -15.72 -33.29 27.15
C ILE B 36 -16.39 -32.05 26.58
N CYS B 37 -16.44 -30.97 27.37
CA CYS B 37 -16.87 -29.68 26.85
C CYS B 37 -16.12 -29.29 25.54
N ALA B 38 -14.80 -29.50 25.51
CA ALA B 38 -14.00 -29.16 24.32
C ALA B 38 -14.35 -29.98 23.07
N GLU B 39 -14.50 -31.30 23.22
CA GLU B 39 -14.87 -32.14 22.08
C GLU B 39 -16.26 -31.77 21.57
N LEU B 40 -17.17 -31.42 22.47
CA LEU B 40 -18.53 -31.07 22.07
C LEU B 40 -18.53 -29.77 21.25
N ARG B 41 -17.63 -28.86 21.61
CA ARG B 41 -17.42 -27.66 20.83
C ARG B 41 -16.94 -27.99 19.40
N SER B 42 -16.05 -28.96 19.28
CA SER B 42 -15.57 -29.36 17.95
C SER B 42 -16.70 -30.02 17.17
N PHE B 43 -17.43 -30.91 17.85
CA PHE B 43 -18.59 -31.56 17.24
C PHE B 43 -19.60 -30.52 16.73
N LEU B 44 -19.99 -29.60 17.60
CA LEU B 44 -20.98 -28.58 17.19
C LEU B 44 -20.45 -27.73 16.02
N ARG B 45 -19.14 -27.47 15.99
CA ARG B 45 -18.52 -26.69 14.91
C ARG B 45 -18.48 -27.46 13.60
N ALA B 46 -18.24 -28.76 13.68
CA ALA B 46 -18.07 -29.57 12.48
C ALA B 46 -19.39 -30.09 11.92
N LYS B 47 -20.32 -30.43 12.81
CA LYS B 47 -21.60 -31.02 12.42
C LYS B 47 -22.80 -30.05 12.42
N LEU B 48 -22.79 -29.05 13.30
CA LEU B 48 -23.97 -28.18 13.39
C LEU B 48 -23.67 -26.67 13.38
N PRO B 49 -22.96 -26.18 12.35
CA PRO B 49 -22.52 -24.78 12.31
C PRO B 49 -23.68 -23.79 12.29
N ASP B 50 -24.79 -24.22 11.68
CA ASP B 50 -25.97 -23.39 11.48
C ASP B 50 -27.04 -23.53 12.59
N MET B 51 -26.80 -24.39 13.57
CA MET B 51 -27.76 -24.53 14.66
C MET B 51 -27.67 -23.34 15.60
N PRO B 52 -28.83 -22.74 15.92
CA PRO B 52 -28.88 -21.52 16.73
C PRO B 52 -28.60 -21.78 18.22
N LEU B 53 -27.40 -22.28 18.51
CA LEU B 53 -26.92 -22.41 19.88
C LEU B 53 -25.56 -21.73 19.97
N ARG B 54 -25.26 -21.12 21.11
CA ARG B 54 -23.88 -20.74 21.38
C ARG B 54 -23.15 -21.98 21.88
N ASP B 55 -21.83 -21.89 22.04
CA ASP B 55 -21.06 -23.02 22.53
C ASP B 55 -21.44 -23.36 23.96
N MET B 56 -21.49 -24.65 24.24
CA MET B 56 -21.81 -25.13 25.56
C MET B 56 -20.61 -24.86 26.48
N TYR B 57 -20.90 -24.59 27.75
CA TYR B 57 -19.86 -24.29 28.73
C TYR B 57 -20.22 -24.84 30.10
N LEU B 58 -19.19 -25.06 30.92
CA LEU B 58 -19.38 -25.68 32.24
C LEU B 58 -19.85 -24.66 33.27
N SER B 59 -20.64 -25.14 34.23
CA SER B 59 -21.14 -24.30 35.31
C SER B 59 -21.55 -25.15 36.50
N GLY B 60 -21.51 -24.56 37.70
CA GLY B 60 -21.97 -25.24 38.89
C GLY B 60 -20.92 -25.36 39.97
N SER B 61 -21.38 -25.76 41.16
CA SER B 61 -20.56 -25.93 42.37
C SER B 61 -19.15 -26.46 42.16
N LEU B 62 -19.02 -27.49 41.32
CA LEU B 62 -17.72 -28.13 41.11
C LEU B 62 -16.77 -27.16 40.44
N TYR B 63 -17.28 -26.42 39.45
CA TYR B 63 -16.51 -25.41 38.74
C TYR B 63 -16.17 -24.26 39.69
N ASP B 64 -17.07 -23.99 40.63
CA ASP B 64 -16.94 -22.87 41.55
C ASP B 64 -16.15 -23.20 42.82
N ASP B 65 -15.64 -24.43 42.93
CA ASP B 65 -14.96 -24.90 44.15
C ASP B 65 -15.86 -24.85 45.39
N LEU B 66 -17.15 -25.12 45.18
CA LEU B 66 -18.10 -25.18 46.27
C LEU B 66 -18.75 -26.56 46.43
N GLN B 67 -18.33 -27.52 45.59
CA GLN B 67 -18.77 -28.90 45.77
C GLN B 67 -18.07 -29.55 46.98
N VAL B 68 -18.79 -30.45 47.66
CA VAL B 68 -18.30 -31.01 48.92
C VAL B 68 -18.40 -32.53 48.95
N VAL B 69 -17.60 -33.16 49.83
CA VAL B 69 -17.54 -34.63 50.02
C VAL B 69 -16.94 -35.41 48.84
N THR B 70 -17.53 -35.27 47.65
CA THR B 70 -17.00 -35.95 46.49
C THR B 70 -17.38 -35.18 45.24
N ALA B 71 -16.52 -35.21 44.23
CA ALA B 71 -16.79 -34.55 42.97
C ALA B 71 -17.72 -35.41 42.12
N ASP B 72 -19.02 -35.14 42.18
CA ASP B 72 -20.01 -36.02 41.60
C ASP B 72 -20.90 -35.45 40.47
N ALA B 73 -20.87 -34.14 40.26
CA ALA B 73 -21.87 -33.52 39.37
C ALA B 73 -21.48 -32.13 38.86
N ILE B 74 -21.85 -31.86 37.61
CA ILE B 74 -21.62 -30.56 36.99
C ILE B 74 -22.61 -30.32 35.83
N GLN B 75 -22.91 -29.05 35.57
CA GLN B 75 -23.78 -28.70 34.45
C GLN B 75 -23.00 -28.34 33.19
N LEU B 76 -23.53 -28.76 32.03
CA LEU B 76 -23.16 -28.17 30.76
C LEU B 76 -24.33 -27.29 30.30
N ILE B 77 -24.14 -25.98 30.34
CA ILE B 77 -25.15 -25.04 29.89
C ILE B 77 -25.23 -25.07 28.36
N VAL B 78 -26.46 -25.17 27.84
CA VAL B 78 -26.71 -25.19 26.39
C VAL B 78 -27.46 -23.90 26.01
N PRO B 79 -26.71 -22.86 25.63
CA PRO B 79 -27.36 -21.56 25.41
C PRO B 79 -28.03 -21.42 24.05
N LEU B 80 -29.37 -21.38 24.03
CA LEU B 80 -30.11 -21.16 22.80
C LEU B 80 -29.96 -19.69 22.40
N VAL B 81 -29.89 -19.41 21.11
CA VAL B 81 -29.98 -18.03 20.69
C VAL B 81 -31.41 -17.73 20.23
N LEU B 82 -32.03 -16.74 20.86
CA LEU B 82 -33.41 -16.36 20.57
C LEU B 82 -33.49 -14.91 20.10
N GLU B 83 -34.20 -14.70 18.98
CA GLU B 83 -34.47 -13.34 18.52
C GLU B 83 -35.26 -12.61 19.63
N GLN B 84 -34.72 -11.49 20.11
CA GLN B 84 -35.35 -10.79 21.23
C GLN B 84 -36.72 -10.25 20.85
N ASN B 85 -36.88 -9.91 19.58
CA ASN B 85 -38.13 -9.36 19.07
C ASN B 85 -39.24 -10.40 18.82
N LEU B 86 -38.86 -11.68 18.77
CA LEU B 86 -39.84 -12.74 18.48
C LEU B 86 -40.24 -13.55 19.71
N TRP B 87 -39.57 -13.31 20.85
CA TRP B 87 -39.84 -14.08 22.06
C TRP B 87 -39.90 -13.16 23.28
N SER B 88 -40.86 -13.40 24.17
CA SER B 88 -40.94 -12.65 25.43
C SER B 88 -41.19 -13.62 26.59
N CYS B 89 -40.89 -13.22 27.83
CA CYS B 89 -41.23 -14.11 28.92
C CYS B 89 -42.30 -13.54 29.84
N ILE B 90 -43.00 -14.44 30.51
CA ILE B 90 -44.15 -14.05 31.31
C ILE B 90 -43.87 -14.65 32.66
N PRO B 91 -43.69 -13.79 33.68
CA PRO B 91 -43.44 -14.31 35.02
C PRO B 91 -44.58 -15.20 35.46
N GLY B 92 -44.24 -16.28 36.17
CA GLY B 92 -45.22 -17.28 36.54
C GLY B 92 -46.33 -16.75 37.41
N GLU B 93 -46.02 -15.76 38.25
CA GLU B 93 -47.05 -15.18 39.12
C GLU B 93 -48.09 -14.39 38.31
N ASP B 94 -47.78 -14.10 37.04
CA ASP B 94 -48.75 -13.42 36.18
C ASP B 94 -49.49 -14.40 35.28
N THR B 95 -49.38 -15.68 35.59
CA THR B 95 -50.11 -16.69 34.83
C THR B 95 -51.09 -17.38 35.76
N ILE B 96 -52.05 -18.11 35.20
CA ILE B 96 -52.98 -18.86 36.03
C ILE B 96 -52.25 -19.85 36.95
N MET B 97 -51.10 -20.38 36.52
CA MET B 97 -50.31 -21.28 37.37
C MET B 97 -49.88 -20.63 38.68
N ASN B 98 -49.73 -19.30 38.68
CA ASN B 98 -49.47 -18.59 39.92
C ASN B 98 -48.21 -19.06 40.65
N VAL B 99 -47.11 -19.24 39.91
CA VAL B 99 -45.87 -19.77 40.47
C VAL B 99 -44.67 -18.85 40.20
N PRO B 100 -44.25 -18.08 41.22
CA PRO B 100 -43.03 -17.29 41.06
C PRO B 100 -41.82 -18.18 40.80
N GLY B 101 -40.80 -17.66 40.13
CA GLY B 101 -39.57 -18.41 39.93
C GLY B 101 -39.61 -19.25 38.67
N PHE B 102 -40.73 -19.21 37.96
CA PHE B 102 -40.90 -19.95 36.71
C PHE B 102 -41.56 -19.04 35.70
N PHE B 103 -41.33 -19.31 34.41
CA PHE B 103 -41.78 -18.39 33.36
C PHE B 103 -42.34 -19.15 32.17
N LEU B 104 -43.35 -18.58 31.53
CA LEU B 104 -43.68 -18.96 30.17
C LEU B 104 -42.82 -18.13 29.22
N VAL B 105 -42.42 -18.73 28.12
CA VAL B 105 -41.76 -17.98 27.06
C VAL B 105 -42.71 -18.01 25.86
N ARG B 106 -43.14 -16.84 25.39
CA ARG B 106 -44.15 -16.77 24.33
C ARG B 106 -43.56 -16.38 22.98
N ARG B 107 -43.98 -17.07 21.92
CA ARG B 107 -43.66 -16.66 20.55
C ARG B 107 -44.45 -15.41 20.20
N GLU B 108 -43.77 -14.30 19.98
CA GLU B 108 -44.46 -13.05 19.65
C GLU B 108 -44.71 -12.94 18.16
N ASN B 109 -45.78 -12.23 17.80
CA ASN B 109 -46.04 -11.91 16.40
C ASN B 109 -46.09 -13.11 15.45
N PRO B 110 -46.86 -14.17 15.81
CA PRO B 110 -46.88 -15.34 14.90
C PRO B 110 -47.49 -15.03 13.54
N GLU B 111 -48.35 -14.01 13.47
CA GLU B 111 -48.96 -13.61 12.20
C GLU B 111 -47.98 -12.96 11.24
N TYR B 112 -47.29 -11.90 11.69
CA TYR B 112 -46.38 -11.14 10.81
C TYR B 112 -45.06 -11.87 10.56
N PHE B 113 -44.66 -12.67 11.55
CA PHE B 113 -43.47 -13.51 11.49
C PHE B 113 -43.94 -14.95 11.53
N PRO B 114 -44.12 -15.57 10.37
CA PRO B 114 -44.76 -16.89 10.32
C PRO B 114 -43.77 -17.98 10.72
N ARG B 115 -44.28 -19.19 10.95
CA ARG B 115 -43.44 -20.34 11.29
C ARG B 115 -42.21 -20.40 10.38
N GLY B 116 -41.04 -20.58 10.98
CA GLY B 116 -39.81 -20.56 10.23
C GLY B 116 -39.03 -19.27 10.42
N SER B 117 -39.71 -18.24 10.93
CA SER B 117 -39.02 -17.00 11.25
C SER B 117 -37.94 -17.24 12.29
N SER B 118 -38.14 -18.28 13.10
CA SER B 118 -37.15 -18.69 14.08
C SER B 118 -36.99 -20.18 13.98
N TYR B 119 -35.75 -20.65 14.10
CA TYR B 119 -35.50 -22.08 14.21
C TYR B 119 -36.34 -22.70 15.34
N TRP B 120 -36.49 -21.97 16.44
CA TRP B 120 -37.13 -22.53 17.62
C TRP B 120 -38.65 -22.63 17.50
N ASP B 121 -39.20 -22.18 16.37
CA ASP B 121 -40.64 -22.35 16.09
C ASP B 121 -41.01 -23.82 16.15
N ARG B 122 -40.05 -24.67 15.78
CA ARG B 122 -40.27 -26.12 15.84
C ARG B 122 -40.51 -26.65 17.24
N CYS B 123 -40.15 -25.88 18.28
CA CYS B 123 -40.39 -26.30 19.66
C CYS B 123 -41.54 -25.53 20.33
N VAL B 124 -42.37 -24.87 19.52
CA VAL B 124 -43.49 -24.09 20.06
C VAL B 124 -44.68 -25.01 20.30
N VAL B 125 -45.29 -24.92 21.50
CA VAL B 125 -46.49 -25.68 21.82
C VAL B 125 -47.53 -24.70 22.36
N GLY B 126 -48.65 -24.59 21.67
CA GLY B 126 -49.71 -23.67 22.03
C GLY B 126 -49.25 -22.23 22.16
N GLY B 127 -48.31 -21.84 21.29
CA GLY B 127 -47.85 -20.46 21.25
C GLY B 127 -46.73 -20.12 22.22
N TYR B 128 -46.31 -21.07 23.05
CA TYR B 128 -45.15 -20.85 23.93
C TYR B 128 -43.97 -21.72 23.53
N LEU B 129 -42.74 -21.27 23.82
CA LEU B 129 -41.55 -22.09 23.60
C LEU B 129 -41.50 -23.10 24.75
N SER B 130 -41.63 -24.38 24.41
CA SER B 130 -41.74 -25.43 25.43
C SER B 130 -40.37 -25.88 25.91
N PRO B 131 -40.13 -25.83 27.23
CA PRO B 131 -38.81 -26.25 27.71
C PRO B 131 -38.60 -27.77 27.54
N LYS B 132 -39.69 -28.54 27.58
CA LYS B 132 -39.59 -29.99 27.40
C LYS B 132 -39.25 -30.31 25.94
N THR B 133 -39.98 -29.68 25.02
CA THR B 133 -39.75 -29.91 23.60
C THR B 133 -38.34 -29.46 23.17
N VAL B 134 -37.85 -28.36 23.75
CA VAL B 134 -36.49 -27.92 23.48
C VAL B 134 -35.46 -28.99 23.88
N ALA B 135 -35.67 -29.59 25.05
CA ALA B 135 -34.78 -30.64 25.53
C ALA B 135 -34.79 -31.84 24.58
N ASP B 136 -35.97 -32.17 24.04
CA ASP B 136 -36.09 -33.29 23.11
C ASP B 136 -35.38 -32.99 21.79
N THR B 137 -35.57 -31.78 21.28
CA THR B 137 -34.91 -31.36 20.06
C THR B 137 -33.39 -31.39 20.25
N PHE B 138 -32.95 -31.07 21.46
CA PHE B 138 -31.52 -31.09 21.78
C PHE B 138 -30.96 -32.51 21.81
N GLU B 139 -31.66 -33.43 22.51
CA GLU B 139 -31.23 -34.82 22.51
C GLU B 139 -31.29 -35.42 21.11
N LYS B 140 -32.30 -35.05 20.32
CA LYS B 140 -32.49 -35.64 19.01
C LYS B 140 -31.41 -35.17 18.02
N VAL B 141 -31.17 -33.86 18.00
CA VAL B 141 -30.29 -33.23 17.03
C VAL B 141 -28.82 -33.26 17.46
N VAL B 142 -28.56 -33.09 18.76
CA VAL B 142 -27.20 -32.93 19.27
C VAL B 142 -26.70 -34.12 20.09
N ALA B 143 -27.16 -34.21 21.34
CA ALA B 143 -26.67 -35.24 22.27
C ALA B 143 -26.85 -36.66 21.77
N GLY B 144 -27.84 -36.87 20.91
CA GLY B 144 -28.09 -38.19 20.33
C GLY B 144 -27.12 -38.53 19.22
N SER B 145 -26.66 -37.51 18.49
CA SER B 145 -25.77 -37.74 17.35
C SER B 145 -24.28 -37.70 17.72
N ILE B 146 -23.99 -37.62 19.02
CA ILE B 146 -22.61 -37.66 19.51
C ILE B 146 -22.10 -39.09 19.56
N ASN B 147 -20.89 -39.33 19.04
CA ASN B 147 -20.28 -40.64 19.18
C ASN B 147 -19.54 -40.73 20.52
N TRP B 148 -20.28 -41.02 21.60
CA TRP B 148 -19.69 -41.13 22.95
C TRP B 148 -18.56 -42.16 23.10
N PRO B 149 -18.67 -43.32 22.45
CA PRO B 149 -17.53 -44.26 22.44
C PRO B 149 -16.22 -43.64 21.94
N ALA B 150 -16.26 -43.01 20.76
CA ALA B 150 -15.06 -42.42 20.17
C ALA B 150 -14.46 -41.33 21.08
N ILE B 151 -15.33 -40.51 21.67
CA ILE B 151 -14.88 -39.47 22.58
C ILE B 151 -14.34 -40.07 23.89
N GLY B 152 -14.96 -41.14 24.36
CA GLY B 152 -14.48 -41.87 25.53
C GLY B 152 -13.11 -42.47 25.32
N SER B 153 -12.94 -43.21 24.22
CA SER B 153 -11.65 -43.83 23.92
C SER B 153 -10.56 -42.78 23.71
N LEU B 154 -10.88 -41.73 22.95
CA LEU B 154 -9.96 -40.61 22.73
C LEU B 154 -9.48 -39.97 24.05
N LEU B 155 -10.38 -39.89 25.03
CA LEU B 155 -10.07 -39.30 26.33
C LEU B 155 -9.81 -40.33 27.43
N ASP B 156 -9.85 -41.61 27.07
CA ASP B 156 -9.67 -42.71 28.03
C ASP B 156 -10.63 -42.68 29.22
N TYR B 157 -11.83 -42.10 29.02
CA TYR B 157 -12.90 -42.21 30.00
C TYR B 157 -13.96 -43.19 29.51
N VAL B 158 -14.69 -43.79 30.44
CA VAL B 158 -15.92 -44.49 30.09
C VAL B 158 -17.08 -43.50 30.18
N ILE B 159 -17.62 -43.11 29.03
CA ILE B 159 -18.77 -42.23 29.03
C ILE B 159 -19.98 -43.01 28.55
N ARG B 160 -20.97 -43.15 29.41
CA ARG B 160 -22.25 -43.73 29.01
C ARG B 160 -23.34 -42.71 29.27
N PRO B 161 -24.10 -42.36 28.21
CA PRO B 161 -25.25 -41.47 28.40
C PRO B 161 -26.45 -42.22 28.97
N ALA B 162 -27.31 -41.53 29.72
CA ALA B 162 -28.50 -42.15 30.32
C ALA B 162 -29.58 -42.40 29.27
N PRO B 163 -30.32 -43.52 29.42
CA PRO B 163 -31.38 -43.87 28.47
C PRO B 163 -32.62 -42.99 28.66
N ALA B 167 -34.04 -35.33 30.19
CA ALA B 167 -33.40 -36.31 31.06
C ALA B 167 -32.29 -37.07 30.34
N LEU B 168 -31.41 -36.33 29.67
CA LEU B 168 -30.21 -36.92 29.09
C LEU B 168 -28.97 -36.40 29.82
N THR B 169 -28.41 -37.25 30.66
CA THR B 169 -27.27 -36.91 31.47
C THR B 169 -26.13 -37.85 31.12
N LEU B 170 -24.91 -37.42 31.39
CA LEU B 170 -23.75 -38.23 31.06
C LEU B 170 -23.09 -38.77 32.32
N GLU B 171 -22.90 -40.08 32.37
CA GLU B 171 -22.12 -40.66 33.46
C GLU B 171 -20.68 -40.81 32.98
N VAL B 172 -19.76 -40.16 33.67
CA VAL B 172 -18.36 -40.13 33.26
C VAL B 172 -17.44 -40.70 34.32
N GLN B 173 -16.86 -41.87 34.07
CA GLN B 173 -15.98 -42.49 35.04
C GLN B 173 -14.55 -41.95 34.87
N TYR B 174 -14.19 -41.01 35.74
CA TYR B 174 -12.92 -40.30 35.64
C TYR B 174 -11.83 -40.94 36.50
N GLU B 175 -12.23 -41.91 37.31
CA GLU B 175 -11.29 -42.74 38.06
C GLU B 175 -12.05 -43.96 38.57
N LYS B 176 -11.31 -45.01 38.94
CA LYS B 176 -11.94 -46.21 39.49
C LYS B 176 -12.84 -45.87 40.69
N ASP B 177 -14.07 -46.39 40.65
CA ASP B 177 -15.06 -46.20 41.71
C ASP B 177 -15.47 -44.73 41.93
N LYS B 178 -15.25 -43.89 40.93
CA LYS B 178 -15.77 -42.52 40.98
C LYS B 178 -16.24 -42.09 39.60
N HIS B 179 -17.49 -41.65 39.53
CA HIS B 179 -17.97 -41.03 38.32
C HIS B 179 -18.54 -39.65 38.59
N LEU B 180 -18.73 -38.92 37.51
CA LEU B 180 -19.22 -37.56 37.53
C LEU B 180 -20.44 -37.58 36.64
N VAL B 181 -21.54 -36.99 37.10
CA VAL B 181 -22.70 -36.86 36.24
C VAL B 181 -22.74 -35.45 35.64
N ILE B 182 -22.75 -35.37 34.31
CA ILE B 182 -22.90 -34.10 33.62
C ILE B 182 -24.35 -33.97 33.14
N ASP B 183 -25.02 -32.88 33.50
CA ASP B 183 -26.35 -32.64 32.97
C ASP B 183 -26.38 -31.46 31.99
N PHE B 184 -27.03 -31.67 30.86
CA PHE B 184 -27.22 -30.60 29.88
C PHE B 184 -28.37 -29.73 30.34
N LEU B 185 -28.17 -28.41 30.31
CA LEU B 185 -29.18 -27.49 30.79
C LEU B 185 -29.45 -26.43 29.73
N PRO B 186 -30.54 -26.61 28.97
CA PRO B 186 -30.90 -25.59 27.96
C PRO B 186 -31.20 -24.28 28.65
N SER B 187 -30.79 -23.16 28.04
CA SER B 187 -30.91 -21.86 28.70
C SER B 187 -31.23 -20.78 27.70
N VAL B 188 -32.16 -19.90 28.05
CA VAL B 188 -32.51 -18.77 27.20
C VAL B 188 -32.32 -17.49 27.99
N THR B 189 -31.94 -16.43 27.30
CA THR B 189 -31.79 -15.13 27.92
C THR B 189 -32.64 -14.13 27.15
N LEU B 190 -33.64 -13.57 27.82
CA LEU B 190 -34.55 -12.58 27.23
C LEU B 190 -34.42 -11.31 28.07
N GLY B 191 -33.85 -10.26 27.48
CA GLY B 191 -33.53 -9.07 28.25
C GLY B 191 -32.60 -9.39 29.40
N ASP B 192 -32.92 -8.89 30.60
CA ASP B 192 -32.13 -9.20 31.80
C ASP B 192 -32.39 -10.61 32.34
N THR B 193 -33.45 -11.27 31.84
CA THR B 193 -33.92 -12.52 32.45
C THR B 193 -33.29 -13.80 31.88
N VAL B 194 -32.69 -14.60 32.76
CA VAL B 194 -32.05 -15.87 32.39
C VAL B 194 -32.86 -17.08 32.87
N LEU B 195 -33.22 -17.96 31.93
CA LEU B 195 -34.09 -19.10 32.22
C LEU B 195 -33.42 -20.42 31.85
N VAL B 196 -33.74 -21.47 32.59
CA VAL B 196 -33.18 -22.79 32.31
C VAL B 196 -34.28 -23.83 32.22
N ALA B 197 -34.09 -24.80 31.34
CA ALA B 197 -35.03 -25.92 31.31
C ALA B 197 -34.67 -26.93 32.41
N ARG B 198 -35.00 -26.59 33.64
CA ARG B 198 -34.98 -27.57 34.72
C ARG B 198 -36.38 -27.68 35.30
N PRO B 199 -37.07 -28.78 34.97
CA PRO B 199 -38.49 -28.98 35.24
C PRO B 199 -38.86 -28.77 36.70
N HIS B 200 -40.01 -28.16 36.91
CA HIS B 200 -40.62 -28.14 38.22
C HIS B 200 -40.80 -29.59 38.64
N ARG B 201 -40.75 -29.86 39.94
CA ARG B 201 -40.99 -31.21 40.45
C ARG B 201 -42.30 -31.82 39.95
N LEU B 202 -43.35 -31.02 39.82
CA LEU B 202 -44.68 -31.53 39.49
C LEU B 202 -45.02 -31.37 38.02
N ALA B 203 -45.58 -32.41 37.42
CA ALA B 203 -45.85 -32.41 35.99
C ALA B 203 -46.79 -31.29 35.49
N GLN B 204 -47.75 -30.85 36.30
CA GLN B 204 -48.67 -29.81 35.79
C GLN B 204 -47.98 -28.48 35.49
N TYR B 205 -46.76 -28.32 36.01
CA TYR B 205 -45.97 -27.13 35.72
C TYR B 205 -44.90 -27.41 34.66
N ASP B 206 -45.00 -28.53 33.94
CA ASP B 206 -43.94 -28.87 32.98
C ASP B 206 -43.87 -28.00 31.71
N ASN B 207 -44.77 -27.03 31.61
CA ASN B 207 -44.73 -26.06 30.51
C ASN B 207 -43.89 -24.83 30.85
N LEU B 208 -43.35 -24.77 32.07
CA LEU B 208 -42.69 -23.56 32.56
C LEU B 208 -41.17 -23.69 32.60
N TRP B 209 -40.47 -22.65 32.13
CA TRP B 209 -39.01 -22.55 32.30
C TRP B 209 -38.71 -22.10 33.73
N ARG B 210 -37.54 -22.46 34.27
CA ARG B 210 -37.17 -22.07 35.64
C ARG B 210 -36.26 -20.86 35.58
N LEU B 211 -36.54 -19.87 36.42
CA LEU B 211 -35.64 -18.72 36.51
C LEU B 211 -34.33 -19.20 37.10
N SER B 212 -33.23 -18.95 36.38
CA SER B 212 -31.90 -19.35 36.86
C SER B 212 -31.46 -18.51 38.06
N LEU B 213 -31.15 -19.19 39.16
CA LEU B 213 -30.77 -18.54 40.40
C LEU B 213 -29.31 -18.79 40.76
N ARG B 214 -28.82 -19.99 40.47
CA ARG B 214 -27.55 -20.44 41.04
C ARG B 214 -26.30 -19.62 40.67
N PRO B 215 -26.11 -19.30 39.38
CA PRO B 215 -24.88 -18.53 39.06
C PRO B 215 -24.86 -17.14 39.73
N ALA B 216 -25.98 -16.42 39.72
CA ALA B 216 -25.99 -15.08 40.30
C ALA B 216 -25.83 -15.15 41.84
N GLU B 217 -26.44 -16.18 42.45
CA GLU B 217 -26.33 -16.44 43.90
C GLU B 217 -24.90 -16.68 44.28
N THR B 218 -24.26 -17.59 43.53
CA THR B 218 -22.89 -17.98 43.82
C THR B 218 -21.94 -16.80 43.58
N ALA B 219 -22.20 -16.04 42.52
CA ALA B 219 -21.41 -14.84 42.25
C ALA B 219 -21.54 -13.84 43.41
N ARG B 220 -22.74 -13.63 43.94
CA ARG B 220 -22.89 -12.73 45.08
C ARG B 220 -22.08 -13.19 46.30
N LEU B 221 -22.15 -14.49 46.59
CA LEU B 221 -21.45 -15.06 47.73
C LEU B 221 -19.95 -14.90 47.61
N ARG B 222 -19.41 -15.24 46.44
CA ARG B 222 -17.96 -15.20 46.26
C ARG B 222 -17.44 -13.78 46.21
N ALA B 223 -18.26 -12.84 45.72
CA ALA B 223 -17.87 -11.42 45.78
C ALA B 223 -17.78 -10.91 47.23
N LEU B 224 -18.81 -11.21 48.03
CA LEU B 224 -18.79 -10.84 49.44
C LEU B 224 -17.53 -11.35 50.13
N ASP B 225 -17.24 -12.65 50.00
CA ASP B 225 -16.06 -13.23 50.64
C ASP B 225 -14.76 -12.60 50.11
N GLN B 226 -14.77 -12.20 48.83
CA GLN B 226 -13.57 -11.57 48.26
C GLN B 226 -13.27 -10.20 48.89
N ALA B 227 -14.31 -9.41 49.13
CA ALA B 227 -14.12 -8.05 49.61
C ALA B 227 -13.57 -7.96 51.05
N ASP B 228 -13.63 -9.06 51.79
CA ASP B 228 -13.15 -9.05 53.18
C ASP B 228 -12.49 -10.35 53.64
N SER B 229 -12.23 -11.26 52.70
CA SER B 229 -11.63 -12.56 53.04
C SER B 229 -12.46 -13.25 54.11
N GLY B 230 -13.76 -13.30 53.90
CA GLY B 230 -14.67 -13.84 54.91
C GLY B 230 -14.79 -15.35 54.89
N CYS B 231 -15.56 -15.91 55.81
CA CYS B 231 -15.74 -17.35 55.84
C CYS B 231 -17.15 -17.76 55.43
N ARG B 232 -17.80 -16.97 54.58
CA ARG B 232 -19.16 -17.34 54.15
C ARG B 232 -19.15 -18.63 53.35
N SER B 233 -18.17 -18.79 52.46
CA SER B 233 -18.13 -19.97 51.59
C SER B 233 -17.76 -21.22 52.39
N LEU B 234 -16.80 -21.06 53.30
CA LEU B 234 -16.44 -22.11 54.24
C LEU B 234 -17.67 -22.58 55.02
N CYS B 235 -18.43 -21.63 55.56
CA CYS B 235 -19.65 -21.96 56.32
C CYS B 235 -20.68 -22.68 55.45
N LEU B 236 -20.91 -22.15 54.24
CA LEU B 236 -21.77 -22.85 53.27
C LEU B 236 -21.33 -24.30 53.02
N LYS B 237 -20.05 -24.50 52.75
CA LYS B 237 -19.57 -25.83 52.40
C LYS B 237 -19.74 -26.81 53.54
N ILE B 238 -19.56 -26.33 54.76
CA ILE B 238 -19.79 -27.18 55.93
C ILE B 238 -21.27 -27.62 56.01
N LEU B 239 -22.19 -26.67 55.82
CA LEU B 239 -23.62 -26.99 55.86
C LEU B 239 -24.00 -27.93 54.72
N LYS B 240 -23.39 -27.72 53.55
CA LYS B 240 -23.67 -28.57 52.39
C LYS B 240 -23.25 -29.98 52.72
N ALA B 241 -22.06 -30.14 53.33
CA ALA B 241 -21.54 -31.48 53.62
C ALA B 241 -22.39 -32.21 54.65
N ILE B 242 -22.87 -31.49 55.66
CA ILE B 242 -23.75 -32.08 56.66
C ILE B 242 -25.03 -32.64 56.02
N CYS B 243 -25.67 -31.84 55.18
CA CYS B 243 -26.91 -32.29 54.52
C CYS B 243 -26.65 -33.44 53.56
N LYS B 244 -25.54 -33.37 52.82
CA LYS B 244 -25.21 -34.42 51.86
C LYS B 244 -24.90 -35.76 52.55
N SER B 245 -24.34 -35.66 53.75
CA SER B 245 -23.88 -36.85 54.49
C SER B 245 -24.96 -37.42 55.38
N THR B 246 -26.10 -36.75 55.45
CA THR B 246 -27.18 -37.16 56.35
C THR B 246 -28.45 -37.40 55.54
N PRO B 247 -28.82 -38.68 55.34
CA PRO B 247 -29.96 -39.07 54.51
C PRO B 247 -31.24 -38.27 54.77
N ALA B 248 -31.60 -38.07 56.03
CA ALA B 248 -32.84 -37.35 56.36
C ALA B 248 -32.79 -35.87 55.94
N LEU B 249 -31.60 -35.36 55.59
CA LEU B 249 -31.48 -33.95 55.19
C LEU B 249 -31.32 -33.85 53.66
N GLY B 250 -31.42 -35.01 53.00
CA GLY B 250 -31.26 -35.12 51.56
C GLY B 250 -32.06 -34.17 50.70
N HIS B 251 -33.24 -33.76 51.15
CA HIS B 251 -34.09 -32.86 50.35
C HIS B 251 -33.53 -31.44 50.27
N LEU B 252 -32.62 -31.09 51.18
CA LEU B 252 -32.04 -29.76 51.17
C LEU B 252 -31.01 -29.62 50.05
N THR B 253 -30.97 -28.46 49.42
CA THR B 253 -30.12 -28.28 48.24
C THR B 253 -29.03 -27.23 48.48
N ALA B 254 -28.00 -27.23 47.63
CA ALA B 254 -26.94 -26.24 47.73
C ALA B 254 -27.53 -24.83 47.59
N SER B 255 -28.44 -24.68 46.64
CA SER B 255 -29.10 -23.39 46.41
C SER B 255 -29.82 -22.90 47.67
N GLN B 256 -30.58 -23.79 48.30
CA GLN B 256 -31.32 -23.44 49.51
C GLN B 256 -30.33 -22.98 50.58
N LEU B 257 -29.26 -23.75 50.77
CA LEU B 257 -28.29 -23.42 51.82
C LEU B 257 -27.55 -22.14 51.47
N THR B 258 -27.31 -21.92 50.17
CA THR B 258 -26.64 -20.70 49.74
C THR B 258 -27.48 -19.46 50.08
N ASN B 259 -28.79 -19.56 49.94
CA ASN B 259 -29.64 -18.43 50.30
C ASN B 259 -29.77 -18.17 51.81
N VAL B 260 -29.75 -19.24 52.62
CA VAL B 260 -29.67 -19.06 54.09
C VAL B 260 -28.42 -18.21 54.40
N ILE B 261 -27.29 -18.57 53.81
CA ILE B 261 -26.04 -17.82 54.05
C ILE B 261 -26.15 -16.36 53.58
N LEU B 262 -26.67 -16.16 52.39
CA LEU B 262 -26.86 -14.80 51.87
C LEU B 262 -27.79 -13.93 52.72
N HIS B 263 -28.89 -14.47 53.24
CA HIS B 263 -29.75 -13.70 54.16
C HIS B 263 -28.99 -13.33 55.43
N LEU B 264 -28.24 -14.29 55.97
CA LEU B 264 -27.44 -14.03 57.18
C LEU B 264 -26.36 -12.98 56.89
N ALA B 265 -25.80 -13.01 55.68
CA ALA B 265 -24.78 -12.03 55.31
C ALA B 265 -25.34 -10.61 55.27
N GLN B 266 -26.64 -10.50 55.00
CA GLN B 266 -27.30 -9.19 55.00
C GLN B 266 -27.52 -8.69 56.43
N GLU B 267 -27.54 -9.60 57.39
CA GLU B 267 -27.67 -9.19 58.79
C GLU B 267 -26.32 -8.99 59.48
N GLU B 268 -25.31 -9.76 59.05
CA GLU B 268 -24.00 -9.75 59.72
C GLU B 268 -22.90 -9.35 58.74
N ALA B 269 -22.19 -8.27 59.07
CA ALA B 269 -21.11 -7.77 58.22
C ALA B 269 -19.79 -8.47 58.52
N ASP B 270 -19.65 -8.98 59.75
CA ASP B 270 -18.39 -9.58 60.19
C ASP B 270 -18.36 -11.09 60.00
N TRP B 271 -17.63 -11.53 58.98
CA TRP B 271 -17.37 -12.96 58.78
C TRP B 271 -15.86 -13.23 58.79
N SER B 272 -15.12 -12.55 59.67
CA SER B 272 -13.72 -12.91 59.90
C SER B 272 -13.72 -14.38 60.38
N PRO B 273 -12.60 -15.09 60.21
CA PRO B 273 -12.64 -16.55 60.41
C PRO B 273 -13.02 -17.00 61.82
N ASP B 274 -12.72 -16.17 62.83
CA ASP B 274 -13.04 -16.54 64.22
C ASP B 274 -14.55 -16.49 64.48
N MET B 275 -15.31 -15.96 63.53
CA MET B 275 -16.77 -15.91 63.68
C MET B 275 -17.47 -17.12 63.09
N LEU B 276 -16.71 -18.01 62.45
CA LEU B 276 -17.30 -19.19 61.81
C LEU B 276 -18.32 -19.92 62.69
N ALA B 277 -17.92 -20.20 63.93
CA ALA B 277 -18.76 -20.99 64.81
C ALA B 277 -20.09 -20.29 65.06
N ASP B 278 -20.04 -18.99 65.36
CA ASP B 278 -21.25 -18.19 65.58
C ASP B 278 -22.12 -18.15 64.32
N ARG B 279 -21.48 -17.94 63.17
CA ARG B 279 -22.25 -17.83 61.93
C ARG B 279 -22.86 -19.16 61.59
N PHE B 280 -22.15 -20.24 61.88
CA PHE B 280 -22.69 -21.58 61.60
C PHE B 280 -23.99 -21.80 62.41
N LEU B 281 -23.96 -21.45 63.69
CA LEU B 281 -25.13 -21.63 64.55
C LEU B 281 -26.29 -20.77 64.10
N GLN B 282 -25.99 -19.53 63.73
CA GLN B 282 -27.02 -18.66 63.17
C GLN B 282 -27.61 -19.23 61.90
N ALA B 283 -26.75 -19.77 61.03
CA ALA B 283 -27.27 -20.35 59.79
C ALA B 283 -28.18 -21.53 60.10
N LEU B 284 -27.75 -22.35 61.05
CA LEU B 284 -28.54 -23.51 61.47
C LEU B 284 -29.90 -23.07 62.02
N ARG B 285 -29.90 -22.09 62.94
CA ARG B 285 -31.15 -21.58 63.50
C ARG B 285 -32.00 -20.90 62.43
N GLY B 286 -31.35 -20.21 61.50
CA GLY B 286 -32.05 -19.55 60.41
C GLY B 286 -32.73 -20.58 59.52
N LEU B 287 -31.98 -21.61 59.16
CA LEU B 287 -32.52 -22.69 58.33
C LEU B 287 -33.75 -23.31 58.99
N ILE B 288 -33.67 -23.60 60.28
CA ILE B 288 -34.82 -24.13 61.02
C ILE B 288 -36.02 -23.20 60.93
N SER B 289 -35.82 -21.90 61.18
CA SER B 289 -36.92 -20.93 61.14
C SER B 289 -37.63 -20.85 59.79
N TYR B 290 -36.86 -20.89 58.69
CA TYR B 290 -37.45 -20.88 57.36
C TYR B 290 -38.28 -22.12 57.15
N LEU B 291 -37.80 -23.26 57.62
CA LEU B 291 -38.59 -24.49 57.48
C LEU B 291 -39.91 -24.36 58.26
N GLU B 292 -39.83 -23.78 59.45
CA GLU B 292 -41.03 -23.58 60.27
C GLU B 292 -42.05 -22.66 59.59
N ALA B 293 -41.56 -21.59 58.96
CA ALA B 293 -42.41 -20.72 58.16
C ALA B 293 -42.87 -21.38 56.85
N GLY B 294 -42.14 -22.41 56.41
CA GLY B 294 -42.42 -23.07 55.14
C GLY B 294 -42.00 -22.24 53.93
N VAL B 295 -41.23 -21.19 54.19
CA VAL B 295 -40.86 -20.23 53.15
C VAL B 295 -39.40 -19.80 53.30
N LEU B 296 -38.61 -20.02 52.26
CA LEU B 296 -37.25 -19.49 52.23
C LEU B 296 -37.17 -18.63 50.99
N PRO B 297 -37.28 -17.31 51.17
CA PRO B 297 -37.21 -16.43 50.00
C PRO B 297 -35.82 -16.39 49.36
N SER B 298 -35.81 -16.31 48.04
CA SER B 298 -34.55 -16.10 47.33
C SER B 298 -33.98 -14.76 47.76
N ALA B 299 -32.69 -14.72 48.07
CA ALA B 299 -32.08 -13.47 48.49
C ALA B 299 -32.09 -12.47 47.32
N LEU B 300 -32.06 -12.98 46.09
CA LEU B 300 -31.96 -12.12 44.91
C LEU B 300 -33.34 -11.81 44.28
N ASN B 301 -34.29 -12.72 44.45
CA ASN B 301 -35.65 -12.52 43.94
C ASN B 301 -36.67 -12.88 45.05
N PRO B 302 -36.99 -11.92 45.94
CA PRO B 302 -37.71 -12.27 47.18
C PRO B 302 -39.13 -12.84 46.97
N LYS B 303 -39.70 -12.71 45.78
CA LYS B 303 -41.01 -13.31 45.49
C LYS B 303 -40.94 -14.84 45.41
N VAL B 304 -39.74 -15.37 45.20
CA VAL B 304 -39.55 -16.79 44.94
C VAL B 304 -39.27 -17.54 46.22
N ASN B 305 -40.09 -18.56 46.49
CA ASN B 305 -39.93 -19.41 47.66
C ASN B 305 -39.14 -20.66 47.28
N LEU B 306 -37.94 -20.81 47.85
CA LEU B 306 -37.06 -21.90 47.46
C LEU B 306 -37.52 -23.25 48.02
N PHE B 307 -38.47 -23.22 48.95
CA PHE B 307 -39.06 -24.46 49.46
C PHE B 307 -40.36 -24.84 48.72
N ALA B 308 -40.71 -24.14 47.64
CA ALA B 308 -42.03 -24.32 47.01
C ALA B 308 -42.21 -25.70 46.40
N GLU B 309 -41.11 -26.40 46.15
CA GLU B 309 -41.17 -27.71 45.54
C GLU B 309 -41.25 -28.86 46.54
N LEU B 310 -40.96 -28.59 47.82
CA LEU B 310 -41.14 -29.60 48.86
C LEU B 310 -42.58 -29.63 49.39
N THR B 311 -43.04 -30.81 49.81
CA THR B 311 -44.37 -30.94 50.43
C THR B 311 -44.33 -30.43 51.88
N PRO B 312 -45.50 -30.06 52.43
CA PRO B 312 -45.51 -29.67 53.85
C PRO B 312 -44.89 -30.74 54.73
N GLN B 313 -45.18 -32.01 54.47
CA GLN B 313 -44.59 -33.09 55.25
C GLN B 313 -43.06 -33.12 55.15
N GLU B 314 -42.52 -33.02 53.93
CA GLU B 314 -41.07 -33.02 53.75
C GLU B 314 -40.45 -31.88 54.55
N ILE B 315 -41.07 -30.71 54.47
CA ILE B 315 -40.59 -29.53 55.17
C ILE B 315 -40.59 -29.76 56.68
N ASP B 316 -41.66 -30.35 57.19
CA ASP B 316 -41.81 -30.57 58.62
C ASP B 316 -40.80 -31.58 59.09
N GLU B 317 -40.57 -32.60 58.27
CA GLU B 317 -39.65 -33.64 58.67
C GLU B 317 -38.21 -33.10 58.64
N LEU B 318 -37.92 -32.22 57.68
CA LEU B 318 -36.60 -31.58 57.64
C LEU B 318 -36.34 -30.73 58.91
N GLY B 319 -37.33 -29.95 59.32
CA GLY B 319 -37.20 -29.15 60.52
C GLY B 319 -37.00 -30.04 61.74
N TYR B 320 -37.81 -31.08 61.84
CA TYR B 320 -37.68 -31.98 62.99
C TYR B 320 -36.32 -32.65 63.01
N THR B 321 -35.83 -33.08 61.85
CA THR B 321 -34.50 -33.68 61.78
C THR B 321 -33.44 -32.74 62.34
N LEU B 322 -33.47 -31.49 61.93
CA LEU B 322 -32.49 -30.53 62.40
C LEU B 322 -32.55 -30.30 63.92
N TYR B 323 -33.77 -30.09 64.44
CA TYR B 323 -33.97 -29.93 65.88
C TYR B 323 -33.36 -31.11 66.62
N CYS B 324 -33.66 -32.32 66.17
CA CYS B 324 -33.11 -33.51 66.80
C CYS B 324 -31.59 -33.47 66.76
N SER B 325 -31.02 -32.99 65.66
CA SER B 325 -29.57 -33.02 65.48
C SER B 325 -28.83 -32.15 66.51
N LEU B 326 -29.51 -31.11 67.00
CA LEU B 326 -28.90 -30.18 67.96
C LEU B 326 -28.31 -30.93 69.15
N SER B 327 -28.97 -32.00 69.57
CA SER B 327 -28.49 -32.76 70.72
C SER B 327 -27.64 -33.96 70.32
N GLU B 328 -27.28 -34.04 69.04
CA GLU B 328 -26.43 -35.12 68.56
C GLU B 328 -25.31 -34.53 67.70
N PRO B 329 -24.43 -33.71 68.32
CA PRO B 329 -23.37 -33.04 67.55
C PRO B 329 -22.41 -34.04 66.91
N GLU B 330 -22.16 -35.15 67.59
CA GLU B 330 -21.27 -36.20 67.07
C GLU B 330 -21.83 -36.85 65.80
N VAL B 331 -23.15 -37.01 65.72
CA VAL B 331 -23.79 -37.58 64.53
C VAL B 331 -23.80 -36.54 63.40
N LEU B 332 -24.07 -35.29 63.78
CA LEU B 332 -24.10 -34.20 62.80
C LEU B 332 -22.73 -34.01 62.15
N LEU B 333 -21.67 -34.22 62.93
CA LEU B 333 -20.30 -33.94 62.48
C LEU B 333 -19.40 -35.18 62.30
N GLN B 334 -19.94 -36.30 61.83
CA GLN B 334 -19.09 -37.43 61.41
C GLN B 334 -19.21 -37.70 59.91
N THR B 335 -18.09 -38.00 59.26
CA THR B 335 -16.77 -38.03 59.88
C THR B 335 -15.94 -36.83 59.45
N SER C 6 59.96 16.86 -44.91
CA SER C 6 58.93 16.21 -45.71
C SER C 6 57.56 16.86 -45.49
N LEU C 7 56.72 16.79 -46.52
CA LEU C 7 55.38 17.33 -46.46
C LEU C 7 54.54 16.65 -45.39
N GLN C 8 54.68 15.33 -45.30
CA GLN C 8 53.99 14.56 -44.27
C GLN C 8 54.28 15.13 -42.86
N GLU C 9 55.56 15.36 -42.56
CA GLU C 9 55.96 15.92 -41.28
C GLU C 9 55.37 17.31 -41.09
N LYS C 10 55.44 18.12 -42.14
CA LYS C 10 54.91 19.49 -42.04
C LYS C 10 53.42 19.49 -41.75
N LEU C 11 52.68 18.55 -42.32
CA LEU C 11 51.24 18.44 -42.08
C LEU C 11 50.92 17.95 -40.65
N LEU C 12 51.61 16.90 -40.23
CA LEU C 12 51.44 16.37 -38.87
C LEU C 12 51.70 17.45 -37.81
N SER C 13 52.83 18.14 -37.93
CA SER C 13 53.19 19.18 -36.95
C SER C 13 52.28 20.39 -37.08
N TYR C 14 51.92 20.78 -38.30
CA TYR C 14 51.00 21.89 -38.48
C TYR C 14 49.64 21.64 -37.80
N TYR C 15 49.18 20.38 -37.82
CA TYR C 15 47.91 20.11 -37.14
C TYR C 15 48.06 20.36 -35.65
N ARG C 16 49.13 19.86 -35.05
CA ARG C 16 49.32 20.06 -33.60
C ARG C 16 49.68 21.50 -33.26
N ASN C 17 50.46 22.14 -34.13
CA ASN C 17 50.98 23.47 -33.83
C ASN C 17 49.98 24.60 -34.09
N ARG C 18 49.11 24.40 -35.09
CA ARG C 18 48.18 25.45 -35.49
C ARG C 18 46.70 25.03 -35.43
N ALA C 19 46.36 23.86 -35.94
CA ALA C 19 44.92 23.55 -36.09
C ALA C 19 44.23 23.11 -34.81
N ALA C 20 44.93 22.34 -33.99
CA ALA C 20 44.33 21.81 -32.76
C ALA C 20 44.10 22.91 -31.71
N ILE C 21 42.87 22.97 -31.18
CA ILE C 21 42.55 23.97 -30.17
C ILE C 21 43.08 23.51 -28.80
N PRO C 22 43.77 24.40 -28.07
CA PRO C 22 44.20 24.03 -26.70
C PRO C 22 43.04 23.48 -25.84
N ALA C 23 43.33 22.48 -24.99
CA ALA C 23 42.29 21.75 -24.26
C ALA C 23 41.53 22.65 -23.31
N GLY C 24 42.25 23.53 -22.62
CA GLY C 24 41.64 24.44 -21.68
C GLY C 24 40.70 25.40 -22.39
N GLU C 25 41.16 25.99 -23.49
CA GLU C 25 40.33 26.91 -24.26
C GLU C 25 39.07 26.22 -24.79
N GLN C 26 39.23 25.01 -25.30
CA GLN C 26 38.09 24.26 -25.81
C GLN C 26 37.06 23.98 -24.70
N ALA C 27 37.54 23.53 -23.54
CA ALA C 27 36.63 23.24 -22.42
C ALA C 27 35.86 24.49 -21.94
N ARG C 28 36.57 25.61 -21.80
CA ARG C 28 35.92 26.85 -21.37
C ARG C 28 34.91 27.39 -22.39
N ALA C 29 35.20 27.25 -23.68
CA ALA C 29 34.28 27.71 -24.71
C ALA C 29 33.00 26.87 -24.70
N LYS C 30 33.16 25.56 -24.61
CA LYS C 30 32.01 24.66 -24.48
C LYS C 30 31.20 24.91 -23.21
N GLN C 31 31.89 25.15 -22.09
CA GLN C 31 31.17 25.40 -20.85
C GLN C 31 30.34 26.66 -21.00
N ALA C 32 30.94 27.69 -21.59
CA ALA C 32 30.20 28.95 -21.80
C ALA C 32 28.97 28.73 -22.68
N ALA C 33 29.14 27.98 -23.77
CA ALA C 33 27.97 27.69 -24.62
C ALA C 33 26.89 26.96 -23.80
N VAL C 34 27.31 25.95 -23.04
CA VAL C 34 26.37 25.20 -22.20
C VAL C 34 25.64 26.07 -21.17
N ASP C 35 26.37 26.96 -20.51
CA ASP C 35 25.77 27.83 -19.51
C ASP C 35 24.76 28.74 -20.14
N ILE C 36 25.08 29.22 -21.32
CA ILE C 36 24.17 30.12 -21.99
C ILE C 36 22.93 29.37 -22.48
N CYS C 37 23.14 28.21 -23.08
CA CYS C 37 22.04 27.31 -23.45
C CYS C 37 21.10 27.03 -22.27
N ALA C 38 21.66 26.79 -21.08
CA ALA C 38 20.83 26.59 -19.89
C ALA C 38 20.00 27.83 -19.57
N GLU C 39 20.61 29.02 -19.70
CA GLU C 39 19.89 30.28 -19.43
C GLU C 39 18.72 30.51 -20.38
N LEU C 40 18.86 30.13 -21.65
CA LEU C 40 17.75 30.30 -22.58
C LEU C 40 16.62 29.35 -22.21
N ARG C 41 17.00 28.16 -21.78
CA ARG C 41 16.03 27.16 -21.36
C ARG C 41 15.15 27.69 -20.20
N SER C 42 15.78 28.25 -19.18
CA SER C 42 14.98 28.83 -18.08
C SER C 42 14.18 30.04 -18.57
N PHE C 43 14.74 30.79 -19.50
CA PHE C 43 14.05 31.96 -20.07
C PHE C 43 12.79 31.56 -20.83
N LEU C 44 12.93 30.55 -21.69
CA LEU C 44 11.82 30.08 -22.50
C LEU C 44 10.70 29.58 -21.59
N ARG C 45 11.10 28.91 -20.52
CA ARG C 45 10.17 28.26 -19.62
C ARG C 45 9.36 29.31 -18.87
N ALA C 46 10.04 30.35 -18.39
CA ALA C 46 9.39 31.43 -17.66
C ALA C 46 8.63 32.40 -18.57
N LYS C 47 9.23 32.77 -19.69
CA LYS C 47 8.73 33.92 -20.45
C LYS C 47 7.94 33.57 -21.71
N LEU C 48 8.23 32.43 -22.32
CA LEU C 48 7.52 32.01 -23.54
C LEU C 48 6.83 30.65 -23.46
N PRO C 49 5.92 30.48 -22.47
CA PRO C 49 5.24 29.18 -22.38
C PRO C 49 4.29 28.94 -23.52
N ASP C 50 3.89 29.97 -24.23
CA ASP C 50 2.86 29.81 -25.27
C ASP C 50 3.39 29.90 -26.71
N MET C 51 4.72 29.91 -26.87
CA MET C 51 5.31 29.89 -28.22
C MET C 51 5.74 28.47 -28.57
N PRO C 52 5.16 27.88 -29.64
CA PRO C 52 5.45 26.51 -30.06
C PRO C 52 6.86 26.42 -30.61
N LEU C 53 7.79 26.26 -29.68
CA LEU C 53 9.20 26.21 -29.98
C LEU C 53 9.74 25.19 -29.00
N ARG C 54 10.52 24.24 -29.50
CA ARG C 54 11.18 23.30 -28.58
C ARG C 54 12.39 23.98 -27.96
N ASP C 55 13.06 23.33 -27.01
CA ASP C 55 14.18 24.01 -26.36
C ASP C 55 15.31 24.22 -27.37
N MET C 56 15.99 25.37 -27.26
CA MET C 56 17.18 25.61 -28.08
C MET C 56 18.33 24.66 -27.66
N TYR C 57 19.18 24.29 -28.62
CA TYR C 57 20.28 23.38 -28.32
C TYR C 57 21.50 23.71 -29.16
N LEU C 58 22.66 23.35 -28.63
CA LEU C 58 23.93 23.67 -29.27
C LEU C 58 24.23 22.73 -30.41
N SER C 59 24.82 23.29 -31.46
CA SER C 59 25.14 22.48 -32.63
C SER C 59 26.33 23.11 -33.36
N GLY C 60 27.18 22.29 -33.96
CA GLY C 60 28.23 22.82 -34.80
C GLY C 60 29.59 22.18 -34.63
N SER C 61 30.54 22.62 -35.47
CA SER C 61 31.91 22.15 -35.47
C SER C 61 32.54 22.06 -34.09
N LEU C 62 32.37 23.11 -33.28
CA LEU C 62 32.98 23.11 -31.94
C LEU C 62 32.53 21.88 -31.17
N TYR C 63 31.24 21.57 -31.26
CA TYR C 63 30.69 20.40 -30.56
C TYR C 63 31.16 19.10 -31.19
N ASP C 64 31.44 19.13 -32.49
CA ASP C 64 31.78 17.91 -33.23
C ASP C 64 33.28 17.68 -33.27
N ASP C 65 34.02 18.47 -32.47
CA ASP C 65 35.49 18.39 -32.44
C ASP C 65 36.13 18.60 -33.82
N LEU C 66 35.56 19.52 -34.58
CA LEU C 66 35.98 19.80 -35.95
C LEU C 66 36.37 21.26 -36.11
N GLN C 67 36.18 22.05 -35.04
CA GLN C 67 36.57 23.45 -35.08
C GLN C 67 38.09 23.56 -34.95
N VAL C 68 38.69 24.61 -35.55
CA VAL C 68 40.16 24.68 -35.58
C VAL C 68 40.72 26.03 -35.17
N VAL C 69 42.01 26.03 -34.83
CA VAL C 69 42.77 27.22 -34.43
C VAL C 69 42.33 27.80 -33.10
N THR C 70 41.05 28.15 -33.01
CA THR C 70 40.51 28.73 -31.79
C THR C 70 39.02 28.45 -31.68
N ALA C 71 38.52 28.37 -30.45
CA ALA C 71 37.11 28.11 -30.26
C ALA C 71 36.37 29.45 -30.29
N ASP C 72 35.84 29.78 -31.47
CA ASP C 72 35.23 31.10 -31.71
C ASP C 72 33.78 31.10 -32.22
N ALA C 73 33.18 29.93 -32.44
CA ALA C 73 31.79 29.91 -32.96
C ALA C 73 31.02 28.64 -32.64
N ILE C 74 29.71 28.79 -32.41
CA ILE C 74 28.82 27.65 -32.21
C ILE C 74 27.40 28.09 -32.56
N GLN C 75 26.54 27.16 -32.97
CA GLN C 75 25.15 27.51 -33.27
C GLN C 75 24.23 27.12 -32.11
N LEU C 76 23.22 27.95 -31.85
CA LEU C 76 22.09 27.58 -31.01
C LEU C 76 20.88 27.42 -31.91
N ILE C 77 20.44 26.19 -32.10
CA ILE C 77 19.31 25.92 -32.99
C ILE C 77 18.04 26.34 -32.25
N VAL C 78 17.13 26.99 -32.97
CA VAL C 78 15.88 27.51 -32.46
C VAL C 78 14.79 26.73 -33.20
N PRO C 79 14.37 25.58 -32.63
CA PRO C 79 13.51 24.60 -33.32
C PRO C 79 12.04 24.95 -33.24
N LEU C 80 11.51 25.54 -34.30
CA LEU C 80 10.08 25.86 -34.35
C LEU C 80 9.25 24.59 -34.46
N VAL C 81 8.08 24.58 -33.84
CA VAL C 81 7.16 23.46 -34.03
C VAL C 81 6.10 23.85 -35.06
N LEU C 82 6.02 23.08 -36.14
CA LEU C 82 4.97 23.26 -37.16
C LEU C 82 4.01 22.07 -37.16
N GLU C 83 2.71 22.38 -37.17
CA GLU C 83 1.68 21.38 -37.30
C GLU C 83 1.84 20.63 -38.62
N GLN C 84 1.94 19.31 -38.56
CA GLN C 84 2.15 18.54 -39.78
C GLN C 84 0.97 18.65 -40.76
N ASN C 85 -0.24 18.90 -40.26
CA ASN C 85 -1.38 19.05 -41.16
C ASN C 85 -1.57 20.47 -41.72
N LEU C 86 -0.80 21.44 -41.24
CA LEU C 86 -0.96 22.83 -41.69
C LEU C 86 0.19 23.36 -42.55
N TRP C 87 1.24 22.56 -42.74
CA TRP C 87 2.44 23.03 -43.43
C TRP C 87 3.05 21.94 -44.29
N SER C 88 3.69 22.34 -45.40
CA SER C 88 4.45 21.41 -46.22
C SER C 88 5.73 22.11 -46.68
N CYS C 89 6.72 21.35 -47.15
CA CYS C 89 7.91 21.98 -47.75
C CYS C 89 8.02 21.63 -49.23
N ILE C 90 8.49 22.59 -50.02
CA ILE C 90 8.59 22.40 -51.47
C ILE C 90 10.04 22.59 -51.88
N PRO C 91 10.67 21.52 -52.40
CA PRO C 91 12.08 21.57 -52.83
C PRO C 91 12.30 22.67 -53.87
N GLY C 92 13.36 23.45 -53.70
CA GLY C 92 13.63 24.55 -54.60
C GLY C 92 13.70 24.15 -56.06
N GLU C 93 14.13 22.91 -56.35
CA GLU C 93 14.20 22.43 -57.74
C GLU C 93 12.83 22.03 -58.28
N ASP C 94 11.81 22.05 -57.44
CA ASP C 94 10.45 21.79 -57.92
C ASP C 94 9.69 23.10 -58.10
N THR C 95 10.39 24.23 -57.91
CA THR C 95 9.82 25.55 -58.14
C THR C 95 10.42 26.18 -59.39
N ILE C 96 10.02 27.42 -59.67
CA ILE C 96 10.44 28.11 -60.89
C ILE C 96 11.69 28.96 -60.65
N MET C 97 11.90 29.32 -59.38
CA MET C 97 13.14 29.96 -58.98
C MET C 97 14.26 28.97 -59.27
N ASN C 98 13.91 27.69 -59.26
CA ASN C 98 14.85 26.58 -59.43
C ASN C 98 16.13 26.77 -58.62
N VAL C 99 16.00 26.67 -57.29
CA VAL C 99 17.15 26.81 -56.41
C VAL C 99 17.29 25.54 -55.57
N PRO C 100 18.11 24.58 -56.03
CA PRO C 100 18.30 23.33 -55.28
C PRO C 100 18.94 23.55 -53.92
N GLY C 101 18.56 22.76 -52.91
CA GLY C 101 19.15 22.90 -51.57
C GLY C 101 18.45 23.96 -50.71
N PHE C 102 17.43 24.57 -51.29
CA PHE C 102 16.62 25.59 -50.61
C PHE C 102 15.15 25.21 -50.81
N PHE C 103 14.29 25.53 -49.84
CA PHE C 103 12.91 25.08 -49.87
C PHE C 103 11.96 26.24 -49.53
N LEU C 104 10.77 26.23 -50.13
CA LEU C 104 9.66 27.02 -49.59
C LEU C 104 8.97 26.19 -48.51
N VAL C 105 8.40 26.88 -47.52
CA VAL C 105 7.52 26.23 -46.55
C VAL C 105 6.15 26.86 -46.75
N ARG C 106 5.19 26.05 -47.20
CA ARG C 106 3.90 26.59 -47.58
C ARG C 106 2.86 26.33 -46.48
N ARG C 107 1.99 27.29 -46.27
CA ARG C 107 0.85 27.11 -45.34
C ARG C 107 -0.28 26.33 -46.02
N GLU C 108 -0.61 25.14 -45.51
CA GLU C 108 -1.58 24.28 -46.21
C GLU C 108 -2.98 24.51 -45.69
N ASN C 109 -3.97 24.12 -46.48
CA ASN C 109 -5.39 24.15 -46.06
C ASN C 109 -5.86 25.48 -45.49
N PRO C 110 -5.61 26.58 -46.21
CA PRO C 110 -6.02 27.86 -45.61
C PRO C 110 -7.54 28.07 -45.61
N GLU C 111 -8.28 27.36 -46.47
CA GLU C 111 -9.76 27.47 -46.44
C GLU C 111 -10.37 26.87 -45.17
N TYR C 112 -9.79 25.78 -44.68
CA TYR C 112 -10.36 25.11 -43.52
C TYR C 112 -9.78 25.65 -42.20
N PHE C 113 -8.49 25.98 -42.24
CA PHE C 113 -7.77 26.50 -41.08
C PHE C 113 -7.37 27.95 -41.30
N PRO C 114 -8.19 28.90 -40.82
CA PRO C 114 -7.94 30.31 -41.11
C PRO C 114 -6.71 30.82 -40.37
N ARG C 115 -6.24 32.03 -40.71
CA ARG C 115 -5.05 32.59 -40.08
C ARG C 115 -5.25 32.69 -38.57
N GLY C 116 -4.28 32.20 -37.79
CA GLY C 116 -4.43 32.12 -36.35
C GLY C 116 -4.53 30.66 -35.91
N SER C 117 -4.82 29.77 -36.86
CA SER C 117 -4.84 28.33 -36.61
C SER C 117 -3.45 27.78 -36.29
N SER C 118 -2.40 28.53 -36.65
CA SER C 118 -1.03 28.23 -36.22
C SER C 118 -0.40 29.49 -35.65
N TYR C 119 0.37 29.35 -34.57
CA TYR C 119 1.10 30.49 -34.01
C TYR C 119 1.97 31.11 -35.09
N TRP C 120 2.56 30.25 -35.93
CA TRP C 120 3.51 30.74 -36.92
C TRP C 120 2.86 31.41 -38.14
N ASP C 121 1.53 31.49 -38.15
CA ASP C 121 0.83 32.27 -39.17
C ASP C 121 1.27 33.73 -39.13
N ARG C 122 1.71 34.22 -37.97
CA ARG C 122 2.15 35.62 -37.83
C ARG C 122 3.46 35.90 -38.60
N CYS C 123 4.15 34.85 -39.02
CA CYS C 123 5.33 35.01 -39.89
C CYS C 123 5.09 34.54 -41.34
N VAL C 124 3.83 34.45 -41.76
CA VAL C 124 3.54 34.07 -43.14
C VAL C 124 3.48 35.31 -44.00
N VAL C 125 4.14 35.24 -45.16
CA VAL C 125 4.10 36.30 -46.15
C VAL C 125 3.75 35.67 -47.50
N GLY C 126 2.67 36.13 -48.13
CA GLY C 126 2.27 35.61 -49.43
C GLY C 126 2.05 34.10 -49.44
N GLY C 127 1.57 33.58 -48.31
CA GLY C 127 1.24 32.17 -48.20
C GLY C 127 2.38 31.25 -47.84
N TYR C 128 3.58 31.81 -47.62
CA TYR C 128 4.72 31.00 -47.23
C TYR C 128 5.28 31.47 -45.89
N LEU C 129 5.73 30.52 -45.06
CA LEU C 129 6.40 30.87 -43.81
C LEU C 129 7.74 31.50 -44.18
N SER C 130 7.87 32.80 -43.94
CA SER C 130 9.08 33.50 -44.33
C SER C 130 10.21 33.29 -43.33
N PRO C 131 11.38 32.83 -43.83
CA PRO C 131 12.51 32.65 -42.90
C PRO C 131 13.03 33.99 -42.38
N LYS C 132 12.86 35.03 -43.18
CA LYS C 132 13.25 36.37 -42.74
C LYS C 132 12.38 36.88 -41.57
N THR C 133 11.06 36.71 -41.67
CA THR C 133 10.15 37.21 -40.65
C THR C 133 10.29 36.39 -39.37
N VAL C 134 10.53 35.09 -39.52
CA VAL C 134 10.81 34.22 -38.38
C VAL C 134 12.03 34.72 -37.63
N ALA C 135 13.13 34.90 -38.35
CA ALA C 135 14.36 35.49 -37.80
C ALA C 135 14.11 36.83 -37.10
N ASP C 136 13.36 37.73 -37.74
CA ASP C 136 13.04 39.01 -37.12
C ASP C 136 12.22 38.78 -35.85
N THR C 137 11.17 37.97 -35.96
CA THR C 137 10.27 37.68 -34.85
C THR C 137 11.08 37.18 -33.69
N PHE C 138 12.00 36.28 -33.99
CA PHE C 138 12.80 35.70 -32.95
C PHE C 138 13.59 36.72 -32.15
N GLU C 139 14.31 37.60 -32.82
CA GLU C 139 15.12 38.60 -32.10
C GLU C 139 14.27 39.54 -31.22
N LYS C 140 13.19 40.06 -31.78
CA LYS C 140 12.32 40.98 -31.07
C LYS C 140 11.62 40.31 -29.87
N VAL C 141 11.13 39.10 -30.07
CA VAL C 141 10.40 38.37 -29.03
C VAL C 141 11.33 37.61 -28.06
N VAL C 142 12.42 37.05 -28.58
CA VAL C 142 13.33 36.27 -27.74
C VAL C 142 14.67 36.97 -27.43
N ALA C 143 15.47 37.23 -28.46
CA ALA C 143 16.82 37.76 -28.27
C ALA C 143 16.88 39.12 -27.55
N GLY C 144 15.99 40.04 -27.91
CA GLY C 144 15.98 41.37 -27.32
C GLY C 144 15.31 41.44 -25.96
N SER C 145 14.87 40.29 -25.46
CA SER C 145 14.15 40.23 -24.18
C SER C 145 15.00 39.65 -23.05
N ILE C 146 16.31 39.51 -23.29
CA ILE C 146 17.16 38.87 -22.30
C ILE C 146 18.20 39.83 -21.72
N ASN C 147 18.32 39.85 -20.39
CA ASN C 147 19.32 40.69 -19.71
C ASN C 147 20.72 40.09 -19.79
N TRP C 148 21.29 40.13 -20.99
CA TRP C 148 22.65 39.62 -21.19
C TRP C 148 23.72 40.19 -20.24
N PRO C 149 23.75 41.53 -20.01
CA PRO C 149 24.73 42.07 -19.07
C PRO C 149 24.72 41.36 -17.72
N ALA C 150 23.52 41.15 -17.18
CA ALA C 150 23.37 40.50 -15.88
C ALA C 150 23.80 39.03 -15.88
N ILE C 151 23.29 38.29 -16.86
CA ILE C 151 23.66 36.88 -17.04
C ILE C 151 25.17 36.77 -17.22
N GLY C 152 25.72 37.71 -17.98
CA GLY C 152 27.16 37.83 -18.11
C GLY C 152 27.83 38.06 -16.77
N SER C 153 27.16 38.79 -15.87
CA SER C 153 27.72 39.05 -14.56
C SER C 153 27.70 37.80 -13.67
N LEU C 154 26.59 37.06 -13.71
CA LEU C 154 26.45 35.80 -12.97
C LEU C 154 27.58 34.81 -13.28
N LEU C 155 27.68 34.42 -14.55
CA LEU C 155 28.86 33.71 -15.03
C LEU C 155 29.95 34.78 -15.09
N ASP C 156 31.22 34.45 -15.31
CA ASP C 156 32.20 35.55 -15.43
C ASP C 156 32.57 35.81 -16.88
N TYR C 157 31.54 36.07 -17.69
CA TYR C 157 31.70 36.32 -19.13
C TYR C 157 31.24 37.74 -19.38
N VAL C 158 31.77 38.41 -20.40
CA VAL C 158 31.05 39.58 -20.90
C VAL C 158 30.31 39.17 -22.16
N ILE C 159 29.01 39.44 -22.19
CA ILE C 159 28.18 38.99 -23.30
C ILE C 159 27.65 40.21 -24.04
N ARG C 160 27.81 40.21 -25.36
CA ARG C 160 27.45 41.38 -26.16
C ARG C 160 26.73 40.97 -27.45
N PRO C 161 25.44 41.34 -27.55
CA PRO C 161 24.68 41.20 -28.80
C PRO C 161 25.33 42.06 -29.89
N ALA C 162 25.44 41.53 -31.11
CA ALA C 162 26.16 42.22 -32.19
C ALA C 162 25.44 43.47 -32.69
N GLU C 166 24.15 41.54 -38.07
CA GLU C 166 24.47 40.30 -37.35
C GLU C 166 23.65 40.23 -36.08
N ALA C 167 22.43 40.74 -36.15
CA ALA C 167 21.60 40.92 -34.95
C ALA C 167 21.16 39.63 -34.27
N LEU C 168 21.31 38.50 -34.96
CA LEU C 168 20.95 37.21 -34.37
C LEU C 168 22.16 36.52 -33.74
N THR C 169 23.22 37.28 -33.46
CA THR C 169 24.45 36.71 -32.89
C THR C 169 24.92 37.36 -31.56
N LEU C 170 25.45 36.52 -30.67
CA LEU C 170 25.98 36.94 -29.37
C LEU C 170 27.50 36.76 -29.33
N GLU C 171 28.22 37.78 -28.87
CA GLU C 171 29.65 37.61 -28.63
C GLU C 171 29.89 37.32 -27.14
N VAL C 172 30.52 36.19 -26.84
CA VAL C 172 30.74 35.80 -25.44
C VAL C 172 32.23 35.71 -25.09
N GLN C 173 32.72 36.69 -24.34
CA GLN C 173 34.13 36.66 -23.92
C GLN C 173 34.32 35.70 -22.75
N TYR C 174 34.85 34.51 -23.05
CA TYR C 174 35.03 33.46 -22.03
C TYR C 174 36.45 33.36 -21.45
N GLU C 175 37.35 34.21 -21.94
CA GLU C 175 38.76 34.29 -21.51
C GLU C 175 39.21 35.68 -21.93
N LYS C 176 40.32 36.16 -21.34
CA LYS C 176 40.96 37.36 -21.89
C LYS C 176 41.30 37.06 -23.33
N ASP C 177 40.94 37.97 -24.24
CA ASP C 177 41.29 37.84 -25.66
C ASP C 177 40.74 36.60 -26.37
N LYS C 178 39.76 35.93 -25.77
CA LYS C 178 39.10 34.81 -26.44
C LYS C 178 37.60 34.97 -26.34
N HIS C 179 36.94 34.84 -27.49
CA HIS C 179 35.52 35.09 -27.58
C HIS C 179 34.89 33.97 -28.38
N LEU C 180 33.64 33.66 -28.05
CA LEU C 180 32.87 32.65 -28.75
C LEU C 180 31.72 33.45 -29.34
N VAL C 181 31.49 33.32 -30.64
CA VAL C 181 30.31 33.92 -31.28
C VAL C 181 29.20 32.88 -31.43
N ILE C 182 28.09 33.11 -30.73
CA ILE C 182 26.93 32.21 -30.78
C ILE C 182 25.89 32.81 -31.72
N ASP C 183 25.53 32.08 -32.78
CA ASP C 183 24.43 32.54 -33.64
C ASP C 183 23.16 31.72 -33.43
N PHE C 184 22.04 32.42 -33.34
CA PHE C 184 20.74 31.77 -33.22
C PHE C 184 20.26 31.37 -34.63
N LEU C 185 19.94 30.09 -34.79
CA LEU C 185 19.56 29.57 -36.09
C LEU C 185 18.12 29.02 -36.08
N PRO C 186 17.14 29.84 -36.49
CA PRO C 186 15.78 29.28 -36.55
C PRO C 186 15.74 28.07 -37.48
N SER C 187 14.97 27.06 -37.10
CA SER C 187 14.91 25.81 -37.82
C SER C 187 13.50 25.24 -37.81
N VAL C 188 13.09 24.62 -38.93
CA VAL C 188 11.85 23.85 -38.96
C VAL C 188 12.12 22.44 -39.44
N THR C 189 11.32 21.50 -38.93
CA THR C 189 11.45 20.13 -39.42
C THR C 189 10.08 19.70 -39.92
N LEU C 190 10.02 19.28 -41.18
CA LEU C 190 8.76 18.74 -41.71
C LEU C 190 9.00 17.32 -42.21
N GLY C 191 8.30 16.36 -41.62
CA GLY C 191 8.53 14.96 -41.95
C GLY C 191 9.97 14.67 -41.63
N ASP C 192 10.75 14.30 -42.64
CA ASP C 192 12.16 13.96 -42.41
C ASP C 192 13.11 15.07 -42.84
N THR C 193 12.58 16.28 -43.05
CA THR C 193 13.37 17.33 -43.69
C THR C 193 13.63 18.51 -42.75
N VAL C 194 14.92 18.75 -42.49
CA VAL C 194 15.33 19.80 -41.56
C VAL C 194 15.79 21.03 -42.34
N LEU C 195 15.14 22.16 -42.06
CA LEU C 195 15.40 23.42 -42.74
C LEU C 195 15.90 24.50 -41.78
N VAL C 196 16.86 25.30 -42.21
CA VAL C 196 17.31 26.42 -41.38
C VAL C 196 17.16 27.77 -42.06
N ALA C 197 16.97 28.80 -41.25
CA ALA C 197 16.93 30.17 -41.75
C ALA C 197 18.37 30.69 -41.87
N ARG C 198 19.08 30.22 -42.87
CA ARG C 198 20.36 30.83 -43.20
C ARG C 198 20.24 31.30 -44.64
N PRO C 199 20.09 32.62 -44.82
CA PRO C 199 19.65 33.15 -46.11
C PRO C 199 20.66 32.86 -47.20
N HIS C 200 20.14 32.61 -48.39
CA HIS C 200 20.95 32.62 -49.60
C HIS C 200 21.64 33.97 -49.66
N ARG C 201 22.80 34.02 -50.30
CA ARG C 201 23.52 35.27 -50.43
C ARG C 201 22.74 36.30 -51.29
N LEU C 202 21.93 35.79 -52.21
CA LEU C 202 21.15 36.65 -53.11
C LEU C 202 19.78 36.98 -52.51
N ALA C 203 19.55 38.27 -52.25
CA ALA C 203 18.35 38.73 -51.56
C ALA C 203 17.02 38.44 -52.31
N GLN C 204 17.11 38.16 -53.60
CA GLN C 204 15.92 37.81 -54.38
C GLN C 204 15.38 36.43 -53.97
N TYR C 205 16.21 35.66 -53.28
CA TYR C 205 15.84 34.33 -52.80
C TYR C 205 15.65 34.30 -51.29
N ASP C 206 15.08 35.36 -50.71
CA ASP C 206 15.07 35.47 -49.25
C ASP C 206 13.84 34.94 -48.50
N ASN C 207 12.87 34.43 -49.25
CA ASN C 207 11.82 33.64 -48.63
C ASN C 207 12.15 32.14 -48.66
N LEU C 208 13.39 31.82 -49.05
CA LEU C 208 13.76 30.41 -49.16
C LEU C 208 14.47 29.91 -47.91
N TRP C 209 13.98 28.80 -47.35
CA TRP C 209 14.67 28.15 -46.23
C TRP C 209 15.82 27.32 -46.80
N ARG C 210 16.89 27.17 -46.03
CA ARG C 210 18.06 26.39 -46.45
C ARG C 210 17.96 24.96 -45.92
N LEU C 211 18.14 23.99 -46.81
CA LEU C 211 18.23 22.60 -46.37
C LEU C 211 19.49 22.45 -45.53
N SER C 212 19.32 21.85 -44.36
CA SER C 212 20.42 21.67 -43.42
C SER C 212 21.28 20.49 -43.83
N LEU C 213 22.53 20.77 -44.20
CA LEU C 213 23.45 19.77 -44.71
C LEU C 213 24.49 19.33 -43.67
N ARG C 214 24.87 20.26 -42.80
CA ARG C 214 26.06 20.05 -41.98
C ARG C 214 26.05 18.80 -41.04
N PRO C 215 24.95 18.58 -40.29
CA PRO C 215 24.94 17.40 -39.40
C PRO C 215 25.16 16.08 -40.14
N ALA C 216 24.45 15.85 -41.25
CA ALA C 216 24.64 14.63 -42.03
C ALA C 216 26.05 14.52 -42.64
N GLU C 217 26.60 15.63 -43.12
CA GLU C 217 27.98 15.63 -43.64
C GLU C 217 28.98 15.25 -42.55
N THR C 218 28.79 15.82 -41.37
CA THR C 218 29.66 15.56 -40.24
C THR C 218 29.54 14.11 -39.79
N ALA C 219 28.31 13.61 -39.79
CA ALA C 219 28.04 12.22 -39.42
C ALA C 219 28.77 11.24 -40.34
N ARG C 220 28.59 11.43 -41.64
CA ARG C 220 29.21 10.56 -42.65
C ARG C 220 30.74 10.61 -42.54
N LEU C 221 31.29 11.80 -42.34
CA LEU C 221 32.73 11.95 -42.17
C LEU C 221 33.22 11.17 -40.95
N ARG C 222 32.50 11.27 -39.85
CA ARG C 222 32.89 10.59 -38.61
C ARG C 222 32.80 9.08 -38.82
N ALA C 223 31.77 8.68 -39.56
CA ALA C 223 31.55 7.27 -39.85
C ALA C 223 32.71 6.69 -40.66
N LEU C 224 33.07 7.39 -41.74
CA LEU C 224 34.18 6.95 -42.59
C LEU C 224 35.49 6.74 -41.81
N ASP C 225 35.81 7.67 -40.92
CA ASP C 225 37.02 7.54 -40.09
C ASP C 225 36.89 6.46 -39.01
N GLN C 226 35.73 6.40 -38.35
CA GLN C 226 35.52 5.45 -37.24
C GLN C 226 35.70 3.98 -37.60
N ALA C 227 35.70 3.68 -38.90
CA ALA C 227 35.82 2.30 -39.36
C ALA C 227 37.16 2.03 -40.05
N ASP C 228 38.06 3.00 -40.05
CA ASP C 228 39.22 2.93 -40.93
C ASP C 228 40.58 2.50 -40.32
N SER C 229 41.11 3.16 -39.29
CA SER C 229 40.61 4.39 -38.66
C SER C 229 41.39 5.59 -39.21
N GLY C 230 40.76 6.34 -40.10
CA GLY C 230 41.48 7.15 -41.06
C GLY C 230 41.74 8.60 -40.74
N CYS C 231 42.42 9.28 -41.66
CA CYS C 231 42.82 10.66 -41.43
C CYS C 231 42.01 11.65 -42.26
N ARG C 232 40.74 11.33 -42.54
CA ARG C 232 39.87 12.25 -43.27
C ARG C 232 39.61 13.52 -42.45
N SER C 233 39.18 13.34 -41.21
CA SER C 233 38.92 14.46 -40.30
C SER C 233 40.20 15.26 -40.07
N LEU C 234 41.31 14.54 -39.91
CA LEU C 234 42.60 15.19 -39.72
C LEU C 234 42.91 16.08 -40.94
N CYS C 235 42.77 15.50 -42.15
CA CYS C 235 42.96 16.27 -43.38
C CYS C 235 42.02 17.47 -43.48
N LEU C 236 40.74 17.24 -43.17
CA LEU C 236 39.75 18.33 -43.18
C LEU C 236 40.14 19.45 -42.23
N LYS C 237 40.51 19.10 -41.00
CA LYS C 237 40.87 20.12 -40.04
C LYS C 237 42.09 20.92 -40.52
N ILE C 238 43.05 20.26 -41.14
CA ILE C 238 44.21 20.97 -41.69
C ILE C 238 43.77 21.98 -42.77
N LEU C 239 42.93 21.50 -43.68
CA LEU C 239 42.36 22.37 -44.71
C LEU C 239 41.60 23.55 -44.09
N LYS C 240 40.73 23.29 -43.10
CA LYS C 240 40.00 24.37 -42.45
C LYS C 240 40.96 25.40 -41.85
N ALA C 241 42.02 24.92 -41.19
CA ALA C 241 42.98 25.82 -40.55
C ALA C 241 43.72 26.67 -41.57
N ILE C 242 44.05 26.08 -42.70
CA ILE C 242 44.73 26.80 -43.77
C ILE C 242 43.87 27.96 -44.27
N CYS C 243 42.62 27.65 -44.60
CA CYS C 243 41.69 28.64 -45.14
C CYS C 243 41.40 29.76 -44.14
N LYS C 244 41.23 29.37 -42.89
CA LYS C 244 41.03 30.32 -41.78
C LYS C 244 42.25 31.23 -41.56
N SER C 245 43.45 30.72 -41.85
CA SER C 245 44.68 31.46 -41.60
C SER C 245 45.20 32.21 -42.83
N THR C 246 44.60 31.95 -43.98
CA THR C 246 45.10 32.51 -45.23
C THR C 246 43.99 33.34 -45.86
N PRO C 247 44.10 34.67 -45.73
CA PRO C 247 43.06 35.63 -46.11
C PRO C 247 42.48 35.38 -47.51
N ALA C 248 43.31 35.02 -48.48
CA ALA C 248 42.83 34.77 -49.85
C ALA C 248 42.04 33.46 -50.02
N LEU C 249 42.11 32.59 -49.02
CA LEU C 249 41.38 31.32 -49.06
C LEU C 249 40.18 31.33 -48.10
N GLY C 250 40.00 32.46 -47.41
CA GLY C 250 38.97 32.58 -46.40
C GLY C 250 37.54 32.39 -46.88
N HIS C 251 37.31 32.48 -48.19
CA HIS C 251 35.95 32.35 -48.70
C HIS C 251 35.47 30.91 -48.77
N LEU C 252 36.40 29.96 -48.81
CA LEU C 252 36.02 28.55 -48.77
C LEU C 252 35.38 28.27 -47.41
N THR C 253 34.35 27.42 -47.40
CA THR C 253 33.61 27.16 -46.15
C THR C 253 33.94 25.78 -45.57
N ALA C 254 33.65 25.60 -44.28
CA ALA C 254 33.84 24.30 -43.63
C ALA C 254 33.07 23.22 -44.36
N SER C 255 31.85 23.54 -44.78
CA SER C 255 31.01 22.61 -45.54
C SER C 255 31.57 22.28 -46.92
N GLN C 256 31.97 23.30 -47.67
CA GLN C 256 32.64 23.08 -48.96
C GLN C 256 33.84 22.16 -48.81
N LEU C 257 34.69 22.44 -47.81
CA LEU C 257 35.89 21.62 -47.60
C LEU C 257 35.55 20.18 -47.20
N THR C 258 34.59 20.01 -46.27
CA THR C 258 34.08 18.68 -45.94
C THR C 258 33.63 17.89 -47.19
N ASN C 259 32.89 18.55 -48.07
CA ASN C 259 32.46 17.91 -49.31
C ASN C 259 33.61 17.58 -50.25
N VAL C 260 34.65 18.41 -50.26
CA VAL C 260 35.84 18.05 -51.04
C VAL C 260 36.42 16.75 -50.47
N ILE C 261 36.48 16.68 -49.14
CA ILE C 261 36.98 15.46 -48.50
C ILE C 261 36.05 14.28 -48.77
N LEU C 262 34.75 14.49 -48.63
CA LEU C 262 33.79 13.43 -48.94
C LEU C 262 33.91 12.89 -50.38
N HIS C 263 34.03 13.78 -51.38
CA HIS C 263 34.17 13.32 -52.76
C HIS C 263 35.49 12.56 -52.94
N LEU C 264 36.56 13.04 -52.32
CA LEU C 264 37.86 12.35 -52.41
C LEU C 264 37.79 10.98 -51.77
N ALA C 265 37.07 10.89 -50.64
CA ALA C 265 36.89 9.64 -49.91
C ALA C 265 36.12 8.59 -50.72
N GLN C 266 35.38 9.00 -51.74
CA GLN C 266 34.75 8.04 -52.66
C GLN C 266 35.70 7.55 -53.74
N GLU C 267 36.78 8.29 -53.96
CA GLU C 267 37.74 7.95 -55.01
C GLU C 267 38.98 7.29 -54.40
N GLU C 268 39.14 7.45 -53.08
CA GLU C 268 40.28 6.85 -52.36
C GLU C 268 39.86 6.24 -51.04
N ALA C 269 40.08 4.94 -50.88
CA ALA C 269 39.71 4.23 -49.65
C ALA C 269 40.83 4.18 -48.59
N ASP C 270 42.08 4.39 -49.03
CA ASP C 270 43.21 4.32 -48.09
C ASP C 270 43.51 5.68 -47.44
N TRP C 271 43.04 5.85 -46.20
CA TRP C 271 43.39 7.02 -45.43
C TRP C 271 44.16 6.63 -44.18
N SER C 272 45.12 5.72 -44.32
CA SER C 272 46.02 5.38 -43.22
C SER C 272 46.90 6.61 -42.87
N PRO C 273 47.52 6.62 -41.68
CA PRO C 273 48.29 7.79 -41.25
C PRO C 273 49.31 8.33 -42.27
N ASP C 274 50.09 7.44 -42.87
CA ASP C 274 51.12 7.85 -43.83
C ASP C 274 50.56 8.39 -45.16
N MET C 275 49.26 8.21 -45.41
CA MET C 275 48.67 8.70 -46.66
C MET C 275 48.24 10.16 -46.58
N LEU C 276 48.41 10.80 -45.43
CA LEU C 276 47.91 12.16 -45.22
C LEU C 276 48.43 13.15 -46.27
N ALA C 277 49.74 13.12 -46.53
CA ALA C 277 50.34 14.01 -47.51
C ALA C 277 49.72 13.88 -48.91
N ASP C 278 49.54 12.64 -49.38
CA ASP C 278 49.02 12.42 -50.73
C ASP C 278 47.57 12.90 -50.83
N ARG C 279 46.77 12.59 -49.81
CA ARG C 279 45.37 12.98 -49.83
C ARG C 279 45.23 14.48 -49.81
N PHE C 280 46.11 15.10 -49.02
CA PHE C 280 46.12 16.55 -48.86
C PHE C 280 46.33 17.17 -50.24
N LEU C 281 47.32 16.66 -50.97
CA LEU C 281 47.60 17.14 -52.32
C LEU C 281 46.43 16.86 -53.26
N GLN C 282 45.81 15.70 -53.10
CA GLN C 282 44.62 15.40 -53.91
C GLN C 282 43.45 16.33 -53.57
N ALA C 283 43.31 16.69 -52.30
CA ALA C 283 42.26 17.62 -51.90
C ALA C 283 42.46 18.99 -52.53
N LEU C 284 43.73 19.44 -52.59
CA LEU C 284 44.06 20.70 -53.24
C LEU C 284 43.70 20.63 -54.75
N ARG C 285 44.02 19.52 -55.39
CA ARG C 285 43.73 19.35 -56.82
C ARG C 285 42.24 19.24 -57.11
N GLY C 286 41.51 18.54 -56.25
CA GLY C 286 40.07 18.48 -56.38
C GLY C 286 39.45 19.87 -56.29
N LEU C 287 39.89 20.64 -55.29
CA LEU C 287 39.39 21.99 -55.10
C LEU C 287 39.58 22.84 -56.35
N ILE C 288 40.79 22.80 -56.93
CA ILE C 288 41.07 23.49 -58.19
C ILE C 288 40.11 23.05 -59.29
N SER C 289 39.94 21.74 -59.45
CA SER C 289 38.99 21.23 -60.44
C SER C 289 37.57 21.76 -60.24
N TYR C 290 37.09 21.74 -59.00
CA TYR C 290 35.75 22.24 -58.72
C TYR C 290 35.67 23.75 -59.02
N LEU C 291 36.72 24.49 -58.61
CA LEU C 291 36.75 25.93 -58.83
C LEU C 291 36.72 26.29 -60.32
N GLU C 292 37.50 25.57 -61.14
CA GLU C 292 37.49 25.84 -62.59
C GLU C 292 36.15 25.53 -63.24
N ALA C 293 35.46 24.49 -62.76
CA ALA C 293 34.17 24.12 -63.34
C ALA C 293 33.05 25.01 -62.79
N GLY C 294 33.36 25.69 -61.68
CA GLY C 294 32.41 26.56 -61.05
C GLY C 294 31.38 25.73 -60.29
N VAL C 295 31.66 24.44 -60.14
CA VAL C 295 30.69 23.52 -59.55
C VAL C 295 31.31 22.56 -58.54
N LEU C 296 30.80 22.59 -57.31
CA LEU C 296 31.17 21.62 -56.28
C LEU C 296 29.88 20.98 -55.78
N PRO C 297 29.53 19.82 -56.33
CA PRO C 297 28.28 19.18 -55.89
C PRO C 297 28.33 18.73 -54.43
N SER C 298 27.23 18.92 -53.72
CA SER C 298 27.08 18.35 -52.39
C SER C 298 27.19 16.84 -52.53
N ALA C 299 28.06 16.21 -51.75
CA ALA C 299 28.20 14.76 -51.79
C ALA C 299 26.89 14.02 -51.42
N LEU C 300 26.06 14.62 -50.56
CA LEU C 300 24.81 13.98 -50.13
C LEU C 300 23.57 14.49 -50.87
N ASN C 301 23.73 15.57 -51.62
CA ASN C 301 22.60 16.19 -52.31
C ASN C 301 23.09 16.66 -53.67
N PRO C 302 23.33 15.71 -54.58
CA PRO C 302 24.03 15.94 -55.85
C PRO C 302 23.49 17.12 -56.68
N LYS C 303 22.21 17.46 -56.56
CA LYS C 303 21.65 18.59 -57.32
C LYS C 303 22.22 19.93 -56.85
N VAL C 304 22.73 19.96 -55.63
CA VAL C 304 23.11 21.20 -54.98
C VAL C 304 24.56 21.58 -55.28
N ASN C 305 24.74 22.70 -55.99
CA ASN C 305 26.09 23.24 -56.22
C ASN C 305 26.50 24.09 -55.02
N LEU C 306 27.46 23.60 -54.24
CA LEU C 306 27.89 24.32 -53.04
C LEU C 306 28.66 25.58 -53.40
N PHE C 307 29.06 25.71 -54.66
CA PHE C 307 29.77 26.90 -55.10
C PHE C 307 28.77 27.92 -55.65
N ALA C 308 27.47 27.62 -55.62
CA ALA C 308 26.47 28.50 -56.24
C ALA C 308 26.36 29.89 -55.60
N GLU C 309 26.83 30.02 -54.36
CA GLU C 309 26.83 31.31 -53.66
C GLU C 309 28.16 32.09 -53.68
N LEU C 310 29.20 31.54 -54.33
CA LEU C 310 30.44 32.29 -54.50
C LEU C 310 30.34 33.19 -55.74
N THR C 311 31.05 34.31 -55.71
CA THR C 311 31.07 35.26 -56.83
C THR C 311 32.26 34.95 -57.74
N PRO C 312 32.21 35.44 -58.99
CA PRO C 312 33.32 35.30 -59.95
C PRO C 312 34.70 35.70 -59.38
N GLN C 313 34.78 36.85 -58.73
CA GLN C 313 36.05 37.37 -58.22
C GLN C 313 36.61 36.45 -57.15
N GLU C 314 35.70 35.88 -56.37
CA GLU C 314 36.05 34.94 -55.31
C GLU C 314 36.59 33.63 -55.89
N ILE C 315 35.82 32.99 -56.77
CA ILE C 315 36.24 31.75 -57.41
C ILE C 315 37.59 31.98 -58.10
N ASP C 316 37.76 33.15 -58.68
CA ASP C 316 39.02 33.53 -59.34
C ASP C 316 40.19 33.64 -58.37
N GLU C 317 39.98 34.33 -57.25
CA GLU C 317 41.06 34.51 -56.29
C GLU C 317 41.43 33.18 -55.65
N LEU C 318 40.40 32.39 -55.33
CA LEU C 318 40.58 31.05 -54.78
C LEU C 318 41.38 30.17 -55.73
N GLY C 319 40.94 30.10 -56.99
CA GLY C 319 41.63 29.33 -58.01
C GLY C 319 43.09 29.74 -58.17
N TYR C 320 43.33 31.05 -58.19
CA TYR C 320 44.68 31.61 -58.38
C TYR C 320 45.63 31.26 -57.23
N THR C 321 45.12 31.36 -56.00
CA THR C 321 45.91 31.13 -54.81
C THR C 321 46.35 29.67 -54.72
N LEU C 322 45.42 28.76 -55.00
CA LEU C 322 45.75 27.33 -54.98
C LEU C 322 46.72 26.96 -56.11
N TYR C 323 46.53 27.53 -57.30
CA TYR C 323 47.47 27.32 -58.41
C TYR C 323 48.89 27.70 -57.99
N CYS C 324 49.02 28.86 -57.36
CA CYS C 324 50.34 29.36 -56.99
C CYS C 324 51.00 28.50 -55.93
N SER C 325 50.23 27.60 -55.33
CA SER C 325 50.68 26.77 -54.23
C SER C 325 51.10 25.37 -54.66
N LEU C 326 50.71 24.97 -55.87
CA LEU C 326 50.91 23.61 -56.37
C LEU C 326 52.35 23.12 -56.33
N SER C 327 53.28 24.00 -56.71
CA SER C 327 54.69 23.68 -56.74
C SER C 327 55.31 23.62 -55.33
N GLU C 328 54.75 24.40 -54.40
CA GLU C 328 55.27 24.43 -53.03
C GLU C 328 54.13 24.48 -52.02
N PRO C 329 53.46 23.34 -51.81
CA PRO C 329 52.25 23.30 -50.98
C PRO C 329 52.53 23.70 -49.54
N GLU C 330 53.79 23.55 -49.11
CA GLU C 330 54.16 23.84 -47.73
C GLU C 330 53.96 25.32 -47.36
N VAL C 331 53.96 26.22 -48.34
CA VAL C 331 53.74 27.64 -48.05
C VAL C 331 52.35 27.91 -47.46
N LEU C 332 51.42 27.00 -47.68
CA LEU C 332 50.09 27.15 -47.09
C LEU C 332 50.13 26.83 -45.61
N LEU C 333 51.25 26.25 -45.17
CA LEU C 333 51.37 25.68 -43.84
C LEU C 333 52.14 26.59 -42.89
N GLN C 334 51.96 27.89 -43.05
CA GLN C 334 52.60 28.85 -42.16
C GLN C 334 52.15 28.65 -40.70
N THR C 335 53.12 28.43 -39.82
CA THR C 335 52.86 28.42 -38.38
C THR C 335 54.09 28.93 -37.63
N SER D 6 27.01 -27.11 -0.91
CA SER D 6 25.78 -27.81 -1.34
C SER D 6 24.52 -26.95 -1.20
N LEU D 7 23.71 -26.87 -2.27
CA LEU D 7 22.42 -26.19 -2.20
C LEU D 7 21.54 -26.86 -1.13
N GLN D 8 21.53 -28.20 -1.13
CA GLN D 8 20.80 -28.98 -0.13
C GLN D 8 21.18 -28.63 1.31
N GLU D 9 22.48 -28.53 1.58
CA GLU D 9 22.91 -28.21 2.94
C GLU D 9 22.71 -26.73 3.29
N LYS D 10 22.83 -25.85 2.29
CA LYS D 10 22.56 -24.42 2.51
C LYS D 10 21.08 -24.16 2.84
N LEU D 11 20.19 -24.93 2.25
CA LEU D 11 18.75 -24.79 2.51
C LEU D 11 18.41 -25.21 3.94
N LEU D 12 18.96 -26.34 4.35
CA LEU D 12 18.77 -26.85 5.71
C LEU D 12 19.37 -25.92 6.77
N SER D 13 20.56 -25.39 6.50
CA SER D 13 21.17 -24.38 7.37
C SER D 13 20.27 -23.14 7.50
N TYR D 14 19.74 -22.70 6.35
CA TYR D 14 18.85 -21.54 6.29
C TYR D 14 17.57 -21.77 7.07
N TYR D 15 17.03 -22.98 6.96
CA TYR D 15 15.85 -23.33 7.73
C TYR D 15 16.12 -23.23 9.24
N ARG D 16 17.21 -23.85 9.69
CA ARG D 16 17.56 -23.87 11.11
C ARG D 16 17.86 -22.49 11.66
N ASN D 17 18.58 -21.69 10.88
CA ASN D 17 19.08 -20.40 11.36
C ASN D 17 18.17 -19.20 11.12
N ARG D 18 17.28 -19.31 10.14
CA ARG D 18 16.44 -18.17 9.79
C ARG D 18 14.93 -18.45 9.76
N ALA D 19 14.53 -19.55 9.12
CA ALA D 19 13.08 -19.79 8.94
C ALA D 19 12.39 -20.24 10.23
N ALA D 20 13.00 -21.22 10.90
CA ALA D 20 12.44 -21.77 12.12
C ALA D 20 12.42 -20.73 13.21
N ILE D 21 11.27 -20.53 13.82
CA ILE D 21 11.14 -19.60 14.94
C ILE D 21 11.75 -20.28 16.17
N PRO D 22 12.62 -19.56 16.90
CA PRO D 22 13.15 -20.13 18.14
C PRO D 22 12.00 -20.69 18.98
N ALA D 23 12.16 -21.94 19.44
CA ALA D 23 11.04 -22.67 20.03
C ALA D 23 10.36 -21.94 21.19
N GLY D 24 11.16 -21.34 22.07
CA GLY D 24 10.64 -20.60 23.19
C GLY D 24 9.78 -19.43 22.75
N GLU D 25 10.23 -18.71 21.72
CA GLU D 25 9.44 -17.58 21.22
C GLU D 25 8.11 -18.07 20.68
N GLN D 26 8.16 -19.12 19.87
CA GLN D 26 6.95 -19.69 19.29
C GLN D 26 6.01 -20.10 20.41
N ALA D 27 6.54 -20.77 21.43
CA ALA D 27 5.71 -21.29 22.50
C ALA D 27 5.02 -20.19 23.32
N ARG D 28 5.76 -19.15 23.69
CA ARG D 28 5.17 -18.09 24.52
C ARG D 28 4.17 -17.23 23.71
N ALA D 29 4.47 -17.01 22.44
CA ALA D 29 3.58 -16.25 21.56
C ALA D 29 2.25 -16.99 21.42
N LYS D 30 2.36 -18.29 21.16
CA LYS D 30 1.22 -19.18 21.01
C LYS D 30 0.40 -19.22 22.29
N GLN D 31 1.10 -19.28 23.43
CA GLN D 31 0.46 -19.32 24.74
C GLN D 31 -0.28 -18.02 25.05
N ALA D 32 0.28 -16.90 24.59
CA ALA D 32 -0.39 -15.61 24.77
C ALA D 32 -1.74 -15.61 24.07
N ALA D 33 -1.78 -16.12 22.84
CA ALA D 33 -3.01 -16.18 22.06
C ALA D 33 -4.01 -17.12 22.73
N VAL D 34 -3.51 -18.25 23.22
CA VAL D 34 -4.35 -19.20 23.92
C VAL D 34 -4.94 -18.55 25.18
N ASP D 35 -4.11 -17.83 25.94
CA ASP D 35 -4.58 -17.12 27.15
C ASP D 35 -5.67 -16.09 26.87
N ILE D 36 -5.42 -15.22 25.90
CA ILE D 36 -6.37 -14.18 25.49
C ILE D 36 -7.69 -14.80 25.01
N CYS D 37 -7.59 -15.82 24.14
CA CYS D 37 -8.76 -16.55 23.66
C CYS D 37 -9.59 -17.12 24.79
N ALA D 38 -8.93 -17.73 25.76
CA ALA D 38 -9.60 -18.31 26.93
C ALA D 38 -10.30 -17.22 27.74
N GLU D 39 -9.63 -16.08 27.88
CA GLU D 39 -10.13 -14.98 28.70
C GLU D 39 -11.34 -14.30 28.03
N LEU D 40 -11.30 -14.16 26.71
CA LEU D 40 -12.41 -13.61 25.93
C LEU D 40 -13.65 -14.49 26.03
N ARG D 41 -13.41 -15.80 26.01
CA ARG D 41 -14.47 -16.79 26.05
C ARG D 41 -15.29 -16.62 27.32
N SER D 42 -14.56 -16.46 28.43
CA SER D 42 -15.17 -16.25 29.74
C SER D 42 -15.95 -14.93 29.82
N PHE D 43 -15.34 -13.88 29.27
CA PHE D 43 -15.86 -12.52 29.32
C PHE D 43 -17.13 -12.34 28.47
N LEU D 44 -17.17 -13.00 27.31
CA LEU D 44 -18.23 -12.78 26.34
C LEU D 44 -19.53 -13.54 26.61
N ARG D 45 -19.50 -14.53 27.51
CA ARG D 45 -20.70 -15.33 27.76
C ARG D 45 -21.86 -14.48 28.25
N ALA D 46 -21.55 -13.53 29.13
CA ALA D 46 -22.58 -12.69 29.72
C ALA D 46 -22.87 -11.51 28.80
N LYS D 47 -22.10 -11.44 27.71
CA LYS D 47 -22.28 -10.37 26.77
C LYS D 47 -22.95 -10.98 25.55
N LEU D 48 -23.39 -10.12 24.64
CA LEU D 48 -24.00 -10.53 23.38
C LEU D 48 -25.05 -11.62 23.51
N PRO D 49 -25.94 -11.53 24.52
CA PRO D 49 -26.79 -12.70 24.74
C PRO D 49 -27.68 -13.01 23.54
N ASP D 50 -27.90 -11.97 22.73
CA ASP D 50 -28.73 -12.06 21.52
C ASP D 50 -27.95 -12.22 20.21
N MET D 51 -26.63 -12.04 20.23
CA MET D 51 -25.80 -12.21 19.03
C MET D 51 -25.45 -13.68 18.76
N PRO D 52 -25.82 -14.19 17.58
CA PRO D 52 -25.57 -15.59 17.19
C PRO D 52 -24.10 -15.83 16.89
N LEU D 53 -23.36 -16.07 17.96
CA LEU D 53 -21.91 -16.14 17.94
C LEU D 53 -21.41 -17.32 18.76
N ARG D 54 -20.50 -18.13 18.22
CA ARG D 54 -19.88 -19.13 19.06
C ARG D 54 -18.53 -18.67 19.60
N ASP D 55 -17.90 -19.51 20.42
CA ASP D 55 -16.63 -19.16 21.07
C ASP D 55 -15.62 -18.91 19.98
N MET D 56 -14.89 -17.80 20.09
CA MET D 56 -13.81 -17.51 19.17
C MET D 56 -12.75 -18.60 19.33
N TYR D 57 -12.10 -18.97 18.25
CA TYR D 57 -11.06 -19.98 18.33
C TYR D 57 -9.86 -19.63 17.44
N LEU D 58 -8.68 -20.09 17.87
CA LEU D 58 -7.45 -19.75 17.20
C LEU D 58 -7.26 -20.54 15.91
N SER D 59 -6.64 -19.90 14.92
CA SER D 59 -6.34 -20.59 13.66
C SER D 59 -5.19 -19.91 12.97
N GLY D 60 -4.45 -20.66 12.16
CA GLY D 60 -3.40 -20.05 11.37
C GLY D 60 -2.02 -20.66 11.51
N SER D 61 -1.10 -20.16 10.68
CA SER D 61 0.29 -20.64 10.59
C SER D 61 1.00 -20.82 11.92
N LEU D 62 0.92 -19.80 12.78
CA LEU D 62 1.61 -19.84 14.06
C LEU D 62 1.10 -21.01 14.88
N TYR D 63 -0.21 -21.27 14.76
CA TYR D 63 -0.85 -22.38 15.46
C TYR D 63 -0.45 -23.72 14.86
N ASP D 64 -0.17 -23.72 13.55
CA ASP D 64 0.10 -24.96 12.81
C ASP D 64 1.60 -25.28 12.64
N ASP D 65 2.47 -24.54 13.33
CA ASP D 65 3.94 -24.69 13.21
C ASP D 65 4.43 -24.39 11.79
N LEU D 66 3.84 -23.37 11.17
CA LEU D 66 4.21 -23.02 9.81
C LEU D 66 4.62 -21.56 9.71
N GLN D 67 4.59 -20.84 10.83
CA GLN D 67 5.03 -19.46 10.82
C GLN D 67 6.55 -19.39 10.82
N VAL D 68 7.12 -18.38 10.18
CA VAL D 68 8.56 -18.32 10.04
C VAL D 68 9.18 -17.01 10.53
N VAL D 69 10.47 -17.10 10.86
CA VAL D 69 11.32 -15.98 11.27
C VAL D 69 11.00 -15.46 12.69
N THR D 70 9.76 -15.02 12.90
CA THR D 70 9.34 -14.52 14.21
C THR D 70 7.85 -14.73 14.37
N ALA D 71 7.43 -14.98 15.60
CA ALA D 71 6.02 -15.22 15.88
C ALA D 71 5.33 -13.88 15.91
N ASP D 72 4.67 -13.51 14.82
CA ASP D 72 4.11 -12.17 14.73
C ASP D 72 2.61 -12.07 14.42
N ALA D 73 1.95 -13.19 14.11
CA ALA D 73 0.54 -13.11 13.72
C ALA D 73 -0.25 -14.39 13.91
N ILE D 74 -1.52 -14.23 14.27
CA ILE D 74 -2.44 -15.35 14.40
C ILE D 74 -3.88 -14.86 14.29
N GLN D 75 -4.78 -15.73 13.84
CA GLN D 75 -6.18 -15.36 13.67
C GLN D 75 -7.01 -15.86 14.84
N LEU D 76 -8.00 -15.05 15.23
CA LEU D 76 -9.09 -15.53 16.06
C LEU D 76 -10.33 -15.65 15.17
N ILE D 77 -10.75 -16.88 14.90
CA ILE D 77 -11.96 -17.05 14.09
C ILE D 77 -13.14 -16.64 14.93
N VAL D 78 -14.02 -15.83 14.33
CA VAL D 78 -15.25 -15.41 14.97
C VAL D 78 -16.41 -16.06 14.25
N PRO D 79 -16.85 -17.22 14.75
CA PRO D 79 -17.86 -18.00 14.02
C PRO D 79 -19.28 -17.49 14.26
N LEU D 80 -19.89 -17.04 13.17
CA LEU D 80 -21.23 -16.49 13.25
C LEU D 80 -22.25 -17.57 12.90
N VAL D 81 -23.41 -17.53 13.54
CA VAL D 81 -24.46 -18.50 13.23
C VAL D 81 -25.47 -17.86 12.28
N LEU D 82 -25.52 -18.37 11.05
CA LEU D 82 -26.51 -17.96 10.04
C LEU D 82 -27.59 -18.99 9.84
N GLU D 83 -28.84 -18.54 9.83
CA GLU D 83 -29.96 -19.45 9.58
C GLU D 83 -29.80 -19.98 8.16
N GLN D 84 -29.97 -21.29 8.00
CA GLN D 84 -29.97 -21.95 6.70
C GLN D 84 -31.07 -21.45 5.75
N ASN D 85 -32.27 -21.21 6.28
CA ASN D 85 -33.41 -20.78 5.47
C ASN D 85 -33.49 -19.31 5.03
N LEU D 86 -32.75 -18.42 5.69
CA LEU D 86 -32.88 -16.99 5.38
C LEU D 86 -31.78 -16.45 4.47
N TRP D 87 -30.80 -17.28 4.14
CA TRP D 87 -29.60 -16.79 3.47
C TRP D 87 -29.14 -17.76 2.39
N SER D 88 -28.55 -17.23 1.33
CA SER D 88 -27.98 -18.09 0.31
C SER D 88 -26.68 -17.49 -0.17
N CYS D 89 -25.84 -18.31 -0.78
CA CYS D 89 -24.59 -17.82 -1.34
C CYS D 89 -24.71 -17.70 -2.85
N ILE D 90 -24.15 -16.62 -3.40
CA ILE D 90 -24.11 -16.44 -4.83
C ILE D 90 -22.64 -16.30 -5.20
N PRO D 91 -22.13 -17.22 -6.03
CA PRO D 91 -20.72 -17.16 -6.43
C PRO D 91 -20.37 -15.86 -7.15
N GLY D 92 -19.23 -15.26 -6.80
CA GLY D 92 -18.85 -13.98 -7.38
C GLY D 92 -18.76 -13.99 -8.90
N GLU D 93 -18.41 -15.13 -9.47
CA GLU D 93 -18.33 -15.24 -10.92
C GLU D 93 -19.71 -15.23 -11.59
N ASP D 94 -20.77 -15.42 -10.80
CA ASP D 94 -22.14 -15.36 -11.32
C ASP D 94 -22.78 -13.99 -11.12
N THR D 95 -21.99 -13.03 -10.65
CA THR D 95 -22.45 -11.65 -10.50
C THR D 95 -21.85 -10.83 -11.64
N ILE D 96 -22.35 -9.62 -11.83
CA ILE D 96 -21.77 -8.72 -12.85
C ILE D 96 -20.34 -8.34 -12.51
N MET D 97 -20.01 -8.35 -11.22
CA MET D 97 -18.64 -8.05 -10.80
C MET D 97 -17.65 -9.12 -11.29
N ASN D 98 -18.13 -10.36 -11.40
CA ASN D 98 -17.33 -11.45 -11.96
C ASN D 98 -16.04 -11.63 -11.17
N VAL D 99 -16.18 -11.91 -9.88
CA VAL D 99 -15.01 -12.05 -9.02
C VAL D 99 -15.02 -13.46 -8.41
N PRO D 100 -14.29 -14.40 -9.05
CA PRO D 100 -14.20 -15.74 -8.45
C PRO D 100 -13.52 -15.72 -7.07
N GLY D 101 -13.82 -16.70 -6.23
CA GLY D 101 -13.21 -16.76 -4.91
C GLY D 101 -13.93 -15.88 -3.92
N PHE D 102 -15.00 -15.23 -4.38
CA PHE D 102 -15.80 -14.37 -3.52
C PHE D 102 -17.27 -14.66 -3.73
N PHE D 103 -18.08 -14.30 -2.74
CA PHE D 103 -19.51 -14.58 -2.75
C PHE D 103 -20.35 -13.40 -2.26
N LEU D 104 -21.53 -13.25 -2.84
CA LEU D 104 -22.59 -12.45 -2.22
C LEU D 104 -23.39 -13.35 -1.30
N VAL D 105 -23.86 -12.79 -0.18
CA VAL D 105 -24.77 -13.54 0.67
C VAL D 105 -26.11 -12.81 0.60
N ARG D 106 -27.11 -13.49 0.06
CA ARG D 106 -28.38 -12.83 -0.18
C ARG D 106 -29.39 -13.17 0.90
N ARG D 107 -30.15 -12.17 1.33
CA ARG D 107 -31.28 -12.40 2.24
C ARG D 107 -32.46 -13.00 1.46
N GLU D 108 -32.79 -14.24 1.77
CA GLU D 108 -33.87 -14.94 1.07
C GLU D 108 -35.23 -14.55 1.63
N ASN D 109 -36.28 -14.62 0.81
CA ASN D 109 -37.66 -14.39 1.27
C ASN D 109 -37.80 -13.11 2.11
N PRO D 110 -37.31 -11.97 1.60
CA PRO D 110 -37.27 -10.75 2.43
C PRO D 110 -38.67 -10.27 2.80
N GLU D 111 -39.68 -10.72 2.05
CA GLU D 111 -41.04 -10.33 2.32
C GLU D 111 -41.75 -11.33 3.24
N TYR D 112 -41.66 -12.62 2.91
CA TYR D 112 -42.34 -13.65 3.69
C TYR D 112 -41.81 -13.80 5.12
N PHE D 113 -40.48 -13.83 5.28
CA PHE D 113 -39.85 -13.76 6.60
C PHE D 113 -39.30 -12.36 6.70
N PRO D 114 -40.10 -11.45 7.23
CA PRO D 114 -39.76 -10.02 7.11
C PRO D 114 -38.51 -9.65 7.89
N ARG D 115 -38.01 -8.45 7.62
CA ARG D 115 -36.87 -7.89 8.31
C ARG D 115 -37.14 -7.96 9.81
N GLY D 116 -36.19 -8.52 10.56
CA GLY D 116 -36.38 -8.79 11.98
C GLY D 116 -36.40 -10.28 12.27
N SER D 117 -36.56 -11.10 11.24
CA SER D 117 -36.53 -12.55 11.39
C SER D 117 -35.14 -13.04 11.84
N SER D 118 -34.09 -12.37 11.36
CA SER D 118 -32.72 -12.73 11.72
C SER D 118 -32.00 -11.59 12.43
N TYR D 119 -31.16 -11.93 13.42
CA TYR D 119 -30.26 -10.94 14.01
C TYR D 119 -29.49 -10.22 12.92
N TRP D 120 -29.08 -10.98 11.91
CA TRP D 120 -28.20 -10.46 10.88
C TRP D 120 -28.88 -9.54 9.89
N ASP D 121 -30.19 -9.37 10.02
CA ASP D 121 -30.90 -8.37 9.23
C ASP D 121 -30.36 -6.96 9.49
N ARG D 122 -29.71 -6.77 10.64
CA ARG D 122 -29.14 -5.45 10.95
C ARG D 122 -27.86 -5.16 10.17
N CYS D 123 -27.35 -6.17 9.46
CA CYS D 123 -26.12 -6.01 8.69
C CYS D 123 -26.38 -6.13 7.20
N VAL D 124 -27.65 -6.05 6.81
CA VAL D 124 -28.07 -6.15 5.42
C VAL D 124 -27.94 -4.79 4.72
N VAL D 125 -27.32 -4.79 3.54
CA VAL D 125 -27.21 -3.60 2.71
C VAL D 125 -27.63 -3.97 1.29
N GLY D 126 -28.62 -3.26 0.73
CA GLY D 126 -29.08 -3.55 -0.62
C GLY D 126 -29.56 -4.97 -0.85
N GLY D 127 -30.14 -5.59 0.17
CA GLY D 127 -30.63 -6.96 0.06
C GLY D 127 -29.57 -8.04 0.30
N TYR D 128 -28.33 -7.63 0.53
CA TYR D 128 -27.27 -8.58 0.81
C TYR D 128 -26.66 -8.36 2.20
N LEU D 129 -26.21 -9.45 2.82
CA LEU D 129 -25.49 -9.36 4.06
C LEU D 129 -24.06 -8.89 3.80
N SER D 130 -23.79 -7.65 4.17
CA SER D 130 -22.48 -7.05 3.95
C SER D 130 -21.40 -7.53 4.93
N PRO D 131 -20.29 -8.05 4.39
CA PRO D 131 -19.17 -8.46 5.24
C PRO D 131 -18.56 -7.27 5.95
N LYS D 132 -18.63 -6.10 5.33
CA LYS D 132 -18.08 -4.89 5.95
C LYS D 132 -18.92 -4.46 7.13
N THR D 133 -20.24 -4.54 7.00
CA THR D 133 -21.12 -4.19 8.10
C THR D 133 -20.97 -5.21 9.24
N VAL D 134 -20.88 -6.49 8.88
CA VAL D 134 -20.61 -7.50 9.89
C VAL D 134 -19.30 -7.19 10.62
N ALA D 135 -18.24 -6.89 9.88
CA ALA D 135 -16.98 -6.54 10.52
C ALA D 135 -17.11 -5.31 11.42
N ASP D 136 -17.74 -4.25 10.89
CA ASP D 136 -17.94 -3.02 11.66
C ASP D 136 -18.75 -3.31 12.92
N THR D 137 -19.86 -4.02 12.75
CA THR D 137 -20.72 -4.37 13.87
C THR D 137 -19.91 -5.19 14.85
N PHE D 138 -19.11 -6.11 14.33
CA PHE D 138 -18.29 -6.91 15.21
C PHE D 138 -17.27 -6.03 15.95
N GLU D 139 -16.70 -5.03 15.30
CA GLU D 139 -15.80 -4.12 16.03
C GLU D 139 -16.52 -3.29 17.11
N LYS D 140 -17.48 -2.47 16.68
CA LYS D 140 -18.17 -1.54 17.58
C LYS D 140 -19.00 -2.23 18.67
N VAL D 141 -19.93 -3.09 18.27
CA VAL D 141 -20.87 -3.62 19.26
C VAL D 141 -20.22 -4.60 20.21
N VAL D 142 -19.38 -5.49 19.69
CA VAL D 142 -18.77 -6.52 20.51
C VAL D 142 -17.31 -6.26 20.94
N ALA D 143 -16.40 -5.95 20.03
CA ALA D 143 -15.00 -5.75 20.44
C ALA D 143 -14.83 -4.62 21.46
N GLY D 144 -15.50 -3.49 21.21
CA GLY D 144 -15.42 -2.35 22.11
C GLY D 144 -16.06 -2.65 23.46
N SER D 145 -16.72 -3.79 23.52
CA SER D 145 -17.35 -4.32 24.73
C SER D 145 -16.36 -5.14 25.58
N ILE D 146 -15.11 -5.24 25.15
CA ILE D 146 -14.06 -6.02 25.86
C ILE D 146 -13.10 -5.11 26.63
N ASN D 147 -12.76 -5.43 27.88
CA ASN D 147 -11.84 -4.60 28.65
C ASN D 147 -10.39 -5.06 28.53
N TRP D 148 -9.69 -4.52 27.54
CA TRP D 148 -8.34 -4.99 27.23
C TRP D 148 -7.28 -4.72 28.31
N PRO D 149 -7.25 -3.49 28.87
CA PRO D 149 -6.27 -3.28 29.96
C PRO D 149 -6.45 -4.26 31.12
N ALA D 150 -7.69 -4.63 31.42
CA ALA D 150 -7.95 -5.59 32.50
C ALA D 150 -7.41 -6.97 32.12
N ILE D 151 -7.68 -7.41 30.90
CA ILE D 151 -7.12 -8.68 30.44
C ILE D 151 -5.61 -8.58 30.41
N GLY D 152 -5.12 -7.45 29.90
CA GLY D 152 -3.70 -7.20 29.77
C GLY D 152 -2.98 -7.11 31.10
N SER D 153 -3.64 -6.55 32.11
CA SER D 153 -3.04 -6.48 33.44
C SER D 153 -3.02 -7.86 34.10
N LEU D 154 -4.07 -8.65 33.87
CA LEU D 154 -4.16 -9.99 34.45
C LEU D 154 -3.03 -10.88 33.96
N LEU D 155 -2.79 -10.84 32.65
CA LEU D 155 -1.69 -11.57 32.06
C LEU D 155 -0.64 -10.46 32.13
N ASP D 156 0.60 -10.70 31.78
CA ASP D 156 1.53 -9.57 31.82
C ASP D 156 1.70 -9.10 30.38
N TYR D 157 0.58 -8.79 29.74
CA TYR D 157 0.66 -8.38 28.34
C TYR D 157 0.17 -6.94 28.19
N VAL D 158 0.71 -6.23 27.21
CA VAL D 158 0.13 -4.95 26.82
C VAL D 158 -0.71 -5.21 25.57
N ILE D 159 -2.02 -5.12 25.74
CA ILE D 159 -2.96 -5.45 24.67
C ILE D 159 -3.68 -4.20 24.19
N ARG D 160 -3.39 -3.79 22.96
CA ARG D 160 -3.97 -2.60 22.38
C ARG D 160 -4.71 -2.92 21.09
N PRO D 161 -6.01 -2.64 21.07
CA PRO D 161 -6.71 -2.80 19.80
C PRO D 161 -6.14 -1.78 18.82
N ALA D 162 -5.91 -2.17 17.57
CA ALA D 162 -5.39 -1.21 16.62
C ALA D 162 -6.48 -0.19 16.33
N PRO D 163 -6.10 1.07 16.21
CA PRO D 163 -7.07 2.13 15.89
C PRO D 163 -7.41 2.00 14.42
N PRO D 164 -8.57 2.51 13.99
CA PRO D 164 -8.93 2.39 12.58
C PRO D 164 -7.94 3.19 11.74
N PRO D 165 -7.64 2.75 10.50
CA PRO D 165 -8.01 1.53 9.79
C PRO D 165 -7.29 0.34 10.40
N GLU D 166 -7.74 -0.87 10.12
CA GLU D 166 -7.14 -2.09 10.66
C GLU D 166 -7.70 -2.30 12.07
N ALA D 167 -8.97 -1.94 12.21
CA ALA D 167 -9.67 -2.00 13.49
C ALA D 167 -9.90 -3.42 14.01
N LEU D 168 -9.94 -4.41 13.14
CA LEU D 168 -10.14 -5.80 13.59
C LEU D 168 -8.88 -6.48 14.12
N THR D 169 -7.83 -5.73 14.45
CA THR D 169 -6.65 -6.40 15.01
C THR D 169 -6.20 -5.92 16.39
N LEU D 170 -5.53 -6.85 17.06
CA LEU D 170 -5.05 -6.66 18.42
C LEU D 170 -3.52 -6.74 18.47
N GLU D 171 -2.90 -5.68 18.96
CA GLU D 171 -1.46 -5.69 19.20
C GLU D 171 -1.14 -6.14 20.61
N VAL D 172 -0.44 -7.27 20.70
CA VAL D 172 -0.13 -7.90 21.96
C VAL D 172 1.40 -7.90 22.17
N GLN D 173 1.88 -7.11 23.14
CA GLN D 173 3.27 -7.20 23.54
C GLN D 173 3.27 -8.20 24.69
N TYR D 174 3.67 -9.44 24.40
CA TYR D 174 3.50 -10.51 25.37
C TYR D 174 4.72 -10.68 26.27
N GLU D 175 5.80 -10.01 25.89
CA GLU D 175 6.98 -9.87 26.74
C GLU D 175 7.80 -8.72 26.18
N LYS D 176 8.85 -8.30 26.89
CA LYS D 176 9.63 -7.15 26.48
C LYS D 176 10.16 -7.27 25.05
N ASP D 177 9.77 -6.30 24.23
CA ASP D 177 10.22 -6.15 22.84
C ASP D 177 9.81 -7.31 21.92
N LYS D 178 8.81 -8.08 22.33
CA LYS D 178 8.28 -9.13 21.48
C LYS D 178 6.80 -8.85 21.24
N HIS D 179 6.40 -8.89 19.98
CA HIS D 179 5.07 -8.45 19.60
C HIS D 179 4.34 -9.45 18.72
N LEU D 180 3.03 -9.47 18.83
CA LEU D 180 2.19 -10.39 18.11
C LEU D 180 0.90 -9.64 17.74
N VAL D 181 0.42 -9.86 16.53
CA VAL D 181 -0.84 -9.27 16.08
C VAL D 181 -1.92 -10.35 15.94
N ILE D 182 -3.06 -10.13 16.59
CA ILE D 182 -4.19 -11.05 16.47
C ILE D 182 -5.25 -10.38 15.64
N ASP D 183 -5.68 -11.03 14.56
CA ASP D 183 -6.78 -10.46 13.80
C ASP D 183 -8.03 -11.30 13.97
N PHE D 184 -9.15 -10.60 14.14
CA PHE D 184 -10.43 -11.27 14.29
C PHE D 184 -10.99 -11.51 12.90
N LEU D 185 -11.44 -12.73 12.66
CA LEU D 185 -11.93 -13.10 11.34
C LEU D 185 -13.35 -13.63 11.45
N PRO D 186 -14.33 -12.74 11.26
CA PRO D 186 -15.73 -13.19 11.21
C PRO D 186 -15.86 -14.29 10.16
N SER D 187 -16.57 -15.35 10.50
CA SER D 187 -16.70 -16.48 9.60
C SER D 187 -18.14 -16.99 9.64
N VAL D 188 -18.68 -17.30 8.46
CA VAL D 188 -20.00 -17.92 8.37
C VAL D 188 -19.97 -19.20 7.51
N THR D 189 -20.91 -20.09 7.78
CA THR D 189 -21.09 -21.29 6.96
C THR D 189 -22.54 -21.29 6.48
N LEU D 190 -22.72 -21.20 5.16
CA LEU D 190 -24.03 -21.22 4.49
C LEU D 190 -24.04 -22.30 3.45
N GLY D 191 -25.07 -23.13 3.48
CA GLY D 191 -25.09 -24.34 2.69
C GLY D 191 -23.97 -25.17 3.29
N ASP D 192 -23.00 -25.54 2.47
CA ASP D 192 -21.86 -26.29 2.98
C ASP D 192 -20.59 -25.51 2.65
N THR D 193 -20.74 -24.20 2.50
CA THR D 193 -19.68 -23.29 2.08
C THR D 193 -19.13 -22.38 3.20
N VAL D 194 -17.82 -22.36 3.39
CA VAL D 194 -17.25 -21.55 4.47
C VAL D 194 -16.78 -20.20 3.93
N LEU D 195 -17.34 -19.11 4.47
CA LEU D 195 -17.04 -17.76 4.03
C LEU D 195 -16.40 -16.93 5.14
N VAL D 196 -15.48 -16.05 4.75
CA VAL D 196 -14.85 -15.17 5.73
C VAL D 196 -14.93 -13.71 5.31
N ALA D 197 -15.03 -12.83 6.30
CA ALA D 197 -15.05 -11.40 6.05
C ALA D 197 -13.60 -10.92 5.99
N ARG D 198 -12.93 -11.27 4.89
CA ARG D 198 -11.55 -10.83 4.66
C ARG D 198 -11.61 -10.09 3.34
N PRO D 199 -11.67 -8.75 3.40
CA PRO D 199 -12.03 -7.93 2.24
C PRO D 199 -11.09 -8.09 1.07
N HIS D 200 -11.66 -8.08 -0.13
CA HIS D 200 -10.89 -7.94 -1.35
C HIS D 200 -10.06 -6.65 -1.23
N ARG D 201 -8.89 -6.65 -1.85
CA ARG D 201 -8.00 -5.48 -1.81
C ARG D 201 -8.66 -4.20 -2.35
N LEU D 202 -9.64 -4.38 -3.23
CA LEU D 202 -10.33 -3.24 -3.83
C LEU D 202 -11.64 -2.96 -3.10
N ALA D 203 -11.83 -1.70 -2.69
CA ALA D 203 -13.02 -1.29 -1.96
C ALA D 203 -14.32 -1.46 -2.76
N GLN D 204 -14.21 -1.45 -4.08
CA GLN D 204 -15.38 -1.59 -4.94
C GLN D 204 -15.97 -3.01 -4.85
N TYR D 205 -15.18 -3.93 -4.30
CA TYR D 205 -15.64 -5.30 -4.05
C TYR D 205 -15.90 -5.54 -2.56
N ASP D 206 -16.12 -4.46 -1.80
CA ASP D 206 -16.25 -4.61 -0.34
C ASP D 206 -17.55 -5.25 0.15
N ASN D 207 -18.49 -5.51 -0.75
CA ASN D 207 -19.70 -6.21 -0.34
C ASN D 207 -19.55 -7.72 -0.47
N LEU D 208 -18.38 -8.18 -0.90
CA LEU D 208 -18.19 -9.60 -1.17
C LEU D 208 -17.46 -10.35 -0.05
N TRP D 209 -18.06 -11.45 0.40
CA TRP D 209 -17.42 -12.35 1.34
C TRP D 209 -16.33 -13.13 0.61
N ARG D 210 -15.28 -13.51 1.34
CA ARG D 210 -14.20 -14.33 0.77
C ARG D 210 -14.44 -15.81 1.05
N LEU D 211 -14.31 -16.64 0.01
CA LEU D 211 -14.32 -18.08 0.19
C LEU D 211 -13.06 -18.47 0.95
N SER D 212 -13.26 -19.16 2.07
CA SER D 212 -12.15 -19.53 2.93
C SER D 212 -11.28 -20.61 2.30
N LEU D 213 -9.98 -20.37 2.27
CA LEU D 213 -9.07 -21.31 1.64
C LEU D 213 -7.98 -21.79 2.59
N ARG D 214 -7.49 -20.90 3.45
CA ARG D 214 -6.31 -21.22 4.25
C ARG D 214 -6.39 -22.46 5.17
N PRO D 215 -7.45 -22.58 5.99
CA PRO D 215 -7.54 -23.79 6.81
C PRO D 215 -7.51 -25.09 6.00
N ALA D 216 -8.26 -25.13 4.92
CA ALA D 216 -8.31 -26.33 4.09
C ALA D 216 -7.00 -26.59 3.30
N GLU D 217 -6.37 -25.53 2.80
CA GLU D 217 -5.07 -25.64 2.10
C GLU D 217 -4.04 -26.29 3.02
N THR D 218 -3.99 -25.76 4.22
CA THR D 218 -3.03 -26.17 5.24
C THR D 218 -3.27 -27.60 5.71
N ALA D 219 -4.53 -27.98 5.84
CA ALA D 219 -4.87 -29.34 6.23
C ALA D 219 -4.42 -30.33 5.15
N ARG D 220 -4.63 -29.98 3.89
CA ARG D 220 -4.23 -30.84 2.77
C ARG D 220 -2.71 -31.03 2.77
N LEU D 221 -1.98 -29.94 2.96
CA LEU D 221 -0.52 -29.98 3.02
C LEU D 221 -0.02 -30.91 4.11
N ARG D 222 -0.56 -30.74 5.31
CA ARG D 222 -0.14 -31.55 6.45
C ARG D 222 -0.49 -33.02 6.27
N ALA D 223 -1.66 -33.28 5.69
CA ALA D 223 -2.05 -34.65 5.38
C ALA D 223 -1.04 -35.30 4.43
N LEU D 224 -0.61 -34.57 3.42
CA LEU D 224 0.39 -35.06 2.47
C LEU D 224 1.71 -35.39 3.16
N ASP D 225 2.21 -34.46 3.96
CA ASP D 225 3.45 -34.67 4.70
C ASP D 225 3.33 -35.73 5.80
N GLN D 226 2.17 -35.79 6.48
CA GLN D 226 1.97 -36.77 7.54
C GLN D 226 2.11 -38.20 7.04
N ALA D 227 1.78 -38.41 5.78
CA ALA D 227 1.77 -39.74 5.18
C ALA D 227 3.11 -40.35 4.74
N ASP D 228 4.16 -39.57 4.46
CA ASP D 228 5.30 -40.23 3.77
C ASP D 228 6.83 -40.08 4.04
N SER D 229 7.35 -39.41 5.07
CA SER D 229 6.80 -38.28 5.79
C SER D 229 7.61 -37.13 5.19
N GLY D 230 7.02 -36.42 4.24
CA GLY D 230 7.77 -35.55 3.37
C GLY D 230 8.18 -34.16 3.82
N CYS D 231 8.91 -33.49 2.94
CA CYS D 231 9.47 -32.18 3.23
C CYS D 231 8.72 -31.05 2.55
N ARG D 232 7.43 -31.25 2.31
CA ARG D 232 6.59 -30.21 1.72
C ARG D 232 6.49 -28.97 2.62
N SER D 233 6.20 -29.18 3.91
CA SER D 233 6.06 -28.08 4.85
C SER D 233 7.42 -27.37 5.02
N LEU D 234 8.47 -28.17 5.10
CA LEU D 234 9.83 -27.64 5.24
C LEU D 234 10.13 -26.73 4.05
N CYS D 235 9.87 -27.23 2.84
CA CYS D 235 10.13 -26.45 1.63
C CYS D 235 9.29 -25.16 1.65
N LEU D 236 8.03 -25.27 2.06
CA LEU D 236 7.17 -24.08 2.21
C LEU D 236 7.75 -23.06 3.18
N LYS D 237 8.17 -23.52 4.35
CA LYS D 237 8.68 -22.60 5.37
C LYS D 237 9.92 -21.87 4.88
N ILE D 238 10.77 -22.58 4.14
CA ILE D 238 11.91 -21.92 3.51
C ILE D 238 11.45 -20.83 2.55
N LEU D 239 10.53 -21.14 1.65
CA LEU D 239 10.01 -20.13 0.73
C LEU D 239 9.38 -18.94 1.47
N LYS D 240 8.59 -19.22 2.50
CA LYS D 240 7.98 -18.15 3.30
C LYS D 240 9.05 -17.22 3.91
N ALA D 241 10.11 -17.80 4.46
CA ALA D 241 11.17 -17.00 5.08
C ALA D 241 11.88 -16.12 4.07
N ILE D 242 12.17 -16.68 2.90
CA ILE D 242 12.81 -15.91 1.83
C ILE D 242 11.98 -14.69 1.46
N CYS D 243 10.69 -14.91 1.25
CA CYS D 243 9.78 -13.81 0.90
C CYS D 243 9.61 -12.80 2.02
N LYS D 244 9.59 -13.28 3.27
CA LYS D 244 9.46 -12.41 4.43
C LYS D 244 10.77 -11.62 4.67
N SER D 245 11.88 -12.19 4.23
CA SER D 245 13.19 -11.56 4.46
C SER D 245 13.70 -10.74 3.27
N THR D 246 12.98 -10.79 2.15
CA THR D 246 13.44 -10.10 0.94
C THR D 246 12.38 -9.09 0.52
N PRO D 247 12.64 -7.79 0.74
CA PRO D 247 11.63 -6.75 0.47
C PRO D 247 10.98 -6.86 -0.90
N ALA D 248 11.76 -7.11 -1.94
CA ALA D 248 11.21 -7.25 -3.29
C ALA D 248 10.24 -8.42 -3.42
N LEU D 249 10.30 -9.40 -2.50
CA LEU D 249 9.47 -10.58 -2.61
C LEU D 249 8.33 -10.57 -1.59
N GLY D 250 8.23 -9.49 -0.81
CA GLY D 250 7.26 -9.41 0.27
C GLY D 250 5.79 -9.54 -0.10
N HIS D 251 5.45 -9.23 -1.35
CA HIS D 251 4.03 -9.29 -1.74
C HIS D 251 3.54 -10.72 -1.89
N LEU D 252 4.45 -11.68 -2.00
CA LEU D 252 4.04 -13.08 -1.96
C LEU D 252 3.55 -13.44 -0.56
N THR D 253 2.42 -14.16 -0.50
CA THR D 253 1.78 -14.52 0.77
C THR D 253 1.99 -16.00 1.07
N ALA D 254 1.82 -16.37 2.33
CA ALA D 254 1.90 -17.77 2.76
C ALA D 254 0.94 -18.67 1.98
N SER D 255 -0.26 -18.15 1.73
CA SER D 255 -1.29 -18.94 1.07
C SER D 255 -0.87 -19.22 -0.39
N GLN D 256 -0.40 -18.18 -1.08
CA GLN D 256 0.11 -18.33 -2.45
C GLN D 256 1.22 -19.38 -2.53
N LEU D 257 2.20 -19.24 -1.64
CA LEU D 257 3.32 -20.17 -1.58
C LEU D 257 2.87 -21.60 -1.27
N THR D 258 1.86 -21.75 -0.41
CA THR D 258 1.27 -23.07 -0.11
C THR D 258 0.68 -23.73 -1.36
N ASN D 259 0.01 -22.92 -2.17
CA ASN D 259 -0.55 -23.43 -3.40
C ASN D 259 0.51 -23.77 -4.44
N VAL D 260 1.63 -23.05 -4.45
CA VAL D 260 2.76 -23.44 -5.31
C VAL D 260 3.23 -24.85 -4.93
N ILE D 261 3.39 -25.07 -3.62
CA ILE D 261 3.80 -26.37 -3.11
C ILE D 261 2.76 -27.47 -3.40
N LEU D 262 1.48 -27.18 -3.19
CA LEU D 262 0.41 -28.13 -3.50
C LEU D 262 0.38 -28.56 -4.97
N HIS D 263 0.53 -27.60 -5.88
CA HIS D 263 0.61 -27.93 -7.31
C HIS D 263 1.81 -28.84 -7.61
N LEU D 264 2.97 -28.51 -7.03
CA LEU D 264 4.17 -29.32 -7.21
C LEU D 264 3.96 -30.72 -6.64
N ALA D 265 3.18 -30.81 -5.57
CA ALA D 265 2.89 -32.10 -4.97
C ALA D 265 1.99 -32.94 -5.90
N GLN D 266 1.24 -32.28 -6.79
CA GLN D 266 0.46 -33.01 -7.81
C GLN D 266 1.37 -33.60 -8.90
N GLU D 267 2.54 -33.01 -9.12
CA GLU D 267 3.45 -33.44 -10.19
C GLU D 267 4.54 -34.40 -9.69
N GLU D 268 4.84 -34.30 -8.40
CA GLU D 268 5.94 -35.07 -7.82
C GLU D 268 5.47 -35.80 -6.57
N ALA D 269 5.70 -37.11 -6.54
CA ALA D 269 5.28 -37.93 -5.42
C ALA D 269 6.35 -38.05 -4.33
N ASP D 270 7.61 -37.90 -4.73
CA ASP D 270 8.74 -38.10 -3.82
C ASP D 270 9.20 -36.81 -3.13
N TRP D 271 8.89 -36.70 -1.83
CA TRP D 271 9.33 -35.57 -1.02
C TRP D 271 10.14 -36.06 0.18
N SER D 272 10.93 -37.11 -0.03
CA SER D 272 11.89 -37.55 0.98
C SER D 272 12.91 -36.44 1.22
N PRO D 273 13.53 -36.39 2.41
CA PRO D 273 14.38 -35.27 2.84
C PRO D 273 15.47 -34.86 1.85
N ASP D 274 16.05 -35.84 1.17
CA ASP D 274 17.13 -35.58 0.22
C ASP D 274 16.62 -34.88 -1.04
N MET D 275 15.31 -34.86 -1.24
CA MET D 275 14.72 -34.26 -2.43
C MET D 275 14.47 -32.76 -2.28
N LEU D 276 14.73 -32.23 -1.08
CA LEU D 276 14.44 -30.82 -0.74
C LEU D 276 14.99 -29.83 -1.76
N ALA D 277 16.27 -29.96 -2.11
CA ALA D 277 16.89 -29.01 -3.02
C ALA D 277 16.20 -29.04 -4.38
N ASP D 278 15.95 -30.24 -4.91
CA ASP D 278 15.27 -30.40 -6.19
C ASP D 278 13.85 -29.81 -6.22
N ARG D 279 13.09 -30.07 -5.17
CA ARG D 279 11.72 -29.55 -5.04
C ARG D 279 11.73 -28.03 -4.94
N PHE D 280 12.67 -27.50 -4.14
CA PHE D 280 12.85 -26.06 -3.97
C PHE D 280 13.06 -25.35 -5.31
N LEU D 281 13.97 -25.88 -6.13
CA LEU D 281 14.23 -25.32 -7.45
C LEU D 281 12.98 -25.38 -8.33
N GLN D 282 12.23 -26.48 -8.21
CA GLN D 282 10.98 -26.63 -8.95
C GLN D 282 9.91 -25.63 -8.51
N ALA D 283 9.89 -25.33 -7.22
CA ALA D 283 8.95 -24.35 -6.69
C ALA D 283 9.27 -22.97 -7.27
N LEU D 284 10.57 -22.66 -7.37
CA LEU D 284 10.98 -21.38 -7.95
C LEU D 284 10.55 -21.28 -9.40
N ARG D 285 10.76 -22.35 -10.16
CA ARG D 285 10.35 -22.40 -11.56
C ARG D 285 8.84 -22.29 -11.72
N GLY D 286 8.12 -22.96 -10.83
CA GLY D 286 6.67 -22.95 -10.84
C GLY D 286 6.17 -21.55 -10.59
N LEU D 287 6.71 -20.95 -9.52
CA LEU D 287 6.41 -19.58 -9.12
C LEU D 287 6.63 -18.58 -10.27
N ILE D 288 7.79 -18.68 -10.92
CA ILE D 288 8.09 -17.85 -12.08
C ILE D 288 7.05 -18.05 -13.18
N SER D 289 6.70 -19.31 -13.48
CA SER D 289 5.69 -19.58 -14.50
C SER D 289 4.29 -19.02 -14.18
N TYR D 290 3.84 -19.13 -12.92
CA TYR D 290 2.55 -18.60 -12.54
C TYR D 290 2.55 -17.08 -12.71
N LEU D 291 3.66 -16.48 -12.32
CA LEU D 291 3.81 -15.04 -12.40
C LEU D 291 3.77 -14.53 -13.85
N GLU D 292 4.42 -15.23 -14.79
CA GLU D 292 4.37 -14.82 -16.20
C GLU D 292 2.95 -14.91 -16.75
N ALA D 293 2.20 -15.92 -16.29
CA ALA D 293 0.81 -16.07 -16.70
C ALA D 293 -0.11 -15.09 -15.96
N GLY D 294 0.38 -14.56 -14.84
CA GLY D 294 -0.42 -13.67 -14.01
C GLY D 294 -1.51 -14.42 -13.26
N VAL D 295 -1.42 -15.75 -13.30
CA VAL D 295 -2.45 -16.62 -12.72
C VAL D 295 -1.82 -17.74 -11.89
N LEU D 296 -2.21 -17.81 -10.61
CA LEU D 296 -1.90 -18.96 -9.76
C LEU D 296 -3.22 -19.55 -9.28
N PRO D 297 -3.69 -20.61 -9.94
CA PRO D 297 -4.95 -21.18 -9.48
C PRO D 297 -4.82 -21.81 -8.11
N SER D 298 -5.88 -21.67 -7.33
CA SER D 298 -6.00 -22.36 -6.06
C SER D 298 -5.99 -23.85 -6.37
N ALA D 299 -5.15 -24.62 -5.67
CA ALA D 299 -5.13 -26.07 -5.85
C ALA D 299 -6.49 -26.69 -5.48
N LEU D 300 -7.19 -26.07 -4.53
CA LEU D 300 -8.47 -26.61 -4.06
C LEU D 300 -9.67 -26.04 -4.81
N ASN D 301 -9.52 -24.88 -5.42
CA ASN D 301 -10.62 -24.27 -6.18
C ASN D 301 -10.04 -23.60 -7.43
N PRO D 302 -9.76 -24.40 -8.48
CA PRO D 302 -9.02 -23.95 -9.65
C PRO D 302 -9.62 -22.75 -10.38
N LYS D 303 -10.89 -22.42 -10.14
CA LYS D 303 -11.47 -21.21 -10.71
C LYS D 303 -10.92 -19.95 -10.08
N VAL D 304 -10.30 -20.09 -8.91
CA VAL D 304 -9.87 -18.93 -8.13
C VAL D 304 -8.40 -18.61 -8.45
N ASN D 305 -8.14 -17.38 -8.90
CA ASN D 305 -6.77 -16.94 -9.14
C ASN D 305 -6.17 -16.25 -7.90
N LEU D 306 -5.19 -16.89 -7.26
CA LEU D 306 -4.63 -16.32 -6.03
C LEU D 306 -3.76 -15.10 -6.30
N PHE D 307 -3.45 -14.85 -7.57
CA PHE D 307 -2.74 -13.64 -7.95
C PHE D 307 -3.71 -12.48 -8.33
N ALA D 308 -5.02 -12.72 -8.24
CA ALA D 308 -6.00 -11.72 -8.68
C ALA D 308 -5.95 -10.39 -7.93
N GLU D 309 -5.40 -10.41 -6.72
CA GLU D 309 -5.33 -9.18 -5.93
C GLU D 309 -3.98 -8.47 -6.04
N LEU D 310 -3.03 -9.08 -6.77
CA LEU D 310 -1.76 -8.41 -7.04
C LEU D 310 -1.89 -7.49 -8.25
N THR D 311 -1.25 -6.32 -8.17
CA THR D 311 -1.20 -5.41 -9.30
C THR D 311 -0.20 -5.94 -10.33
N PRO D 312 -0.37 -5.55 -11.61
CA PRO D 312 0.62 -5.93 -12.64
C PRO D 312 2.02 -5.49 -12.26
N GLN D 313 2.12 -4.35 -11.58
CA GLN D 313 3.41 -3.81 -11.14
C GLN D 313 4.07 -4.73 -10.14
N GLU D 314 3.28 -5.19 -9.15
CA GLU D 314 3.77 -6.12 -8.13
C GLU D 314 4.17 -7.44 -8.76
N ILE D 315 3.35 -7.91 -9.69
CA ILE D 315 3.60 -9.17 -10.37
C ILE D 315 4.89 -9.07 -11.18
N ASP D 316 5.07 -7.96 -11.88
CA ASP D 316 6.30 -7.71 -12.62
C ASP D 316 7.53 -7.70 -11.69
N GLU D 317 7.42 -7.02 -10.55
CA GLU D 317 8.55 -6.93 -9.63
C GLU D 317 8.92 -8.31 -9.07
N LEU D 318 7.92 -9.12 -8.75
CA LEU D 318 8.18 -10.47 -8.27
C LEU D 318 8.91 -11.33 -9.31
N GLY D 319 8.41 -11.34 -10.56
CA GLY D 319 9.04 -12.08 -11.64
C GLY D 319 10.46 -11.65 -11.93
N TYR D 320 10.68 -10.35 -12.05
CA TYR D 320 12.02 -9.83 -12.30
C TYR D 320 12.97 -10.27 -11.20
N THR D 321 12.53 -10.14 -9.94
CA THR D 321 13.39 -10.48 -8.81
C THR D 321 13.77 -11.95 -8.83
N LEU D 322 12.78 -12.81 -9.04
CA LEU D 322 13.04 -14.24 -9.12
C LEU D 322 13.89 -14.63 -10.32
N TYR D 323 13.65 -14.01 -11.46
CA TYR D 323 14.49 -14.23 -12.65
C TYR D 323 15.95 -13.85 -12.39
N CYS D 324 16.17 -12.76 -11.66
CA CYS D 324 17.51 -12.35 -11.28
C CYS D 324 18.20 -13.38 -10.37
N SER D 325 17.41 -14.08 -9.57
CA SER D 325 17.97 -15.10 -8.66
C SER D 325 18.11 -16.45 -9.34
N LEU D 326 17.46 -16.61 -10.49
CA LEU D 326 17.32 -17.94 -11.07
C LEU D 326 18.64 -18.65 -11.35
N SER D 327 19.68 -17.94 -11.77
CA SER D 327 20.92 -18.63 -12.14
C SER D 327 21.83 -18.87 -10.94
N GLU D 328 21.57 -18.16 -9.85
CA GLU D 328 22.29 -18.32 -8.59
C GLU D 328 21.33 -18.33 -7.39
N PRO D 329 20.46 -19.34 -7.29
CA PRO D 329 19.35 -19.33 -6.33
C PRO D 329 19.81 -19.22 -4.86
N GLU D 330 21.06 -19.57 -4.55
CA GLU D 330 21.55 -19.48 -3.18
C GLU D 330 21.57 -18.03 -2.68
N VAL D 331 21.51 -17.07 -3.61
CA VAL D 331 21.52 -15.65 -3.23
C VAL D 331 20.25 -15.33 -2.42
N LEU D 332 19.17 -16.03 -2.73
CA LEU D 332 17.91 -15.89 -1.98
C LEU D 332 18.04 -16.20 -0.50
N LEU D 333 19.08 -16.95 -0.12
CA LEU D 333 19.20 -17.42 1.27
C LEU D 333 20.11 -16.51 2.08
N GLN D 334 20.41 -15.35 1.51
CA GLN D 334 21.26 -14.34 2.13
C GLN D 334 20.51 -13.36 3.01
N THR D 335 19.45 -12.79 2.46
CA THR D 335 18.95 -11.47 2.86
C THR D 335 17.90 -11.50 3.98
S SO4 E . 9.40 12.93 -1.11
O1 SO4 E . 10.41 13.09 -0.05
O2 SO4 E . 9.92 12.04 -2.15
O3 SO4 E . 8.21 12.35 -0.51
O4 SO4 E . 9.06 14.24 -1.69
S SO4 F . -11.19 -24.74 20.41
O1 SO4 F . -9.98 -23.97 20.67
O2 SO4 F . -12.37 -23.88 20.52
O3 SO4 F . -11.13 -25.32 19.06
O4 SO4 F . -11.29 -25.81 21.41
S SO4 G . -23.92 -29.39 44.46
O1 SO4 G . -25.03 -29.99 45.21
O2 SO4 G . -24.40 -28.13 43.87
O3 SO4 G . -22.79 -29.13 45.35
O4 SO4 G . -23.53 -30.27 43.37
S SO4 H . 17.12 22.40 -16.73
O1 SO4 H . 16.34 23.24 -15.84
O2 SO4 H . 16.35 22.16 -17.95
O3 SO4 H . 18.40 23.02 -17.08
O4 SO4 H . 17.37 21.12 -16.08
S SO4 I . 33.58 26.38 -38.34
O1 SO4 I . 33.12 27.26 -37.26
O2 SO4 I . 32.52 25.47 -38.76
O3 SO4 I . 34.00 27.19 -39.48
O4 SO4 I . 34.68 25.57 -37.79
S SO4 J . 1.77 -16.26 7.98
O1 SO4 J . 2.81 -17.24 8.29
O2 SO4 J . 2.21 -15.39 6.89
O3 SO4 J . 0.53 -16.96 7.60
O4 SO4 J . 1.57 -15.45 9.19
#